data_1YWX
#
_entry.id   1YWX
#
_cell.length_a   1.000
_cell.length_b   1.000
_cell.length_c   1.000
_cell.angle_alpha   90.00
_cell.angle_beta   90.00
_cell.angle_gamma   90.00
#
_symmetry.space_group_name_H-M   'P 1'
#
_entity_poly.entity_id   1
_entity_poly.type   'polypeptide(L)'
_entity_poly.pdbx_seq_one_letter_code
;MDISIISDRNNPLLQRREIKFTVSFDAATPSIKDVKMKLVAVLNANKQVLVVDTLDQIFGKLEAEGYAKIYNDEKAMATI
ETKSVLEKNKIEEEAEAEVAEE
;
_entity_poly.pdbx_strand_id   A
#
# COMPACT_ATOMS: atom_id res chain seq x y z
N MET A 1 6.42 -10.46 -9.42
CA MET A 1 4.99 -10.51 -9.65
C MET A 1 4.60 -9.68 -10.87
N ASP A 2 3.36 -9.87 -11.31
CA ASP A 2 2.86 -9.15 -12.46
C ASP A 2 1.77 -8.18 -12.01
N ILE A 3 2.15 -6.92 -11.91
CA ILE A 3 1.22 -5.88 -11.49
C ILE A 3 0.88 -5.00 -12.68
N SER A 4 -0.36 -4.51 -12.69
CA SER A 4 -0.82 -3.66 -13.77
C SER A 4 -1.55 -2.44 -13.19
N ILE A 5 -1.12 -1.27 -13.63
CA ILE A 5 -1.72 -0.03 -13.17
C ILE A 5 -3.01 0.23 -13.94
N ILE A 6 -4.06 0.55 -13.19
CA ILE A 6 -5.36 0.81 -13.80
C ILE A 6 -5.52 2.32 -14.00
N SER A 7 -5.43 3.05 -12.90
CA SER A 7 -5.56 4.49 -12.96
C SER A 7 -4.56 5.15 -12.00
N ASP A 8 -4.33 6.44 -12.21
CA ASP A 8 -3.42 7.18 -11.37
C ASP A 8 -4.06 8.51 -10.97
N ARG A 9 -4.71 8.49 -9.82
CA ARG A 9 -5.37 9.68 -9.32
C ARG A 9 -4.49 10.37 -8.26
N ASN A 10 -4.58 11.69 -8.24
CA ASN A 10 -3.81 12.47 -7.28
C ASN A 10 -4.76 13.28 -6.41
N ASN A 11 -4.60 13.11 -5.10
CA ASN A 11 -5.43 13.83 -4.14
C ASN A 11 -4.56 14.75 -3.31
N PRO A 12 -4.44 16.02 -3.79
CA PRO A 12 -3.63 17.02 -3.10
C PRO A 12 -4.36 17.53 -1.86
N LEU A 13 -5.68 17.62 -1.97
CA LEU A 13 -6.50 18.10 -0.88
C LEU A 13 -6.02 17.45 0.43
N LEU A 14 -6.14 16.13 0.48
CA LEU A 14 -5.74 15.38 1.65
C LEU A 14 -4.28 14.93 1.49
N GLN A 15 -3.56 15.68 0.66
CA GLN A 15 -2.16 15.36 0.40
C GLN A 15 -1.98 13.85 0.28
N ARG A 16 -2.95 13.20 -0.33
CA ARG A 16 -2.90 11.77 -0.52
C ARG A 16 -2.79 11.42 -2.01
N ARG A 17 -2.53 10.15 -2.27
CA ARG A 17 -2.39 9.69 -3.64
C ARG A 17 -3.29 8.46 -3.88
N GLU A 18 -4.15 8.59 -4.88
CA GLU A 18 -5.06 7.51 -5.22
C GLU A 18 -4.60 6.81 -6.51
N ILE A 19 -3.95 5.67 -6.33
CA ILE A 19 -3.46 4.91 -7.46
C ILE A 19 -4.01 3.48 -7.38
N LYS A 20 -4.84 3.14 -8.36
CA LYS A 20 -5.42 1.81 -8.41
C LYS A 20 -4.63 0.93 -9.37
N PHE A 21 -4.52 -0.34 -9.02
CA PHE A 21 -3.80 -1.28 -9.84
C PHE A 21 -4.20 -2.72 -9.52
N THR A 22 -3.58 -3.66 -10.23
CA THR A 22 -3.87 -5.06 -10.03
C THR A 22 -2.57 -5.84 -9.79
N VAL A 23 -2.70 -6.92 -9.02
CA VAL A 23 -1.55 -7.75 -8.70
C VAL A 23 -1.94 -9.22 -8.87
N SER A 24 -1.10 -9.93 -9.60
CA SER A 24 -1.33 -11.35 -9.85
C SER A 24 -0.06 -12.14 -9.57
N PHE A 25 -0.26 -13.35 -9.06
CA PHE A 25 0.86 -14.23 -8.75
C PHE A 25 0.43 -15.70 -8.79
N ASP A 26 1.43 -16.56 -8.96
CA ASP A 26 1.17 -17.99 -9.02
C ASP A 26 1.21 -18.56 -7.61
N ALA A 27 0.11 -18.37 -6.89
CA ALA A 27 0.00 -18.86 -5.53
C ALA A 27 0.82 -17.96 -4.60
N ALA A 28 2.10 -17.85 -4.91
CA ALA A 28 3.00 -17.03 -4.12
C ALA A 28 2.25 -15.76 -3.67
N THR A 29 2.03 -15.69 -2.37
CA THR A 29 1.32 -14.54 -1.80
C THR A 29 2.28 -13.73 -0.91
N PRO A 30 2.69 -12.56 -1.44
CA PRO A 30 3.59 -11.68 -0.71
C PRO A 30 2.86 -10.95 0.42
N SER A 31 3.48 -9.89 0.89
CA SER A 31 2.90 -9.10 1.97
C SER A 31 2.66 -7.66 1.50
N ILE A 32 2.35 -6.80 2.45
CA ILE A 32 2.09 -5.40 2.15
C ILE A 32 3.40 -4.72 1.79
N LYS A 33 4.35 -4.79 2.71
CA LYS A 33 5.65 -4.18 2.51
C LYS A 33 6.33 -4.83 1.30
N ASP A 34 6.19 -6.14 1.22
CA ASP A 34 6.79 -6.89 0.12
C ASP A 34 6.25 -6.35 -1.20
N VAL A 35 4.93 -6.25 -1.27
CA VAL A 35 4.29 -5.75 -2.48
C VAL A 35 4.71 -4.29 -2.71
N LYS A 36 4.97 -3.60 -1.61
CA LYS A 36 5.37 -2.21 -1.68
C LYS A 36 6.69 -2.11 -2.45
N MET A 37 7.53 -3.12 -2.25
CA MET A 37 8.82 -3.16 -2.91
C MET A 37 8.68 -2.94 -4.42
N LYS A 38 7.96 -3.84 -5.05
CA LYS A 38 7.73 -3.76 -6.49
C LYS A 38 6.88 -2.53 -6.79
N LEU A 39 5.81 -2.37 -6.03
CA LEU A 39 4.91 -1.26 -6.20
C LEU A 39 5.71 0.05 -6.19
N VAL A 40 6.76 0.05 -5.37
CA VAL A 40 7.62 1.21 -5.27
C VAL A 40 8.33 1.45 -6.60
N ALA A 41 8.79 0.36 -7.20
CA ALA A 41 9.48 0.43 -8.47
C ALA A 41 8.47 0.72 -9.58
N VAL A 42 7.23 0.30 -9.34
CA VAL A 42 6.17 0.50 -10.31
C VAL A 42 5.69 1.95 -10.25
N LEU A 43 5.39 2.39 -9.03
CA LEU A 43 4.93 3.75 -8.81
C LEU A 43 6.11 4.71 -8.96
N ASN A 44 7.27 4.25 -8.50
CA ASN A 44 8.46 5.06 -8.57
C ASN A 44 8.31 6.28 -7.67
N ALA A 45 8.14 6.01 -6.38
CA ALA A 45 7.97 7.08 -5.41
C ALA A 45 8.65 6.67 -4.09
N ASN A 46 8.53 7.54 -3.10
CA ASN A 46 9.12 7.29 -1.80
C ASN A 46 8.46 6.06 -1.17
N LYS A 47 9.27 5.03 -0.97
CA LYS A 47 8.77 3.81 -0.38
C LYS A 47 8.56 4.01 1.12
N GLN A 48 9.38 4.89 1.68
CA GLN A 48 9.29 5.19 3.10
C GLN A 48 7.85 5.54 3.49
N VAL A 49 7.33 6.55 2.83
CA VAL A 49 5.96 6.99 3.10
C VAL A 49 5.02 6.38 2.07
N LEU A 50 5.11 5.06 1.95
CA LEU A 50 4.27 4.33 1.01
C LEU A 50 3.68 3.10 1.69
N VAL A 51 2.40 2.90 1.48
CA VAL A 51 1.71 1.77 2.07
C VAL A 51 0.51 1.38 1.19
N VAL A 52 -0.15 0.30 1.58
CA VAL A 52 -1.29 -0.18 0.84
C VAL A 52 -2.56 0.08 1.65
N ASP A 53 -3.69 0.16 0.95
CA ASP A 53 -4.97 0.39 1.60
C ASP A 53 -5.69 -0.95 1.78
N THR A 54 -5.89 -1.63 0.67
CA THR A 54 -6.57 -2.92 0.69
C THR A 54 -6.42 -3.63 -0.66
N LEU A 55 -6.78 -4.90 -0.67
CA LEU A 55 -6.68 -5.70 -1.88
C LEU A 55 -7.73 -6.81 -1.84
N ASP A 56 -7.87 -7.49 -2.96
CA ASP A 56 -8.84 -8.57 -3.07
C ASP A 56 -8.36 -9.57 -4.12
N GLN A 57 -8.34 -10.84 -3.73
CA GLN A 57 -7.91 -11.89 -4.63
C GLN A 57 -9.05 -12.28 -5.56
N ILE A 58 -8.67 -12.68 -6.77
CA ILE A 58 -9.65 -13.08 -7.77
C ILE A 58 -9.83 -14.60 -7.72
N PHE A 59 -11.07 -15.03 -7.87
CA PHE A 59 -11.38 -16.45 -7.85
C PHE A 59 -11.26 -17.06 -9.24
N GLY A 60 -11.72 -16.30 -10.24
CA GLY A 60 -11.67 -16.75 -11.61
C GLY A 60 -10.29 -17.32 -11.95
N LYS A 61 -9.29 -16.45 -11.90
CA LYS A 61 -7.93 -16.85 -12.19
C LYS A 61 -7.05 -16.58 -10.97
N LEU A 62 -5.76 -16.41 -11.24
CA LEU A 62 -4.80 -16.14 -10.18
C LEU A 62 -4.45 -14.65 -10.18
N GLU A 63 -5.49 -13.82 -10.12
CA GLU A 63 -5.30 -12.38 -10.11
C GLU A 63 -5.86 -11.78 -8.83
N ALA A 64 -5.38 -10.59 -8.50
CA ALA A 64 -5.82 -9.90 -7.30
C ALA A 64 -5.81 -8.40 -7.55
N GLU A 65 -6.95 -7.78 -7.31
CA GLU A 65 -7.09 -6.34 -7.50
C GLU A 65 -7.07 -5.62 -6.14
N GLY A 66 -6.43 -4.46 -6.13
CA GLY A 66 -6.33 -3.67 -4.93
C GLY A 66 -5.99 -2.21 -5.24
N TYR A 67 -6.04 -1.38 -4.22
CA TYR A 67 -5.74 0.03 -4.38
C TYR A 67 -4.63 0.47 -3.41
N ALA A 68 -3.72 1.28 -3.93
CA ALA A 68 -2.61 1.77 -3.13
C ALA A 68 -2.89 3.23 -2.74
N LYS A 69 -2.16 3.67 -1.71
CA LYS A 69 -2.32 5.03 -1.22
C LYS A 69 -0.95 5.59 -0.86
N ILE A 70 -0.81 6.91 -1.00
CA ILE A 70 0.43 7.58 -0.67
C ILE A 70 0.13 8.96 -0.09
N TYR A 71 0.93 9.33 0.89
CA TYR A 71 0.76 10.62 1.54
C TYR A 71 2.00 11.49 1.36
N ASN A 72 1.97 12.65 2.01
CA ASN A 72 3.09 13.58 1.93
C ASN A 72 3.87 13.54 3.25
N ASP A 73 3.16 13.80 4.33
CA ASP A 73 3.77 13.79 5.65
C ASP A 73 2.89 12.99 6.61
N GLU A 74 3.55 12.10 7.34
CA GLU A 74 2.85 11.26 8.30
C GLU A 74 2.22 12.12 9.40
N LYS A 75 2.74 13.33 9.52
CA LYS A 75 2.24 14.25 10.53
C LYS A 75 0.74 14.48 10.31
N ALA A 76 0.40 14.79 9.07
CA ALA A 76 -1.00 15.03 8.71
C ALA A 76 -1.75 13.71 8.73
N MET A 77 -1.21 12.74 8.00
CA MET A 77 -1.83 11.43 7.92
C MET A 77 -2.12 10.86 9.31
N ALA A 78 -1.12 10.98 10.18
CA ALA A 78 -1.25 10.50 11.54
C ALA A 78 -2.50 11.11 12.18
N THR A 79 -2.84 12.30 11.71
CA THR A 79 -4.02 13.00 12.21
C THR A 79 -5.24 12.68 11.37
N ILE A 80 -5.16 13.06 10.09
CA ILE A 80 -6.25 12.82 9.17
C ILE A 80 -6.67 11.36 9.25
N GLU A 81 -5.89 10.51 8.60
CA GLU A 81 -6.18 9.09 8.59
C GLU A 81 -6.51 8.60 10.01
N THR A 82 -6.95 7.36 10.09
CA THR A 82 -7.31 6.77 11.37
C THR A 82 -6.43 5.56 11.65
N LYS A 83 -6.50 5.10 12.90
CA LYS A 83 -5.72 3.95 13.31
C LYS A 83 -5.95 2.79 12.34
N SER A 84 -7.07 2.87 11.64
CA SER A 84 -7.41 1.84 10.66
C SER A 84 -6.41 1.86 9.50
N VAL A 85 -6.17 3.06 9.00
CA VAL A 85 -5.24 3.23 7.89
C VAL A 85 -3.82 2.98 8.38
N LEU A 86 -3.53 3.51 9.56
CA LEU A 86 -2.21 3.37 10.14
C LEU A 86 -2.04 1.92 10.62
N GLU A 87 -3.17 1.26 10.83
CA GLU A 87 -3.15 -0.12 11.28
C GLU A 87 -2.42 -1.01 10.27
N LYS A 88 -2.85 -0.89 9.01
CA LYS A 88 -2.25 -1.67 7.95
C LYS A 88 -0.72 -1.56 8.03
N ASN A 89 -0.25 -0.34 7.83
CA ASN A 89 1.18 -0.08 7.89
C ASN A 89 1.80 -0.87 9.04
N LYS A 90 2.55 -1.90 8.68
CA LYS A 90 3.20 -2.74 9.67
C LYS A 90 4.20 -1.89 10.47
N ILE A 91 4.60 -2.43 11.61
CA ILE A 91 5.55 -1.74 12.48
C ILE A 91 6.82 -1.47 11.69
N GLU A 92 7.68 -2.48 11.63
CA GLU A 92 8.94 -2.36 10.93
C GLU A 92 9.02 -3.39 9.80
N GLU A 93 10.00 -3.20 8.94
CA GLU A 93 10.20 -4.10 7.81
C GLU A 93 11.47 -4.93 8.01
N GLU A 94 11.72 -5.78 7.02
CA GLU A 94 12.91 -6.64 7.08
C GLU A 94 14.11 -5.92 6.47
N ALA A 95 15.07 -6.73 6.04
CA ALA A 95 16.29 -6.18 5.44
C ALA A 95 17.36 -7.26 5.41
N GLU A 96 17.33 -8.07 4.36
CA GLU A 96 18.29 -9.13 4.19
C GLU A 96 19.69 -8.66 4.62
N ALA A 97 20.21 -7.71 3.86
CA ALA A 97 21.53 -7.16 4.15
C ALA A 97 21.72 -5.87 3.35
N GLU A 98 22.70 -5.10 3.77
CA GLU A 98 23.01 -3.84 3.10
C GLU A 98 23.05 -4.04 1.59
N VAL A 99 23.79 -5.06 1.18
CA VAL A 99 23.92 -5.37 -0.23
C VAL A 99 22.65 -6.09 -0.71
N ALA A 100 22.20 -5.69 -1.89
CA ALA A 100 21.01 -6.28 -2.47
C ALA A 100 20.93 -5.91 -3.95
N GLU A 101 20.02 -6.57 -4.65
CA GLU A 101 19.83 -6.33 -6.07
C GLU A 101 21.14 -6.57 -6.82
N GLU A 102 21.01 -6.70 -8.14
CA GLU A 102 22.18 -6.93 -8.98
C GLU A 102 23.31 -5.98 -8.60
N MET A 1 6.57 -10.47 -9.25
CA MET A 1 5.18 -10.62 -9.66
C MET A 1 4.84 -9.67 -10.80
N ASP A 2 3.66 -9.88 -11.37
CA ASP A 2 3.19 -9.05 -12.47
C ASP A 2 2.04 -8.16 -11.97
N ILE A 3 2.32 -6.87 -11.89
CA ILE A 3 1.31 -5.91 -11.44
C ILE A 3 0.91 -5.02 -12.61
N SER A 4 -0.37 -4.68 -12.64
CA SER A 4 -0.89 -3.83 -13.69
C SER A 4 -1.63 -2.64 -13.09
N ILE A 5 -1.23 -1.45 -13.53
CA ILE A 5 -1.84 -0.22 -13.04
C ILE A 5 -3.17 0.00 -13.76
N ILE A 6 -4.19 0.30 -12.97
CA ILE A 6 -5.52 0.53 -13.51
C ILE A 6 -5.69 2.03 -13.80
N SER A 7 -5.53 2.82 -12.75
CA SER A 7 -5.66 4.27 -12.89
C SER A 7 -4.64 4.96 -12.00
N ASP A 8 -4.43 6.25 -12.28
CA ASP A 8 -3.48 7.03 -11.52
C ASP A 8 -4.11 8.38 -11.17
N ARG A 9 -4.67 8.44 -9.97
CA ARG A 9 -5.31 9.65 -9.49
C ARG A 9 -4.41 10.36 -8.48
N ASN A 10 -4.65 11.65 -8.34
CA ASN A 10 -3.88 12.46 -7.40
C ASN A 10 -4.82 13.29 -6.54
N ASN A 11 -4.54 13.29 -5.24
CA ASN A 11 -5.36 14.04 -4.31
C ASN A 11 -4.49 15.04 -3.55
N PRO A 12 -4.40 16.27 -4.12
CA PRO A 12 -3.61 17.32 -3.51
C PRO A 12 -4.30 17.89 -2.28
N LEU A 13 -5.62 17.99 -2.38
CA LEU A 13 -6.41 18.53 -1.28
C LEU A 13 -5.93 17.91 0.03
N LEU A 14 -6.07 16.59 0.12
CA LEU A 14 -5.67 15.86 1.31
C LEU A 14 -4.23 15.39 1.14
N GLN A 15 -3.50 16.09 0.28
CA GLN A 15 -2.11 15.74 0.02
C GLN A 15 -1.94 14.22 0.00
N ARG A 16 -2.96 13.54 -0.53
CA ARG A 16 -2.94 12.10 -0.61
C ARG A 16 -2.80 11.66 -2.07
N ARG A 17 -2.72 10.35 -2.25
CA ARG A 17 -2.58 9.78 -3.59
C ARG A 17 -3.44 8.52 -3.71
N GLU A 18 -4.25 8.50 -4.77
CA GLU A 18 -5.12 7.37 -5.02
C GLU A 18 -4.74 6.68 -6.33
N ILE A 19 -4.05 5.56 -6.20
CA ILE A 19 -3.63 4.81 -7.37
C ILE A 19 -4.15 3.37 -7.26
N LYS A 20 -4.81 2.93 -8.33
CA LYS A 20 -5.37 1.59 -8.37
C LYS A 20 -4.51 0.72 -9.30
N PHE A 21 -4.41 -0.55 -8.94
CA PHE A 21 -3.63 -1.49 -9.72
C PHE A 21 -4.04 -2.93 -9.41
N THR A 22 -3.38 -3.86 -10.09
CA THR A 22 -3.66 -5.27 -9.89
C THR A 22 -2.35 -6.06 -9.74
N VAL A 23 -2.47 -7.25 -9.17
CA VAL A 23 -1.32 -8.10 -8.96
C VAL A 23 -1.65 -9.51 -9.43
N SER A 24 -0.76 -10.06 -10.26
CA SER A 24 -0.95 -11.40 -10.78
C SER A 24 0.11 -12.34 -10.18
N PHE A 25 -0.34 -13.56 -9.89
CA PHE A 25 0.55 -14.56 -9.32
C PHE A 25 -0.19 -15.90 -9.14
N ASP A 26 0.60 -16.96 -9.18
CA ASP A 26 0.04 -18.30 -9.04
C ASP A 26 0.88 -19.07 -8.01
N ALA A 27 0.42 -19.02 -6.77
CA ALA A 27 1.11 -19.71 -5.69
C ALA A 27 0.65 -19.15 -4.35
N ALA A 28 1.12 -17.93 -4.06
CA ALA A 28 0.75 -17.28 -2.81
C ALA A 28 1.09 -15.79 -2.91
N THR A 29 0.21 -14.97 -2.35
CA THR A 29 0.41 -13.53 -2.37
C THR A 29 1.43 -13.11 -1.32
N PRO A 30 2.25 -12.09 -1.68
CA PRO A 30 3.27 -11.59 -0.79
C PRO A 30 2.66 -10.75 0.33
N SER A 31 3.52 -9.96 0.96
CA SER A 31 3.07 -9.10 2.06
C SER A 31 2.89 -7.66 1.55
N ILE A 32 2.59 -6.78 2.48
CA ILE A 32 2.38 -5.38 2.15
C ILE A 32 3.74 -4.75 1.80
N LYS A 33 4.67 -4.84 2.75
CA LYS A 33 5.99 -4.29 2.56
C LYS A 33 6.66 -4.98 1.37
N ASP A 34 6.52 -6.29 1.34
CA ASP A 34 7.11 -7.08 0.27
C ASP A 34 6.56 -6.60 -1.08
N VAL A 35 5.31 -6.16 -1.04
CA VAL A 35 4.65 -5.68 -2.24
C VAL A 35 5.13 -4.25 -2.54
N LYS A 36 5.15 -3.44 -1.49
CA LYS A 36 5.58 -2.07 -1.63
C LYS A 36 6.92 -2.02 -2.38
N MET A 37 7.68 -3.09 -2.23
CA MET A 37 8.97 -3.19 -2.90
C MET A 37 8.84 -2.92 -4.40
N LYS A 38 7.99 -3.71 -5.04
CA LYS A 38 7.76 -3.57 -6.46
C LYS A 38 6.89 -2.33 -6.72
N LEU A 39 5.81 -2.25 -5.96
CA LEU A 39 4.89 -1.12 -6.09
C LEU A 39 5.68 0.18 -6.02
N VAL A 40 6.74 0.17 -5.22
CA VAL A 40 7.59 1.34 -5.05
C VAL A 40 8.23 1.68 -6.39
N ALA A 41 8.73 0.66 -7.06
CA ALA A 41 9.37 0.84 -8.35
C ALA A 41 8.31 1.12 -9.41
N VAL A 42 7.13 0.55 -9.18
CA VAL A 42 6.02 0.73 -10.11
C VAL A 42 5.48 2.15 -9.99
N LEU A 43 5.17 2.53 -8.75
CA LEU A 43 4.64 3.86 -8.49
C LEU A 43 5.77 4.88 -8.61
N ASN A 44 6.99 4.41 -8.35
CA ASN A 44 8.16 5.27 -8.42
C ASN A 44 7.92 6.52 -7.56
N ALA A 45 7.67 6.27 -6.28
CA ALA A 45 7.42 7.37 -5.35
C ALA A 45 8.23 7.12 -4.07
N ASN A 46 7.98 7.98 -3.09
CA ASN A 46 8.68 7.87 -1.82
C ASN A 46 8.27 6.57 -1.12
N LYS A 47 9.16 5.60 -1.20
CA LYS A 47 8.91 4.30 -0.58
C LYS A 47 8.82 4.46 0.94
N GLN A 48 9.46 5.52 1.42
CA GLN A 48 9.46 5.81 2.85
C GLN A 48 8.03 6.04 3.35
N VAL A 49 7.30 6.87 2.60
CA VAL A 49 5.93 7.18 2.95
C VAL A 49 4.99 6.54 1.92
N LEU A 50 5.11 5.22 1.80
CA LEU A 50 4.28 4.49 0.86
C LEU A 50 3.76 3.22 1.54
N VAL A 51 2.48 2.96 1.35
CA VAL A 51 1.85 1.79 1.93
C VAL A 51 0.65 1.38 1.07
N VAL A 52 0.08 0.23 1.42
CA VAL A 52 -1.06 -0.29 0.69
C VAL A 52 -2.32 -0.12 1.55
N ASP A 53 -3.45 0.03 0.86
CA ASP A 53 -4.72 0.19 1.54
C ASP A 53 -5.33 -1.18 1.81
N THR A 54 -5.52 -1.93 0.73
CA THR A 54 -6.10 -3.26 0.83
C THR A 54 -5.98 -4.00 -0.50
N LEU A 55 -6.10 -5.32 -0.43
CA LEU A 55 -6.01 -6.15 -1.63
C LEU A 55 -7.13 -7.19 -1.60
N ASP A 56 -7.26 -7.89 -2.72
CA ASP A 56 -8.28 -8.92 -2.83
C ASP A 56 -7.92 -9.86 -3.99
N GLN A 57 -7.98 -11.15 -3.70
CA GLN A 57 -7.67 -12.15 -4.70
C GLN A 57 -8.83 -12.30 -5.68
N ILE A 58 -8.48 -12.47 -6.95
CA ILE A 58 -9.48 -12.62 -8.00
C ILE A 58 -9.85 -14.10 -8.12
N PHE A 59 -11.16 -14.35 -8.16
CA PHE A 59 -11.65 -15.71 -8.28
C PHE A 59 -11.54 -16.20 -9.72
N GLY A 60 -11.99 -15.35 -10.64
CA GLY A 60 -11.95 -15.69 -12.05
C GLY A 60 -10.67 -16.48 -12.39
N LYS A 61 -9.54 -15.92 -11.97
CA LYS A 61 -8.25 -16.55 -12.23
C LYS A 61 -7.38 -16.41 -10.99
N LEU A 62 -6.08 -16.41 -11.22
CA LEU A 62 -5.12 -16.28 -10.13
C LEU A 62 -4.66 -14.83 -10.02
N GLU A 63 -5.61 -13.92 -10.20
CA GLU A 63 -5.31 -12.50 -10.13
C GLU A 63 -5.62 -11.98 -8.73
N ALA A 64 -5.24 -10.72 -8.51
CA ALA A 64 -5.48 -10.08 -7.22
C ALA A 64 -5.46 -8.56 -7.41
N GLU A 65 -6.57 -7.94 -7.05
CA GLU A 65 -6.69 -6.50 -7.17
C GLU A 65 -6.50 -5.84 -5.79
N GLY A 66 -5.85 -4.68 -5.82
CA GLY A 66 -5.61 -3.94 -4.59
C GLY A 66 -5.41 -2.45 -4.87
N TYR A 67 -5.56 -1.65 -3.83
CA TYR A 67 -5.40 -0.22 -3.96
C TYR A 67 -4.21 0.28 -3.13
N ALA A 68 -3.38 1.10 -3.77
CA ALA A 68 -2.21 1.64 -3.11
C ALA A 68 -2.47 3.11 -2.75
N LYS A 69 -2.22 3.43 -1.49
CA LYS A 69 -2.42 4.78 -1.01
C LYS A 69 -1.08 5.38 -0.58
N ILE A 70 -0.91 6.66 -0.86
CA ILE A 70 0.31 7.35 -0.50
C ILE A 70 -0.03 8.71 0.12
N TYR A 71 0.67 9.02 1.20
CA TYR A 71 0.44 10.28 1.90
C TYR A 71 1.67 11.18 1.79
N ASN A 72 1.47 12.45 2.16
CA ASN A 72 2.55 13.42 2.11
C ASN A 72 3.53 13.14 3.25
N ASP A 73 2.98 13.11 4.46
CA ASP A 73 3.80 12.86 5.63
C ASP A 73 2.93 12.24 6.73
N GLU A 74 3.57 11.43 7.57
CA GLU A 74 2.86 10.78 8.66
C GLU A 74 2.20 11.82 9.56
N LYS A 75 2.70 13.05 9.48
CA LYS A 75 2.15 14.13 10.27
C LYS A 75 0.68 14.33 9.92
N ALA A 76 0.43 14.45 8.63
CA ALA A 76 -0.93 14.64 8.15
C ALA A 76 -1.71 13.33 8.26
N MET A 77 -1.12 12.28 7.68
CA MET A 77 -1.73 10.96 7.71
C MET A 77 -2.15 10.58 9.13
N ALA A 78 -1.20 10.71 10.04
CA ALA A 78 -1.44 10.38 11.43
C ALA A 78 -2.75 11.03 11.89
N THR A 79 -3.07 12.15 11.25
CA THR A 79 -4.28 12.89 11.57
C THR A 79 -5.40 12.52 10.60
N ILE A 80 -5.18 12.88 9.33
CA ILE A 80 -6.16 12.60 8.30
C ILE A 80 -6.66 11.17 8.45
N GLU A 81 -5.80 10.23 8.09
CA GLU A 81 -6.15 8.82 8.19
C GLU A 81 -6.76 8.51 9.55
N THR A 82 -7.26 7.29 9.68
CA THR A 82 -7.86 6.86 10.93
C THR A 82 -7.17 5.62 11.47
N LYS A 83 -7.40 5.34 12.74
CA LYS A 83 -6.81 4.19 13.39
C LYS A 83 -7.00 2.95 12.51
N SER A 84 -8.06 3.00 11.71
CA SER A 84 -8.37 1.89 10.82
C SER A 84 -7.28 1.75 9.76
N VAL A 85 -6.79 2.90 9.30
CA VAL A 85 -5.74 2.91 8.29
C VAL A 85 -4.41 2.53 8.94
N LEU A 86 -3.96 3.40 9.83
CA LEU A 86 -2.70 3.16 10.54
C LEU A 86 -2.68 1.74 11.08
N GLU A 87 -3.87 1.20 11.28
CA GLU A 87 -4.00 -0.16 11.79
C GLU A 87 -3.25 -1.14 10.90
N LYS A 88 -3.47 -0.99 9.59
CA LYS A 88 -2.83 -1.85 8.62
C LYS A 88 -1.31 -1.67 8.70
N ASN A 89 -0.92 -0.43 8.98
CA ASN A 89 0.50 -0.11 9.09
C ASN A 89 1.01 -0.56 10.46
N LYS A 90 0.90 -1.85 10.71
CA LYS A 90 1.36 -2.42 11.96
C LYS A 90 2.87 -2.24 12.08
N ILE A 91 3.33 -2.17 13.32
CA ILE A 91 4.75 -2.01 13.59
C ILE A 91 5.51 -3.22 13.06
N GLU A 92 5.45 -4.30 13.83
CA GLU A 92 6.12 -5.53 13.45
C GLU A 92 5.22 -6.37 12.56
N GLU A 93 5.82 -7.38 11.93
CA GLU A 93 5.10 -8.26 11.06
C GLU A 93 4.85 -9.61 11.73
N GLU A 94 4.20 -10.50 11.00
CA GLU A 94 3.90 -11.83 11.52
C GLU A 94 5.05 -12.79 11.21
N ALA A 95 4.76 -14.07 11.36
CA ALA A 95 5.76 -15.10 11.11
C ALA A 95 5.17 -16.47 11.45
N GLU A 96 4.17 -16.87 10.69
CA GLU A 96 3.52 -18.15 10.91
C GLU A 96 4.55 -19.28 10.86
N ALA A 97 5.15 -19.44 9.69
CA ALA A 97 6.15 -20.48 9.50
C ALA A 97 6.80 -20.31 8.13
N GLU A 98 7.94 -20.97 7.96
CA GLU A 98 8.67 -20.90 6.72
C GLU A 98 7.71 -20.93 5.53
N VAL A 99 6.84 -21.93 5.55
CA VAL A 99 5.86 -22.09 4.48
C VAL A 99 4.69 -21.13 4.73
N ALA A 100 3.85 -21.00 3.71
CA ALA A 100 2.70 -20.13 3.80
C ALA A 100 1.42 -20.96 3.66
N GLU A 101 1.30 -21.60 2.50
CA GLU A 101 0.14 -22.43 2.23
C GLU A 101 -1.12 -21.56 2.11
N GLU A 102 -2.18 -22.18 1.63
CA GLU A 102 -3.45 -21.48 1.45
C GLU A 102 -3.71 -20.57 2.66
N MET A 1 6.89 -9.65 -10.96
CA MET A 1 5.50 -9.98 -10.73
C MET A 1 4.61 -9.45 -11.86
N ASP A 2 3.34 -9.82 -11.79
CA ASP A 2 2.39 -9.39 -12.80
C ASP A 2 1.45 -8.34 -12.19
N ILE A 3 1.83 -7.09 -12.36
CA ILE A 3 1.03 -5.99 -11.84
C ILE A 3 0.59 -5.09 -12.99
N SER A 4 -0.62 -4.55 -12.87
CA SER A 4 -1.15 -3.67 -13.88
C SER A 4 -1.87 -2.49 -13.23
N ILE A 5 -1.48 -1.29 -13.65
CA ILE A 5 -2.07 -0.08 -13.11
C ILE A 5 -3.41 0.17 -13.80
N ILE A 6 -4.42 0.42 -12.97
CA ILE A 6 -5.76 0.68 -13.48
C ILE A 6 -5.92 2.18 -13.72
N SER A 7 -5.75 2.94 -12.65
CA SER A 7 -5.88 4.38 -12.73
C SER A 7 -4.89 5.05 -11.78
N ASP A 8 -4.68 6.34 -12.00
CA ASP A 8 -3.76 7.11 -11.17
C ASP A 8 -4.42 8.43 -10.78
N ARG A 9 -4.95 8.45 -9.56
CA ARG A 9 -5.60 9.64 -9.05
C ARG A 9 -4.66 10.42 -8.13
N ASN A 10 -4.92 11.72 -8.04
CA ASN A 10 -4.09 12.58 -7.21
C ASN A 10 -5.00 13.47 -6.35
N ASN A 11 -4.67 13.52 -5.06
CA ASN A 11 -5.45 14.31 -4.13
C ASN A 11 -4.51 15.24 -3.35
N PRO A 12 -4.31 16.47 -3.90
CA PRO A 12 -3.44 17.44 -3.26
C PRO A 12 -4.11 18.05 -2.04
N LEU A 13 -5.41 18.31 -2.17
CA LEU A 13 -6.17 18.89 -1.08
C LEU A 13 -5.79 18.21 0.23
N LEU A 14 -6.17 16.94 0.34
CA LEU A 14 -5.88 16.16 1.52
C LEU A 14 -4.39 15.82 1.56
N GLN A 15 -3.74 16.02 0.40
CA GLN A 15 -2.32 15.74 0.29
C GLN A 15 -2.08 14.23 0.27
N ARG A 16 -2.94 13.53 -0.46
CA ARG A 16 -2.84 12.09 -0.58
C ARG A 16 -2.88 11.68 -2.05
N ARG A 17 -2.40 10.46 -2.31
CA ARG A 17 -2.38 9.93 -3.66
C ARG A 17 -2.97 8.53 -3.69
N GLU A 18 -3.95 8.35 -4.56
CA GLU A 18 -4.61 7.06 -4.71
C GLU A 18 -4.38 6.50 -6.11
N ILE A 19 -3.71 5.35 -6.16
CA ILE A 19 -3.44 4.71 -7.42
C ILE A 19 -4.02 3.30 -7.42
N LYS A 20 -4.87 3.04 -8.40
CA LYS A 20 -5.51 1.74 -8.51
C LYS A 20 -4.68 0.84 -9.43
N PHE A 21 -4.53 -0.40 -9.02
CA PHE A 21 -3.76 -1.36 -9.79
C PHE A 21 -4.12 -2.80 -9.40
N THR A 22 -3.46 -3.73 -10.06
CA THR A 22 -3.70 -5.14 -9.80
C THR A 22 -2.38 -5.88 -9.60
N VAL A 23 -2.46 -7.00 -8.89
CA VAL A 23 -1.28 -7.81 -8.63
C VAL A 23 -1.64 -9.29 -8.78
N SER A 24 -0.81 -9.99 -9.55
CA SER A 24 -1.02 -11.40 -9.78
C SER A 24 0.25 -12.19 -9.46
N PHE A 25 0.07 -13.46 -9.17
CA PHE A 25 1.19 -14.32 -8.85
C PHE A 25 0.86 -15.79 -9.14
N ASP A 26 1.77 -16.67 -8.74
CA ASP A 26 1.59 -18.09 -8.95
C ASP A 26 1.56 -18.80 -7.59
N ALA A 27 0.38 -18.82 -6.99
CA ALA A 27 0.21 -19.46 -5.70
C ALA A 27 1.06 -18.74 -4.65
N ALA A 28 0.63 -18.83 -3.40
CA ALA A 28 1.34 -18.19 -2.32
C ALA A 28 1.52 -16.70 -2.63
N THR A 29 0.65 -15.89 -2.04
CA THR A 29 0.70 -14.46 -2.25
C THR A 29 1.71 -13.82 -1.29
N PRO A 30 2.36 -12.73 -1.79
CA PRO A 30 3.35 -12.01 -1.00
C PRO A 30 2.67 -11.16 0.08
N SER A 31 3.43 -10.22 0.60
CA SER A 31 2.92 -9.32 1.64
C SER A 31 2.75 -7.91 1.07
N ILE A 32 2.28 -7.02 1.94
CA ILE A 32 2.07 -5.64 1.55
C ILE A 32 3.42 -4.97 1.31
N LYS A 33 4.26 -5.02 2.33
CA LYS A 33 5.58 -4.43 2.24
C LYS A 33 6.38 -5.12 1.14
N ASP A 34 6.07 -6.39 0.94
CA ASP A 34 6.75 -7.18 -0.07
C ASP A 34 6.19 -6.82 -1.45
N VAL A 35 4.93 -6.40 -1.45
CA VAL A 35 4.26 -6.03 -2.69
C VAL A 35 4.65 -4.60 -3.06
N LYS A 36 4.43 -3.70 -2.12
CA LYS A 36 4.74 -2.30 -2.33
C LYS A 36 6.19 -2.18 -2.82
N MET A 37 6.98 -3.18 -2.46
CA MET A 37 8.38 -3.19 -2.84
C MET A 37 8.53 -2.99 -4.36
N LYS A 38 7.78 -3.78 -5.10
CA LYS A 38 7.82 -3.70 -6.56
C LYS A 38 7.11 -2.42 -7.01
N LEU A 39 5.92 -2.21 -6.46
CA LEU A 39 5.13 -1.04 -6.81
C LEU A 39 5.98 0.22 -6.57
N VAL A 40 6.82 0.14 -5.55
CA VAL A 40 7.69 1.26 -5.22
C VAL A 40 8.50 1.66 -6.45
N ALA A 41 8.97 0.64 -7.17
CA ALA A 41 9.76 0.87 -8.37
C ALA A 41 8.83 1.35 -9.49
N VAL A 42 7.69 0.70 -9.60
CA VAL A 42 6.72 1.05 -10.62
C VAL A 42 6.28 2.50 -10.43
N LEU A 43 5.88 2.80 -9.21
CA LEU A 43 5.43 4.15 -8.88
C LEU A 43 6.65 5.07 -8.77
N ASN A 44 7.75 4.49 -8.33
CA ASN A 44 8.98 5.26 -8.17
C ASN A 44 8.73 6.45 -7.24
N ALA A 45 8.14 6.14 -6.10
CA ALA A 45 7.84 7.17 -5.12
C ALA A 45 8.62 6.89 -3.83
N ASN A 46 8.28 7.65 -2.80
CA ASN A 46 8.94 7.49 -1.51
C ASN A 46 8.43 6.21 -0.84
N LYS A 47 9.22 5.16 -0.97
CA LYS A 47 8.88 3.87 -0.39
C LYS A 47 8.70 4.04 1.13
N GLN A 48 9.34 5.07 1.65
CA GLN A 48 9.26 5.34 3.08
C GLN A 48 7.82 5.64 3.48
N VAL A 49 7.27 6.67 2.87
CA VAL A 49 5.90 7.07 3.16
C VAL A 49 4.97 6.52 2.08
N LEU A 50 5.07 5.21 1.87
CA LEU A 50 4.25 4.55 0.86
C LEU A 50 3.68 3.25 1.45
N VAL A 51 2.39 3.05 1.20
CA VAL A 51 1.73 1.85 1.69
C VAL A 51 0.54 1.52 0.78
N VAL A 52 -0.10 0.40 1.07
CA VAL A 52 -1.23 -0.04 0.29
C VAL A 52 -2.51 0.18 1.09
N ASP A 53 -3.60 0.41 0.37
CA ASP A 53 -4.89 0.64 1.00
C ASP A 53 -5.53 -0.70 1.34
N THR A 54 -5.66 -1.54 0.32
CA THR A 54 -6.25 -2.85 0.49
C THR A 54 -6.12 -3.67 -0.78
N LEU A 55 -6.25 -4.99 -0.63
CA LEU A 55 -6.14 -5.88 -1.76
C LEU A 55 -7.28 -6.91 -1.71
N ASP A 56 -7.40 -7.67 -2.78
CA ASP A 56 -8.44 -8.68 -2.87
C ASP A 56 -8.08 -9.69 -3.97
N GLN A 57 -7.99 -10.95 -3.57
CA GLN A 57 -7.65 -12.01 -4.50
C GLN A 57 -8.78 -12.18 -5.52
N ILE A 58 -8.39 -12.53 -6.74
CA ILE A 58 -9.35 -12.75 -7.80
C ILE A 58 -9.72 -14.23 -7.88
N PHE A 59 -11.02 -14.49 -7.95
CA PHE A 59 -11.50 -15.85 -8.03
C PHE A 59 -11.29 -16.45 -9.42
N GLY A 60 -11.70 -15.68 -10.42
CA GLY A 60 -11.56 -16.11 -11.80
C GLY A 60 -10.25 -16.86 -12.00
N LYS A 61 -9.14 -16.17 -11.75
CA LYS A 61 -7.82 -16.76 -11.90
C LYS A 61 -7.03 -16.55 -10.61
N LEU A 62 -5.72 -16.51 -10.76
CA LEU A 62 -4.83 -16.33 -9.63
C LEU A 62 -4.38 -14.86 -9.57
N GLU A 63 -5.35 -13.98 -9.78
CA GLU A 63 -5.07 -12.55 -9.75
C GLU A 63 -5.45 -11.96 -8.39
N ALA A 64 -5.08 -10.69 -8.21
CA ALA A 64 -5.37 -10.00 -6.97
C ALA A 64 -5.42 -8.50 -7.23
N GLU A 65 -6.58 -7.92 -6.98
CA GLU A 65 -6.77 -6.50 -7.18
C GLU A 65 -6.73 -5.76 -5.85
N GLY A 66 -6.14 -4.57 -5.87
CA GLY A 66 -6.02 -3.76 -4.67
C GLY A 66 -5.72 -2.30 -5.03
N TYR A 67 -6.00 -1.43 -4.08
CA TYR A 67 -5.75 -0.01 -4.26
C TYR A 67 -4.51 0.45 -3.49
N ALA A 68 -3.69 1.22 -4.17
CA ALA A 68 -2.47 1.74 -3.56
C ALA A 68 -2.65 3.21 -3.21
N LYS A 69 -2.36 3.54 -1.97
CA LYS A 69 -2.49 4.91 -1.50
C LYS A 69 -1.18 5.34 -0.84
N ILE A 70 -0.86 6.62 -1.01
CA ILE A 70 0.36 7.17 -0.43
C ILE A 70 0.05 8.54 0.18
N TYR A 71 0.71 8.81 1.29
CA TYR A 71 0.52 10.08 1.99
C TYR A 71 1.66 11.04 1.69
N ASN A 72 1.55 12.24 2.26
CA ASN A 72 2.57 13.25 2.06
C ASN A 72 3.49 13.29 3.28
N ASP A 73 2.88 13.17 4.45
CA ASP A 73 3.62 13.19 5.70
C ASP A 73 2.77 12.59 6.82
N GLU A 74 3.39 11.71 7.58
CA GLU A 74 2.69 11.05 8.68
C GLU A 74 2.05 12.10 9.59
N LYS A 75 2.55 13.32 9.49
CA LYS A 75 2.04 14.41 10.30
C LYS A 75 0.53 14.56 10.06
N ALA A 76 0.18 14.62 8.79
CA ALA A 76 -1.22 14.76 8.42
C ALA A 76 -1.93 13.41 8.59
N MET A 77 -1.34 12.39 7.97
CA MET A 77 -1.91 11.05 8.05
C MET A 77 -2.20 10.67 9.51
N ALA A 78 -1.24 10.97 10.37
CA ALA A 78 -1.39 10.66 11.79
C ALA A 78 -2.69 11.27 12.31
N THR A 79 -3.10 12.36 11.66
CA THR A 79 -4.33 13.04 12.04
C THR A 79 -5.47 12.64 11.12
N ILE A 80 -5.33 13.03 9.86
CA ILE A 80 -6.35 12.72 8.86
C ILE A 80 -6.65 11.22 8.90
N GLU A 81 -5.79 10.46 8.24
CA GLU A 81 -5.95 9.01 8.19
C GLU A 81 -6.46 8.49 9.54
N THR A 82 -7.23 7.42 9.45
CA THR A 82 -7.80 6.81 10.65
C THR A 82 -6.96 5.59 11.07
N LYS A 83 -7.16 5.19 12.32
CA LYS A 83 -6.43 4.05 12.85
C LYS A 83 -6.63 2.85 11.93
N SER A 84 -7.68 2.91 11.13
CA SER A 84 -7.99 1.85 10.20
C SER A 84 -6.95 1.81 9.08
N VAL A 85 -6.72 2.97 8.49
CA VAL A 85 -5.75 3.08 7.41
C VAL A 85 -4.36 2.70 7.94
N LEU A 86 -4.07 3.18 9.14
CA LEU A 86 -2.78 2.90 9.76
C LEU A 86 -2.77 1.45 10.26
N GLU A 87 -3.94 0.99 10.64
CA GLU A 87 -4.08 -0.36 11.14
C GLU A 87 -3.40 -1.35 10.19
N LYS A 88 -3.63 -1.13 8.91
CA LYS A 88 -3.04 -1.99 7.89
C LYS A 88 -1.54 -2.11 8.13
N ASN A 89 -0.85 -0.99 7.98
CA ASN A 89 0.59 -0.95 8.16
C ASN A 89 0.89 -0.77 9.66
N LYS A 90 0.26 -1.63 10.46
CA LYS A 90 0.46 -1.58 11.90
C LYS A 90 1.94 -1.74 12.21
N ILE A 91 2.30 -1.38 13.45
CA ILE A 91 3.69 -1.48 13.89
C ILE A 91 4.20 -2.89 13.60
N GLU A 92 3.86 -3.80 14.50
CA GLU A 92 4.29 -5.18 14.36
C GLU A 92 3.24 -5.99 13.59
N GLU A 93 3.56 -7.25 13.35
CA GLU A 93 2.66 -8.13 12.62
C GLU A 93 2.32 -9.36 13.47
N GLU A 94 1.43 -10.18 12.93
CA GLU A 94 1.02 -11.40 13.62
C GLU A 94 1.95 -12.55 13.26
N ALA A 95 1.46 -13.76 13.49
CA ALA A 95 2.23 -14.96 13.20
C ALA A 95 1.55 -16.16 13.84
N GLU A 96 0.38 -16.50 13.33
CA GLU A 96 -0.38 -17.62 13.85
C GLU A 96 0.43 -18.91 13.69
N ALA A 97 0.63 -19.29 12.44
CA ALA A 97 1.38 -20.50 12.14
C ALA A 97 0.64 -21.71 12.73
N GLU A 98 0.35 -22.67 11.85
CA GLU A 98 -0.35 -23.87 12.26
C GLU A 98 -0.34 -24.90 11.14
N VAL A 99 -0.70 -24.44 9.95
CA VAL A 99 -0.73 -25.31 8.79
C VAL A 99 -0.27 -24.53 7.56
N ALA A 100 -0.01 -25.27 6.49
CA ALA A 100 0.43 -24.66 5.25
C ALA A 100 -0.78 -24.36 4.37
N GLU A 101 -0.76 -23.19 3.75
CA GLU A 101 -1.85 -22.77 2.89
C GLU A 101 -3.08 -22.40 3.72
N GLU A 102 -4.04 -21.79 3.05
CA GLU A 102 -5.27 -21.38 3.71
C GLU A 102 -4.97 -20.85 5.11
N MET A 1 6.76 -10.74 -9.82
CA MET A 1 5.31 -10.71 -10.00
C MET A 1 4.92 -9.71 -11.09
N ASP A 2 3.68 -9.82 -11.53
CA ASP A 2 3.16 -8.92 -12.55
C ASP A 2 2.05 -8.06 -11.97
N ILE A 3 2.15 -6.76 -12.23
CA ILE A 3 1.17 -5.81 -11.74
C ILE A 3 0.74 -4.90 -12.88
N SER A 4 -0.52 -4.50 -12.83
CA SER A 4 -1.07 -3.61 -13.85
C SER A 4 -1.80 -2.44 -13.19
N ILE A 5 -1.42 -1.24 -13.60
CA ILE A 5 -2.02 -0.03 -13.07
C ILE A 5 -3.35 0.23 -13.79
N ILE A 6 -4.36 0.54 -13.01
CA ILE A 6 -5.69 0.81 -13.56
C ILE A 6 -5.84 2.32 -13.76
N SER A 7 -5.76 3.05 -12.65
CA SER A 7 -5.89 4.49 -12.69
C SER A 7 -4.82 5.14 -11.81
N ASP A 8 -4.55 6.40 -12.10
CA ASP A 8 -3.56 7.14 -11.34
C ASP A 8 -4.11 8.53 -10.99
N ARG A 9 -4.60 8.63 -9.77
CA ARG A 9 -5.17 9.89 -9.29
C ARG A 9 -4.24 10.53 -8.25
N ASN A 10 -4.41 11.83 -8.09
CA ASN A 10 -3.60 12.57 -7.14
C ASN A 10 -4.51 13.42 -6.25
N ASN A 11 -4.21 13.39 -4.95
CA ASN A 11 -5.00 14.15 -3.99
C ASN A 11 -4.06 14.96 -3.10
N PRO A 12 -3.79 16.22 -3.55
CA PRO A 12 -2.91 17.10 -2.80
C PRO A 12 -3.61 17.66 -1.56
N LEU A 13 -4.91 17.92 -1.71
CA LEU A 13 -5.70 18.45 -0.61
C LEU A 13 -5.31 17.73 0.69
N LEU A 14 -5.86 16.54 0.85
CA LEU A 14 -5.58 15.74 2.04
C LEU A 14 -4.14 15.24 1.98
N GLN A 15 -3.52 15.46 0.83
CA GLN A 15 -2.14 15.03 0.63
C GLN A 15 -2.06 13.51 0.56
N ARG A 16 -2.95 12.93 -0.23
CA ARG A 16 -2.99 11.48 -0.39
C ARG A 16 -2.91 11.12 -1.87
N ARG A 17 -2.72 9.83 -2.12
CA ARG A 17 -2.61 9.33 -3.47
C ARG A 17 -3.66 8.23 -3.71
N GLU A 18 -4.21 8.24 -4.92
CA GLU A 18 -5.21 7.26 -5.29
C GLU A 18 -4.85 6.60 -6.62
N ILE A 19 -4.12 5.50 -6.53
CA ILE A 19 -3.71 4.78 -7.73
C ILE A 19 -4.22 3.34 -7.64
N LYS A 20 -5.08 2.99 -8.59
CA LYS A 20 -5.65 1.65 -8.64
C LYS A 20 -4.78 0.77 -9.54
N PHE A 21 -4.55 -0.45 -9.08
CA PHE A 21 -3.75 -1.40 -9.82
C PHE A 21 -4.13 -2.83 -9.48
N THR A 22 -3.44 -3.77 -10.12
CA THR A 22 -3.70 -5.19 -9.89
C THR A 22 -2.39 -5.96 -9.81
N VAL A 23 -2.46 -7.14 -9.20
CA VAL A 23 -1.29 -7.99 -9.06
C VAL A 23 -1.64 -9.41 -9.49
N SER A 24 -0.78 -9.96 -10.33
CA SER A 24 -0.99 -11.32 -10.83
C SER A 24 0.13 -12.23 -10.32
N PHE A 25 -0.28 -13.35 -9.75
CA PHE A 25 0.66 -14.32 -9.23
C PHE A 25 -0.04 -15.63 -8.86
N ASP A 26 0.70 -16.72 -9.01
CA ASP A 26 0.17 -18.03 -8.69
C ASP A 26 1.10 -18.74 -7.71
N ALA A 27 0.83 -18.52 -6.42
CA ALA A 27 1.64 -19.13 -5.39
C ALA A 27 1.05 -18.77 -4.02
N ALA A 28 1.35 -17.56 -3.58
CA ALA A 28 0.87 -17.08 -2.30
C ALA A 28 1.27 -15.61 -2.12
N THR A 29 0.37 -14.86 -1.50
CA THR A 29 0.62 -13.45 -1.26
C THR A 29 1.64 -13.27 -0.14
N PRO A 30 2.66 -12.43 -0.43
CA PRO A 30 3.71 -12.16 0.55
C PRO A 30 3.21 -11.23 1.66
N SER A 31 3.38 -9.93 1.42
CA SER A 31 2.96 -8.94 2.38
C SER A 31 2.79 -7.58 1.69
N ILE A 32 2.44 -6.58 2.49
CA ILE A 32 2.25 -5.24 1.98
C ILE A 32 3.61 -4.65 1.62
N LYS A 33 4.51 -4.67 2.58
CA LYS A 33 5.85 -4.13 2.38
C LYS A 33 6.54 -4.91 1.26
N ASP A 34 6.31 -6.22 1.25
CA ASP A 34 6.89 -7.08 0.24
C ASP A 34 6.34 -6.70 -1.13
N VAL A 35 5.07 -6.32 -1.13
CA VAL A 35 4.41 -5.92 -2.37
C VAL A 35 4.81 -4.49 -2.73
N LYS A 36 4.78 -3.64 -1.72
CA LYS A 36 5.14 -2.24 -1.92
C LYS A 36 6.50 -2.16 -2.61
N MET A 37 7.32 -3.17 -2.35
CA MET A 37 8.65 -3.22 -2.93
C MET A 37 8.59 -3.03 -4.44
N LYS A 38 7.79 -3.86 -5.08
CA LYS A 38 7.63 -3.79 -6.53
C LYS A 38 6.83 -2.53 -6.90
N LEU A 39 5.70 -2.40 -6.23
CA LEU A 39 4.83 -1.24 -6.48
C LEU A 39 5.66 0.04 -6.38
N VAL A 40 6.64 0.01 -5.49
CA VAL A 40 7.51 1.15 -5.28
C VAL A 40 8.22 1.50 -6.59
N ALA A 41 8.68 0.46 -7.27
CA ALA A 41 9.37 0.63 -8.53
C ALA A 41 8.35 0.99 -9.62
N VAL A 42 7.18 0.39 -9.51
CA VAL A 42 6.12 0.64 -10.47
C VAL A 42 5.64 2.09 -10.34
N LEU A 43 5.34 2.46 -9.10
CA LEU A 43 4.87 3.81 -8.83
C LEU A 43 6.05 4.77 -8.90
N ASN A 44 7.21 4.28 -8.50
CA ASN A 44 8.43 5.08 -8.51
C ASN A 44 8.20 6.34 -7.68
N ALA A 45 7.98 6.13 -6.38
CA ALA A 45 7.75 7.24 -5.47
C ALA A 45 8.48 6.96 -4.15
N ASN A 46 8.19 7.80 -3.17
CA ASN A 46 8.81 7.67 -1.86
C ASN A 46 8.30 6.40 -1.19
N LYS A 47 9.13 5.35 -1.26
CA LYS A 47 8.77 4.08 -0.66
C LYS A 47 8.62 4.25 0.85
N GLN A 48 9.27 5.28 1.37
CA GLN A 48 9.21 5.57 2.79
C GLN A 48 7.77 5.83 3.23
N VAL A 49 7.14 6.76 2.52
CA VAL A 49 5.76 7.11 2.82
C VAL A 49 4.84 6.54 1.74
N LEU A 50 4.90 5.22 1.60
CA LEU A 50 4.09 4.54 0.62
C LEU A 50 3.49 3.28 1.23
N VAL A 51 2.21 3.09 0.97
CA VAL A 51 1.50 1.93 1.50
C VAL A 51 0.33 1.58 0.57
N VAL A 52 -0.31 0.46 0.87
CA VAL A 52 -1.44 0.01 0.08
C VAL A 52 -2.73 0.17 0.89
N ASP A 53 -3.80 0.43 0.17
CA ASP A 53 -5.10 0.62 0.81
C ASP A 53 -5.68 -0.76 1.18
N THR A 54 -5.81 -1.60 0.16
CA THR A 54 -6.34 -2.94 0.36
C THR A 54 -6.17 -3.77 -0.91
N LEU A 55 -6.27 -5.08 -0.73
CA LEU A 55 -6.13 -5.99 -1.86
C LEU A 55 -7.20 -7.08 -1.76
N ASP A 56 -7.34 -7.85 -2.83
CA ASP A 56 -8.32 -8.91 -2.88
C ASP A 56 -7.96 -9.88 -4.00
N GLN A 57 -7.86 -11.15 -3.64
CA GLN A 57 -7.52 -12.18 -4.60
C GLN A 57 -8.68 -12.41 -5.57
N ILE A 58 -8.32 -12.71 -6.81
CA ILE A 58 -9.32 -12.96 -7.84
C ILE A 58 -9.57 -14.46 -7.96
N PHE A 59 -10.84 -14.82 -7.97
CA PHE A 59 -11.22 -16.22 -8.09
C PHE A 59 -11.13 -16.70 -9.54
N GLY A 60 -11.67 -15.88 -10.43
CA GLY A 60 -11.66 -16.21 -11.85
C GLY A 60 -10.34 -16.87 -12.24
N LYS A 61 -9.25 -16.24 -11.83
CA LYS A 61 -7.92 -16.77 -12.13
C LYS A 61 -7.00 -16.51 -10.95
N LEU A 62 -5.71 -16.40 -11.26
CA LEU A 62 -4.71 -16.16 -10.22
C LEU A 62 -4.36 -14.67 -10.20
N GLU A 63 -5.40 -13.85 -10.15
CA GLU A 63 -5.23 -12.41 -10.12
C GLU A 63 -5.54 -11.86 -8.73
N ALA A 64 -5.17 -10.61 -8.53
CA ALA A 64 -5.40 -9.96 -7.24
C ALA A 64 -5.44 -8.43 -7.45
N GLU A 65 -6.59 -7.85 -7.10
CA GLU A 65 -6.77 -6.42 -7.24
C GLU A 65 -6.64 -5.74 -5.88
N GLY A 66 -6.06 -4.55 -5.91
CA GLY A 66 -5.87 -3.78 -4.69
C GLY A 66 -5.56 -2.32 -5.01
N TYR A 67 -6.01 -1.44 -4.11
CA TYR A 67 -5.80 -0.01 -4.29
C TYR A 67 -4.55 0.44 -3.52
N ALA A 68 -3.80 1.33 -4.14
CA ALA A 68 -2.59 1.85 -3.53
C ALA A 68 -2.85 3.29 -3.05
N LYS A 69 -2.28 3.60 -1.90
CA LYS A 69 -2.43 4.93 -1.33
C LYS A 69 -1.06 5.46 -0.88
N ILE A 70 -0.85 6.74 -1.09
CA ILE A 70 0.40 7.37 -0.72
C ILE A 70 0.12 8.76 -0.13
N TYR A 71 0.83 9.08 0.94
CA TYR A 71 0.67 10.36 1.59
C TYR A 71 1.93 11.22 1.45
N ASN A 72 1.90 12.37 2.09
CA ASN A 72 3.03 13.29 2.05
C ASN A 72 3.75 13.26 3.40
N ASP A 73 2.99 13.51 4.44
CA ASP A 73 3.54 13.53 5.79
C ASP A 73 2.62 12.74 6.72
N GLU A 74 3.21 11.74 7.38
CA GLU A 74 2.46 10.91 8.29
C GLU A 74 1.95 11.74 9.49
N LYS A 75 2.59 12.88 9.67
CA LYS A 75 2.21 13.77 10.75
C LYS A 75 0.74 14.15 10.61
N ALA A 76 0.38 14.53 9.39
CA ALA A 76 -0.98 14.92 9.10
C ALA A 76 -1.87 13.69 9.05
N MET A 77 -1.45 12.73 8.23
CA MET A 77 -2.19 11.48 8.09
C MET A 77 -2.46 10.84 9.45
N ALA A 78 -1.41 10.80 10.26
CA ALA A 78 -1.51 10.22 11.58
C ALA A 78 -2.73 10.80 12.30
N THR A 79 -3.03 12.04 11.96
CA THR A 79 -4.16 12.73 12.56
C THR A 79 -5.42 12.54 11.72
N ILE A 80 -5.34 13.01 10.49
CA ILE A 80 -6.47 12.90 9.56
C ILE A 80 -7.12 11.53 9.74
N GLU A 81 -6.38 10.49 9.37
CA GLU A 81 -6.88 9.13 9.48
C GLU A 81 -6.70 8.62 10.91
N THR A 82 -7.00 7.33 11.08
CA THR A 82 -6.86 6.71 12.38
C THR A 82 -6.06 5.41 12.27
N LYS A 83 -6.23 4.56 13.28
CA LYS A 83 -5.54 3.28 13.29
C LYS A 83 -6.03 2.42 12.14
N SER A 84 -7.21 2.76 11.65
CA SER A 84 -7.80 2.02 10.54
C SER A 84 -6.85 1.99 9.35
N VAL A 85 -6.37 3.18 8.99
CA VAL A 85 -5.45 3.32 7.88
C VAL A 85 -4.03 3.01 8.36
N LEU A 86 -3.68 3.61 9.49
CA LEU A 86 -2.36 3.41 10.06
C LEU A 86 -2.14 1.92 10.31
N GLU A 87 -3.24 1.20 10.40
CA GLU A 87 -3.18 -0.24 10.63
C GLU A 87 -2.37 -0.92 9.53
N LYS A 88 -2.77 -0.65 8.29
CA LYS A 88 -2.09 -1.22 7.14
C LYS A 88 -0.58 -1.04 7.30
N ASN A 89 -0.18 0.22 7.42
CA ASN A 89 1.22 0.54 7.58
C ASN A 89 1.64 0.36 9.03
N LYS A 90 1.33 -0.82 9.56
CA LYS A 90 1.65 -1.14 10.94
C LYS A 90 3.16 -0.92 11.17
N ILE A 91 3.52 -0.87 12.44
CA ILE A 91 4.91 -0.65 12.80
C ILE A 91 5.59 -2.01 13.00
N GLU A 92 5.11 -2.74 13.99
CA GLU A 92 5.65 -4.05 14.30
C GLU A 92 5.72 -4.91 13.03
N GLU A 93 6.33 -6.08 13.16
CA GLU A 93 6.47 -6.99 12.05
C GLU A 93 5.30 -7.98 12.02
N GLU A 94 5.39 -8.94 11.11
CA GLU A 94 4.36 -9.95 10.97
C GLU A 94 4.62 -11.11 11.94
N ALA A 95 3.97 -12.22 11.65
CA ALA A 95 4.13 -13.41 12.48
C ALA A 95 3.23 -14.52 11.94
N GLU A 96 3.83 -15.37 11.11
CA GLU A 96 3.10 -16.48 10.51
C GLU A 96 2.13 -17.08 11.54
N ALA A 97 2.71 -17.65 12.59
CA ALA A 97 1.91 -18.26 13.64
C ALA A 97 2.26 -17.62 14.98
N GLU A 98 1.23 -17.10 15.63
CA GLU A 98 1.42 -16.45 16.93
C GLU A 98 0.05 -16.15 17.56
N VAL A 99 -0.74 -15.37 16.84
CA VAL A 99 -2.06 -15.00 17.32
C VAL A 99 -1.95 -14.52 18.77
N ALA A 100 -3.10 -14.15 19.32
CA ALA A 100 -3.14 -13.67 20.70
C ALA A 100 -4.61 -13.48 21.11
N GLU A 101 -5.37 -14.56 21.02
CA GLU A 101 -6.76 -14.52 21.38
C GLU A 101 -7.53 -13.60 20.44
N GLU A 102 -8.85 -13.76 20.43
CA GLU A 102 -9.70 -12.96 19.58
C GLU A 102 -9.22 -11.51 19.55
N MET A 1 5.11 -13.12 -11.30
CA MET A 1 4.67 -11.92 -10.62
C MET A 1 4.71 -10.71 -11.56
N ASP A 2 3.59 -10.02 -11.62
CA ASP A 2 3.49 -8.84 -12.47
C ASP A 2 2.33 -7.96 -11.98
N ILE A 3 2.58 -6.66 -11.98
CA ILE A 3 1.58 -5.70 -11.54
C ILE A 3 1.12 -4.86 -12.73
N SER A 4 -0.15 -4.47 -12.68
CA SER A 4 -0.72 -3.67 -13.74
C SER A 4 -1.54 -2.51 -13.15
N ILE A 5 -1.25 -1.32 -13.63
CA ILE A 5 -1.94 -0.14 -13.16
C ILE A 5 -3.36 -0.11 -13.73
N ILE A 6 -4.31 0.22 -12.87
CA ILE A 6 -5.70 0.28 -13.28
C ILE A 6 -6.11 1.74 -13.50
N SER A 7 -5.93 2.52 -12.44
CA SER A 7 -6.28 3.94 -12.49
C SER A 7 -5.17 4.77 -11.85
N ASP A 8 -5.21 6.06 -12.12
CA ASP A 8 -4.22 6.98 -11.57
C ASP A 8 -4.93 8.21 -11.01
N ARG A 9 -5.25 8.15 -9.73
CA ARG A 9 -5.92 9.26 -9.06
C ARG A 9 -4.94 10.03 -8.19
N ASN A 10 -5.31 11.27 -7.89
CA ASN A 10 -4.47 12.13 -7.07
C ASN A 10 -5.36 12.98 -6.16
N ASN A 11 -5.15 12.81 -4.86
CA ASN A 11 -5.93 13.57 -3.89
C ASN A 11 -4.98 14.40 -3.02
N PRO A 12 -4.75 15.67 -3.48
CA PRO A 12 -3.87 16.57 -2.77
C PRO A 12 -4.55 17.11 -1.50
N LEU A 13 -5.85 17.34 -1.61
CA LEU A 13 -6.62 17.85 -0.50
C LEU A 13 -6.39 16.95 0.72
N LEU A 14 -6.75 15.69 0.57
CA LEU A 14 -6.59 14.73 1.65
C LEU A 14 -5.10 14.56 1.96
N GLN A 15 -4.28 15.08 1.05
CA GLN A 15 -2.84 14.99 1.21
C GLN A 15 -2.38 13.54 1.09
N ARG A 16 -2.69 12.94 -0.06
CA ARG A 16 -2.32 11.56 -0.31
C ARG A 16 -2.79 11.14 -1.71
N ARG A 17 -1.85 10.57 -2.46
CA ARG A 17 -2.15 10.11 -3.81
C ARG A 17 -2.75 8.71 -3.78
N GLU A 18 -3.84 8.55 -4.51
CA GLU A 18 -4.52 7.27 -4.58
C GLU A 18 -4.46 6.71 -5.99
N ILE A 19 -3.76 5.59 -6.13
CA ILE A 19 -3.63 4.94 -7.43
C ILE A 19 -4.16 3.51 -7.34
N LYS A 20 -4.78 3.08 -8.43
CA LYS A 20 -5.34 1.73 -8.49
C LYS A 20 -4.48 0.87 -9.41
N PHE A 21 -4.29 -0.38 -9.01
CA PHE A 21 -3.50 -1.30 -9.78
C PHE A 21 -3.89 -2.75 -9.46
N THR A 22 -3.21 -3.68 -10.12
CA THR A 22 -3.47 -5.09 -9.92
C THR A 22 -2.17 -5.89 -9.99
N VAL A 23 -2.19 -7.06 -9.36
CA VAL A 23 -1.02 -7.92 -9.34
C VAL A 23 -1.46 -9.35 -9.66
N SER A 24 -0.72 -9.98 -10.57
CA SER A 24 -1.01 -11.33 -10.97
C SER A 24 0.03 -12.29 -10.40
N PHE A 25 -0.43 -13.44 -9.93
CA PHE A 25 0.45 -14.44 -9.35
C PHE A 25 -0.32 -15.69 -8.96
N ASP A 26 0.40 -16.64 -8.38
CA ASP A 26 -0.20 -17.88 -7.95
C ASP A 26 -0.36 -17.88 -6.43
N ALA A 27 -1.49 -17.34 -5.98
CA ALA A 27 -1.76 -17.27 -4.56
C ALA A 27 -0.55 -16.69 -3.83
N ALA A 28 0.19 -17.58 -3.20
CA ALA A 28 1.38 -17.18 -2.46
C ALA A 28 1.12 -15.86 -1.76
N THR A 29 0.34 -15.93 -0.68
CA THR A 29 0.00 -14.75 0.09
C THR A 29 1.25 -13.88 0.29
N PRO A 30 1.31 -12.78 -0.51
CA PRO A 30 2.44 -11.87 -0.41
C PRO A 30 2.33 -10.99 0.84
N SER A 31 3.08 -9.90 0.83
CA SER A 31 3.08 -8.97 1.95
C SER A 31 3.03 -7.53 1.43
N ILE A 32 2.67 -6.64 2.33
CA ILE A 32 2.57 -5.22 1.99
C ILE A 32 3.98 -4.68 1.74
N LYS A 33 4.84 -4.85 2.73
CA LYS A 33 6.21 -4.39 2.64
C LYS A 33 6.91 -5.09 1.47
N ASP A 34 6.46 -6.31 1.20
CA ASP A 34 7.03 -7.10 0.13
C ASP A 34 6.45 -6.62 -1.20
N VAL A 35 5.19 -6.20 -1.15
CA VAL A 35 4.51 -5.72 -2.34
C VAL A 35 4.97 -4.29 -2.65
N LYS A 36 5.16 -3.52 -1.58
CA LYS A 36 5.60 -2.14 -1.72
C LYS A 36 6.92 -2.12 -2.50
N MET A 37 7.69 -3.19 -2.34
CA MET A 37 8.96 -3.30 -3.02
C MET A 37 8.82 -3.03 -4.53
N LYS A 38 7.99 -3.86 -5.16
CA LYS A 38 7.75 -3.73 -6.58
C LYS A 38 6.95 -2.47 -6.85
N LEU A 39 5.87 -2.31 -6.09
CA LEU A 39 5.01 -1.16 -6.23
C LEU A 39 5.86 0.12 -6.16
N VAL A 40 6.91 0.05 -5.36
CA VAL A 40 7.80 1.18 -5.20
C VAL A 40 8.44 1.52 -6.56
N ALA A 41 8.86 0.48 -7.25
CA ALA A 41 9.49 0.65 -8.56
C ALA A 41 8.41 0.99 -9.59
N VAL A 42 7.22 0.44 -9.37
CA VAL A 42 6.11 0.67 -10.27
C VAL A 42 5.63 2.11 -10.12
N LEU A 43 5.37 2.49 -8.88
CA LEU A 43 4.91 3.84 -8.59
C LEU A 43 6.10 4.81 -8.67
N ASN A 44 7.28 4.27 -8.42
CA ASN A 44 8.49 5.06 -8.46
C ASN A 44 8.29 6.33 -7.61
N ALA A 45 8.13 6.12 -6.31
CA ALA A 45 7.94 7.23 -5.40
C ALA A 45 8.77 6.99 -4.13
N ASN A 46 8.51 7.82 -3.14
CA ASN A 46 9.23 7.71 -1.87
C ASN A 46 8.83 6.40 -1.18
N LYS A 47 9.77 5.48 -1.15
CA LYS A 47 9.54 4.18 -0.52
C LYS A 47 9.40 4.37 0.99
N GLN A 48 9.95 5.48 1.47
CA GLN A 48 9.89 5.79 2.88
C GLN A 48 8.44 5.94 3.34
N VAL A 49 7.72 6.80 2.63
CA VAL A 49 6.32 7.04 2.95
C VAL A 49 5.44 6.43 1.87
N LEU A 50 5.52 5.11 1.76
CA LEU A 50 4.73 4.39 0.77
C LEU A 50 4.14 3.14 1.41
N VAL A 51 2.85 2.92 1.12
CA VAL A 51 2.15 1.78 1.67
C VAL A 51 1.00 1.40 0.73
N VAL A 52 0.37 0.28 1.04
CA VAL A 52 -0.75 -0.20 0.25
C VAL A 52 -2.06 0.00 1.02
N ASP A 53 -3.13 0.19 0.27
CA ASP A 53 -4.43 0.39 0.88
C ASP A 53 -5.05 -0.98 1.21
N THR A 54 -5.17 -1.81 0.19
CA THR A 54 -5.74 -3.13 0.36
C THR A 54 -5.67 -3.91 -0.96
N LEU A 55 -5.71 -5.23 -0.82
CA LEU A 55 -5.65 -6.10 -1.98
C LEU A 55 -6.72 -7.19 -1.85
N ASP A 56 -6.93 -7.91 -2.94
CA ASP A 56 -7.92 -8.97 -2.96
C ASP A 56 -7.64 -9.90 -4.15
N GLN A 57 -7.67 -11.19 -3.88
CA GLN A 57 -7.43 -12.18 -4.91
C GLN A 57 -8.63 -12.29 -5.84
N ILE A 58 -8.35 -12.41 -7.12
CA ILE A 58 -9.40 -12.53 -8.12
C ILE A 58 -9.82 -13.99 -8.25
N PHE A 59 -11.13 -14.20 -8.26
CA PHE A 59 -11.67 -15.53 -8.38
C PHE A 59 -11.67 -16.01 -9.83
N GLY A 60 -11.93 -15.07 -10.73
CA GLY A 60 -11.96 -15.37 -12.15
C GLY A 60 -10.73 -16.17 -12.57
N LYS A 61 -9.58 -15.72 -12.09
CA LYS A 61 -8.33 -16.39 -12.40
C LYS A 61 -7.38 -16.27 -11.20
N LEU A 62 -6.10 -16.25 -11.51
CA LEU A 62 -5.08 -16.15 -10.47
C LEU A 62 -4.62 -14.69 -10.36
N GLU A 63 -5.58 -13.79 -10.51
CA GLU A 63 -5.28 -12.37 -10.44
C GLU A 63 -5.55 -11.85 -9.03
N ALA A 64 -5.15 -10.60 -8.80
CA ALA A 64 -5.34 -9.98 -7.50
C ALA A 64 -5.39 -8.46 -7.67
N GLU A 65 -6.49 -7.87 -7.23
CA GLU A 65 -6.67 -6.44 -7.33
C GLU A 65 -6.41 -5.78 -5.98
N GLY A 66 -5.81 -4.60 -6.04
CA GLY A 66 -5.50 -3.85 -4.82
C GLY A 66 -5.33 -2.36 -5.12
N TYR A 67 -5.32 -1.58 -4.06
CA TYR A 67 -5.16 -0.14 -4.19
C TYR A 67 -3.91 0.35 -3.45
N ALA A 68 -3.20 1.26 -4.09
CA ALA A 68 -1.99 1.81 -3.49
C ALA A 68 -2.22 3.28 -3.15
N LYS A 69 -1.86 3.63 -1.93
CA LYS A 69 -2.02 4.99 -1.46
C LYS A 69 -0.67 5.53 -0.98
N ILE A 70 -0.46 6.81 -1.21
CA ILE A 70 0.78 7.46 -0.80
C ILE A 70 0.46 8.83 -0.19
N TYR A 71 1.11 9.10 0.93
CA TYR A 71 0.91 10.36 1.62
C TYR A 71 2.18 11.21 1.60
N ASN A 72 1.99 12.52 1.57
CA ASN A 72 3.11 13.44 1.55
C ASN A 72 3.63 13.64 2.98
N ASP A 73 2.69 13.76 3.91
CA ASP A 73 3.04 13.96 5.30
C ASP A 73 2.18 13.03 6.17
N GLU A 74 2.86 12.25 7.00
CA GLU A 74 2.18 11.31 7.88
C GLU A 74 1.32 12.08 8.88
N LYS A 75 1.70 13.32 9.12
CA LYS A 75 0.98 14.16 10.06
C LYS A 75 -0.49 14.20 9.67
N ALA A 76 -0.72 14.38 8.39
CA ALA A 76 -2.09 14.44 7.87
C ALA A 76 -2.72 13.05 7.96
N MET A 77 -2.01 12.07 7.39
CA MET A 77 -2.50 10.71 7.41
C MET A 77 -2.82 10.24 8.83
N ALA A 78 -1.83 10.42 9.70
CA ALA A 78 -1.99 10.03 11.09
C ALA A 78 -3.34 10.54 11.61
N THR A 79 -3.75 11.67 11.06
CA THR A 79 -5.01 12.28 11.46
C THR A 79 -6.16 11.76 10.58
N ILE A 80 -6.07 12.07 9.30
CA ILE A 80 -7.07 11.65 8.35
C ILE A 80 -7.41 10.18 8.59
N GLU A 81 -6.48 9.32 8.20
CA GLU A 81 -6.66 7.89 8.37
C GLU A 81 -7.04 7.57 9.82
N THR A 82 -7.23 6.28 10.08
CA THR A 82 -7.60 5.84 11.41
C THR A 82 -6.59 4.79 11.91
N LYS A 83 -7.04 4.00 12.87
CA LYS A 83 -6.20 2.97 13.44
C LYS A 83 -6.25 1.72 12.55
N SER A 84 -7.34 1.61 11.81
CA SER A 84 -7.53 0.48 10.92
C SER A 84 -6.53 0.56 9.76
N VAL A 85 -6.30 1.78 9.29
CA VAL A 85 -5.39 2.01 8.20
C VAL A 85 -3.95 1.89 8.72
N LEU A 86 -3.60 2.82 9.58
CA LEU A 86 -2.26 2.84 10.16
C LEU A 86 -1.90 1.43 10.65
N GLU A 87 -2.94 0.66 10.94
CA GLU A 87 -2.75 -0.70 11.42
C GLU A 87 -1.92 -1.50 10.41
N LYS A 88 -2.37 -1.47 9.16
CA LYS A 88 -1.69 -2.19 8.10
C LYS A 88 -0.31 -1.58 7.89
N ASN A 89 -0.23 -0.27 8.10
CA ASN A 89 1.03 0.45 7.93
C ASN A 89 1.98 0.06 9.06
N LYS A 90 3.01 -0.68 8.68
CA LYS A 90 4.00 -1.12 9.66
C LYS A 90 4.32 0.02 10.61
N ILE A 91 4.90 -0.34 11.75
CA ILE A 91 5.26 0.65 12.75
C ILE A 91 5.86 1.87 12.07
N GLU A 92 6.96 1.64 11.36
CA GLU A 92 7.64 2.71 10.65
C GLU A 92 8.09 3.80 11.64
N GLU A 93 9.18 4.44 11.29
CA GLU A 93 9.72 5.50 12.14
C GLU A 93 9.00 6.82 11.87
N GLU A 94 9.51 7.87 12.48
CA GLU A 94 8.91 9.19 12.32
C GLU A 94 9.60 9.95 11.19
N ALA A 95 9.48 11.28 11.24
CA ALA A 95 10.09 12.12 10.23
C ALA A 95 9.55 13.54 10.37
N GLU A 96 9.93 14.17 11.48
CA GLU A 96 9.49 15.53 11.76
C GLU A 96 9.67 16.40 10.51
N ALA A 97 10.92 16.60 10.14
CA ALA A 97 11.24 17.41 8.97
C ALA A 97 10.72 18.83 9.19
N GLU A 98 11.40 19.78 8.55
CA GLU A 98 11.02 21.18 8.66
C GLU A 98 11.76 22.02 7.62
N VAL A 99 13.05 21.74 7.49
CA VAL A 99 13.87 22.46 6.54
C VAL A 99 13.18 22.46 5.17
N ALA A 100 12.74 23.63 4.76
CA ALA A 100 12.06 23.78 3.48
C ALA A 100 11.75 25.26 3.24
N GLU A 101 10.77 25.75 3.97
CA GLU A 101 10.37 27.15 3.85
C GLU A 101 9.46 27.54 5.02
N GLU A 102 9.15 28.83 5.08
CA GLU A 102 8.30 29.35 6.14
C GLU A 102 8.63 28.67 7.46
N MET A 1 6.64 -10.55 -9.53
CA MET A 1 5.22 -10.62 -9.81
C MET A 1 4.85 -9.74 -11.01
N ASP A 2 3.58 -9.80 -11.37
CA ASP A 2 3.09 -9.03 -12.51
C ASP A 2 2.00 -8.07 -12.02
N ILE A 3 2.34 -6.80 -11.98
CA ILE A 3 1.40 -5.78 -11.54
C ILE A 3 1.01 -4.90 -12.73
N SER A 4 -0.26 -4.50 -12.74
CA SER A 4 -0.75 -3.66 -13.80
C SER A 4 -1.48 -2.44 -13.22
N ILE A 5 -1.08 -1.27 -13.69
CA ILE A 5 -1.69 -0.03 -13.23
C ILE A 5 -3.04 0.17 -13.92
N ILE A 6 -4.02 0.55 -13.11
CA ILE A 6 -5.35 0.78 -13.63
C ILE A 6 -5.57 2.27 -13.85
N SER A 7 -5.40 3.04 -12.78
CA SER A 7 -5.57 4.47 -12.84
C SER A 7 -4.58 5.16 -11.91
N ASP A 8 -4.35 6.44 -12.16
CA ASP A 8 -3.42 7.21 -11.35
C ASP A 8 -4.06 8.56 -11.00
N ARG A 9 -4.69 8.59 -9.83
CA ARG A 9 -5.34 9.81 -9.37
C ARG A 9 -4.46 10.54 -8.36
N ASN A 10 -4.72 11.83 -8.22
CA ASN A 10 -3.96 12.65 -7.29
C ASN A 10 -4.92 13.37 -6.34
N ASN A 11 -4.62 13.27 -5.06
CA ASN A 11 -5.45 13.91 -4.05
C ASN A 11 -4.60 14.90 -3.25
N PRO A 12 -4.60 16.18 -3.73
CA PRO A 12 -3.83 17.22 -3.07
C PRO A 12 -4.52 17.67 -1.78
N LEU A 13 -5.84 17.75 -1.85
CA LEU A 13 -6.62 18.17 -0.70
C LEU A 13 -6.04 17.53 0.57
N LEU A 14 -6.37 16.26 0.76
CA LEU A 14 -5.89 15.53 1.92
C LEU A 14 -4.37 15.41 1.84
N GLN A 15 -3.84 15.67 0.65
CA GLN A 15 -2.41 15.59 0.44
C GLN A 15 -1.98 14.13 0.26
N ARG A 16 -2.90 13.33 -0.28
CA ARG A 16 -2.62 11.92 -0.48
C ARG A 16 -2.62 11.61 -1.99
N ARG A 17 -2.36 10.34 -2.29
CA ARG A 17 -2.32 9.90 -3.67
C ARG A 17 -3.17 8.64 -3.85
N GLU A 18 -4.11 8.71 -4.80
CA GLU A 18 -4.97 7.59 -5.07
C GLU A 18 -4.55 6.88 -6.36
N ILE A 19 -3.87 5.76 -6.18
CA ILE A 19 -3.39 4.99 -7.32
C ILE A 19 -3.91 3.56 -7.21
N LYS A 20 -4.65 3.14 -8.22
CA LYS A 20 -5.21 1.79 -8.25
C LYS A 20 -4.43 0.94 -9.26
N PHE A 21 -4.30 -0.33 -8.93
CA PHE A 21 -3.59 -1.26 -9.79
C PHE A 21 -4.01 -2.70 -9.52
N THR A 22 -3.40 -3.62 -10.26
CA THR A 22 -3.70 -5.03 -10.11
C THR A 22 -2.41 -5.83 -9.89
N VAL A 23 -2.58 -7.03 -9.36
CA VAL A 23 -1.44 -7.89 -9.10
C VAL A 23 -1.80 -9.34 -9.49
N SER A 24 -1.00 -9.89 -10.40
CA SER A 24 -1.22 -11.25 -10.85
C SER A 24 -0.08 -12.16 -10.39
N PHE A 25 -0.46 -13.34 -9.95
CA PHE A 25 0.51 -14.31 -9.47
C PHE A 25 -0.14 -15.66 -9.17
N ASP A 26 0.64 -16.71 -9.39
CA ASP A 26 0.14 -18.05 -9.15
C ASP A 26 1.02 -18.74 -8.10
N ALA A 27 0.69 -18.48 -6.84
CA ALA A 27 1.43 -19.06 -5.73
C ALA A 27 0.73 -18.71 -4.41
N ALA A 28 1.03 -17.53 -3.91
CA ALA A 28 0.44 -17.07 -2.67
C ALA A 28 0.85 -15.62 -2.42
N THR A 29 0.03 -14.94 -1.63
CA THR A 29 0.29 -13.54 -1.30
C THR A 29 1.49 -13.43 -0.35
N PRO A 30 2.47 -12.58 -0.76
CA PRO A 30 3.66 -12.38 0.04
C PRO A 30 3.36 -11.50 1.26
N SER A 31 3.52 -10.20 1.06
CA SER A 31 3.27 -9.24 2.13
C SER A 31 3.05 -7.85 1.55
N ILE A 32 2.46 -6.99 2.35
CA ILE A 32 2.19 -5.62 1.93
C ILE A 32 3.51 -4.94 1.57
N LYS A 33 4.43 -4.97 2.53
CA LYS A 33 5.74 -4.36 2.33
C LYS A 33 6.40 -4.97 1.11
N ASP A 34 6.41 -6.29 1.07
CA ASP A 34 7.02 -7.01 -0.04
C ASP A 34 6.34 -6.58 -1.35
N VAL A 35 5.05 -6.29 -1.25
CA VAL A 35 4.30 -5.87 -2.41
C VAL A 35 4.58 -4.39 -2.69
N LYS A 36 4.81 -3.66 -1.62
CA LYS A 36 5.10 -2.23 -1.74
C LYS A 36 6.45 -2.05 -2.43
N MET A 37 7.30 -3.05 -2.27
CA MET A 37 8.62 -3.01 -2.87
C MET A 37 8.54 -2.72 -4.38
N LYS A 38 7.93 -3.67 -5.09
CA LYS A 38 7.77 -3.53 -6.52
C LYS A 38 6.91 -2.30 -6.82
N LEU A 39 5.92 -2.09 -5.96
CA LEU A 39 5.02 -0.97 -6.12
C LEU A 39 5.84 0.33 -6.19
N VAL A 40 6.90 0.36 -5.41
CA VAL A 40 7.77 1.53 -5.37
C VAL A 40 8.42 1.71 -6.74
N ALA A 41 8.85 0.59 -7.31
CA ALA A 41 9.48 0.63 -8.62
C ALA A 41 8.43 0.86 -9.69
N VAL A 42 7.21 0.43 -9.40
CA VAL A 42 6.11 0.59 -10.33
C VAL A 42 5.63 2.04 -10.30
N LEU A 43 5.35 2.51 -9.09
CA LEU A 43 4.87 3.87 -8.91
C LEU A 43 6.04 4.84 -9.12
N ASN A 44 7.20 4.42 -8.65
CA ASN A 44 8.41 5.23 -8.76
C ASN A 44 8.28 6.45 -7.84
N ALA A 45 8.08 6.15 -6.56
CA ALA A 45 7.95 7.22 -5.56
C ALA A 45 8.59 6.75 -4.26
N ASN A 46 8.37 7.54 -3.22
CA ASN A 46 8.92 7.23 -1.90
C ASN A 46 8.36 5.89 -1.43
N LYS A 47 9.22 5.12 -0.79
CA LYS A 47 8.82 3.82 -0.28
C LYS A 47 8.60 3.91 1.24
N GLN A 48 9.22 4.92 1.83
CA GLN A 48 9.11 5.14 3.26
C GLN A 48 7.67 5.56 3.62
N VAL A 49 7.20 6.56 2.91
CA VAL A 49 5.86 7.07 3.13
C VAL A 49 4.91 6.50 2.08
N LEU A 50 5.00 5.19 1.89
CA LEU A 50 4.16 4.52 0.92
C LEU A 50 3.61 3.22 1.53
N VAL A 51 2.32 3.01 1.33
CA VAL A 51 1.66 1.82 1.86
C VAL A 51 0.45 1.49 0.99
N VAL A 52 -0.17 0.37 1.31
CA VAL A 52 -1.34 -0.08 0.56
C VAL A 52 -2.58 0.14 1.42
N ASP A 53 -3.72 0.26 0.74
CA ASP A 53 -4.99 0.47 1.42
C ASP A 53 -5.70 -0.88 1.58
N THR A 54 -5.92 -1.54 0.46
CA THR A 54 -6.59 -2.83 0.47
C THR A 54 -6.37 -3.54 -0.86
N LEU A 55 -6.61 -4.85 -0.84
CA LEU A 55 -6.45 -5.67 -2.03
C LEU A 55 -7.48 -6.80 -2.01
N ASP A 56 -7.54 -7.51 -3.13
CA ASP A 56 -8.47 -8.62 -3.26
C ASP A 56 -7.96 -9.58 -4.34
N GLN A 57 -7.84 -10.84 -3.95
CA GLN A 57 -7.39 -11.87 -4.87
C GLN A 57 -8.56 -12.50 -5.62
N ILE A 58 -8.45 -12.53 -6.93
CA ILE A 58 -9.50 -13.08 -7.77
C ILE A 58 -9.49 -14.61 -7.61
N PHE A 59 -10.69 -15.15 -7.45
CA PHE A 59 -10.85 -16.59 -7.28
C PHE A 59 -10.89 -17.30 -8.64
N GLY A 60 -11.63 -16.69 -9.56
CA GLY A 60 -11.76 -17.25 -10.90
C GLY A 60 -10.41 -17.78 -11.41
N LYS A 61 -9.43 -16.89 -11.39
CA LYS A 61 -8.10 -17.25 -11.85
C LYS A 61 -7.10 -17.01 -10.71
N LEU A 62 -5.90 -16.60 -11.10
CA LEU A 62 -4.85 -16.33 -10.13
C LEU A 62 -4.48 -14.85 -10.17
N GLU A 63 -5.51 -14.02 -10.24
CA GLU A 63 -5.31 -12.58 -10.28
C GLU A 63 -5.68 -11.96 -8.94
N ALA A 64 -5.38 -10.67 -8.82
CA ALA A 64 -5.67 -9.94 -7.60
C ALA A 64 -5.70 -8.44 -7.90
N GLU A 65 -6.71 -7.78 -7.34
CA GLU A 65 -6.87 -6.35 -7.54
C GLU A 65 -6.86 -5.62 -6.20
N GLY A 66 -6.20 -4.48 -6.18
CA GLY A 66 -6.11 -3.68 -4.98
C GLY A 66 -5.77 -2.22 -5.29
N TYR A 67 -5.89 -1.38 -4.29
CA TYR A 67 -5.59 0.04 -4.45
C TYR A 67 -4.46 0.47 -3.53
N ALA A 68 -3.58 1.30 -4.08
CA ALA A 68 -2.44 1.79 -3.32
C ALA A 68 -2.71 3.24 -2.90
N LYS A 69 -2.01 3.66 -1.86
CA LYS A 69 -2.16 5.02 -1.35
C LYS A 69 -0.78 5.57 -0.96
N ILE A 70 -0.66 6.88 -1.09
CA ILE A 70 0.60 7.55 -0.76
C ILE A 70 0.30 8.89 -0.09
N TYR A 71 1.03 9.17 0.97
CA TYR A 71 0.86 10.41 1.70
C TYR A 71 2.05 11.35 1.49
N ASN A 72 2.00 12.48 2.17
CA ASN A 72 3.07 13.47 2.06
C ASN A 72 3.87 13.49 3.36
N ASP A 73 3.15 13.42 4.48
CA ASP A 73 3.78 13.43 5.77
C ASP A 73 2.91 12.66 6.77
N GLU A 74 3.51 11.66 7.40
CA GLU A 74 2.79 10.85 8.37
C GLU A 74 2.15 11.74 9.43
N LYS A 75 2.67 12.95 9.54
CA LYS A 75 2.15 13.91 10.51
C LYS A 75 0.66 14.14 10.25
N ALA A 76 0.34 14.29 8.97
CA ALA A 76 -1.03 14.53 8.57
C ALA A 76 -1.81 13.22 8.66
N MET A 77 -1.27 12.20 8.03
CA MET A 77 -1.90 10.88 8.03
C MET A 77 -2.17 10.41 9.46
N ALA A 78 -1.14 10.50 10.29
CA ALA A 78 -1.26 10.09 11.68
C ALA A 78 -2.53 10.69 12.28
N THR A 79 -2.67 11.99 12.10
CA THR A 79 -3.84 12.69 12.62
C THR A 79 -5.08 12.37 11.78
N ILE A 80 -5.00 12.72 10.51
CA ILE A 80 -6.10 12.48 9.60
C ILE A 80 -6.70 11.10 9.88
N GLU A 81 -5.90 10.08 9.61
CA GLU A 81 -6.33 8.71 9.83
C GLU A 81 -6.07 8.30 11.28
N THR A 82 -6.34 7.03 11.56
CA THR A 82 -6.13 6.51 12.90
C THR A 82 -5.32 5.21 12.84
N LYS A 83 -5.27 4.54 13.99
CA LYS A 83 -4.53 3.29 14.09
C LYS A 83 -5.14 2.26 13.13
N SER A 84 -6.38 2.52 12.75
CA SER A 84 -7.09 1.64 11.84
C SER A 84 -6.32 1.52 10.52
N VAL A 85 -5.99 2.69 9.96
CA VAL A 85 -5.26 2.73 8.70
C VAL A 85 -3.79 2.46 8.97
N LEU A 86 -3.28 3.07 10.02
CA LEU A 86 -1.88 2.91 10.39
C LEU A 86 -1.63 1.45 10.79
N GLU A 87 -2.72 0.76 11.11
CA GLU A 87 -2.63 -0.64 11.49
C GLU A 87 -2.09 -1.48 10.34
N LYS A 88 -2.74 -1.34 9.19
CA LYS A 88 -2.32 -2.07 8.00
C LYS A 88 -0.90 -1.64 7.61
N ASN A 89 -0.61 -0.39 7.86
CA ASN A 89 0.71 0.16 7.54
C ASN A 89 1.68 -0.20 8.66
N LYS A 90 2.51 -1.21 8.39
CA LYS A 90 3.48 -1.66 9.36
C LYS A 90 4.53 -0.56 9.57
N ILE A 91 5.23 -0.66 10.69
CA ILE A 91 6.25 0.33 11.02
C ILE A 91 7.59 -0.39 11.20
N GLU A 92 7.80 -0.90 12.41
CA GLU A 92 9.03 -1.60 12.73
C GLU A 92 8.79 -3.10 12.76
N GLU A 93 9.84 -3.85 13.09
CA GLU A 93 9.75 -5.29 13.16
C GLU A 93 10.26 -5.79 14.51
N GLU A 94 10.17 -7.09 14.70
CA GLU A 94 10.61 -7.70 15.95
C GLU A 94 12.12 -7.97 15.89
N ALA A 95 12.56 -8.83 16.80
CA ALA A 95 13.96 -9.19 16.86
C ALA A 95 14.22 -10.02 18.12
N GLU A 96 13.70 -11.25 18.10
CA GLU A 96 13.87 -12.15 19.22
C GLU A 96 15.30 -12.05 19.78
N ALA A 97 16.25 -12.41 18.93
CA ALA A 97 17.65 -12.38 19.32
C ALA A 97 18.52 -12.57 18.08
N GLU A 98 19.77 -12.12 18.21
CA GLU A 98 20.72 -12.24 17.11
C GLU A 98 22.14 -11.94 17.59
N VAL A 99 22.27 -10.79 18.26
CA VAL A 99 23.56 -10.38 18.77
C VAL A 99 23.95 -11.29 19.94
N ALA A 100 25.19 -11.72 19.92
CA ALA A 100 25.71 -12.60 20.96
C ALA A 100 27.21 -12.79 20.78
N GLU A 101 27.83 -13.39 21.78
CA GLU A 101 29.26 -13.65 21.74
C GLU A 101 29.57 -15.04 22.28
N GLU A 102 30.77 -15.50 21.98
CA GLU A 102 31.20 -16.82 22.43
C GLU A 102 31.60 -16.76 23.90
N MET A 1 6.25 -11.27 -9.85
CA MET A 1 4.97 -10.62 -9.61
C MET A 1 4.53 -9.80 -10.83
N ASP A 2 3.27 -9.96 -11.19
CA ASP A 2 2.71 -9.25 -12.32
C ASP A 2 1.71 -8.21 -11.83
N ILE A 3 2.09 -6.95 -11.99
CA ILE A 3 1.23 -5.85 -11.55
C ILE A 3 0.92 -4.95 -12.76
N SER A 4 -0.27 -4.40 -12.75
CA SER A 4 -0.70 -3.52 -13.83
C SER A 4 -1.49 -2.34 -13.25
N ILE A 5 -1.08 -1.15 -13.66
CA ILE A 5 -1.72 0.07 -13.20
C ILE A 5 -3.05 0.25 -13.95
N ILE A 6 -4.05 0.71 -13.21
CA ILE A 6 -5.37 0.92 -13.78
C ILE A 6 -5.60 2.42 -13.97
N SER A 7 -5.50 3.15 -12.86
CA SER A 7 -5.69 4.59 -12.89
C SER A 7 -4.68 5.27 -11.97
N ASP A 8 -4.52 6.57 -12.17
CA ASP A 8 -3.59 7.34 -11.37
C ASP A 8 -4.26 8.64 -10.92
N ARG A 9 -4.95 8.55 -9.79
CA ARG A 9 -5.64 9.71 -9.25
C ARG A 9 -4.75 10.44 -8.25
N ASN A 10 -5.01 11.73 -8.09
CA ASN A 10 -4.24 12.55 -7.17
C ASN A 10 -5.19 13.29 -6.24
N ASN A 11 -4.87 13.23 -4.95
CA ASN A 11 -5.70 13.89 -3.95
C ASN A 11 -4.83 14.89 -3.17
N PRO A 12 -4.82 16.15 -3.67
CA PRO A 12 -4.04 17.20 -3.03
C PRO A 12 -4.72 17.68 -1.74
N LEU A 13 -6.05 17.77 -1.81
CA LEU A 13 -6.82 18.21 -0.66
C LEU A 13 -6.24 17.60 0.61
N LEU A 14 -6.42 16.29 0.72
CA LEU A 14 -5.92 15.57 1.88
C LEU A 14 -4.40 15.49 1.81
N GLN A 15 -3.88 15.72 0.61
CA GLN A 15 -2.43 15.68 0.41
C GLN A 15 -1.95 14.24 0.25
N ARG A 16 -2.82 13.42 -0.34
CA ARG A 16 -2.50 12.03 -0.56
C ARG A 16 -2.68 11.65 -2.03
N ARG A 17 -2.13 10.50 -2.39
CA ARG A 17 -2.23 10.02 -3.77
C ARG A 17 -3.03 8.72 -3.82
N GLU A 18 -4.05 8.72 -4.67
CA GLU A 18 -4.89 7.56 -4.83
C GLU A 18 -4.63 6.89 -6.18
N ILE A 19 -3.96 5.75 -6.13
CA ILE A 19 -3.64 5.02 -7.33
C ILE A 19 -4.18 3.59 -7.21
N LYS A 20 -4.85 3.15 -8.27
CA LYS A 20 -5.42 1.81 -8.30
C LYS A 20 -4.66 0.95 -9.32
N PHE A 21 -4.47 -0.30 -8.97
CA PHE A 21 -3.77 -1.23 -9.84
C PHE A 21 -4.16 -2.67 -9.53
N THR A 22 -3.56 -3.59 -10.29
CA THR A 22 -3.83 -5.01 -10.10
C THR A 22 -2.52 -5.78 -9.86
N VAL A 23 -2.67 -6.95 -9.27
CA VAL A 23 -1.53 -7.79 -8.98
C VAL A 23 -1.92 -9.25 -9.11
N SER A 24 -1.09 -10.00 -9.82
CA SER A 24 -1.34 -11.42 -10.02
C SER A 24 -0.06 -12.22 -9.77
N PHE A 25 -0.26 -13.45 -9.34
CA PHE A 25 0.88 -14.34 -9.06
C PHE A 25 0.43 -15.80 -9.03
N ASP A 26 1.41 -16.68 -9.06
CA ASP A 26 1.14 -18.11 -9.04
C ASP A 26 1.77 -18.72 -7.79
N ALA A 27 0.92 -19.01 -6.82
CA ALA A 27 1.38 -19.59 -5.57
C ALA A 27 2.32 -18.62 -4.86
N ALA A 28 2.42 -18.78 -3.55
CA ALA A 28 3.28 -17.92 -2.75
C ALA A 28 2.65 -16.53 -2.64
N THR A 29 2.02 -16.29 -1.51
CA THR A 29 1.38 -15.01 -1.26
C THR A 29 2.31 -14.09 -0.46
N PRO A 30 2.70 -12.97 -1.13
CA PRO A 30 3.58 -12.00 -0.49
C PRO A 30 2.82 -11.17 0.55
N SER A 31 3.42 -10.04 0.91
CA SER A 31 2.82 -9.15 1.88
C SER A 31 2.75 -7.73 1.31
N ILE A 32 2.17 -6.84 2.10
CA ILE A 32 2.03 -5.45 1.70
C ILE A 32 3.42 -4.82 1.58
N LYS A 33 4.19 -4.95 2.65
CA LYS A 33 5.53 -4.40 2.68
C LYS A 33 6.36 -5.03 1.55
N ASP A 34 6.16 -6.33 1.37
CA ASP A 34 6.88 -7.06 0.34
C ASP A 34 6.32 -6.67 -1.03
N VAL A 35 5.04 -6.31 -1.03
CA VAL A 35 4.37 -5.92 -2.26
C VAL A 35 4.77 -4.49 -2.63
N LYS A 36 4.88 -3.66 -1.61
CA LYS A 36 5.24 -2.27 -1.80
C LYS A 36 6.60 -2.20 -2.51
N MET A 37 7.40 -3.24 -2.29
CA MET A 37 8.71 -3.31 -2.90
C MET A 37 8.64 -3.09 -4.40
N LYS A 38 7.83 -3.92 -5.05
CA LYS A 38 7.67 -3.83 -6.49
C LYS A 38 6.88 -2.56 -6.82
N LEU A 39 5.75 -2.40 -6.15
CA LEU A 39 4.91 -1.24 -6.37
C LEU A 39 5.76 0.04 -6.26
N VAL A 40 6.74 -0.02 -5.38
CA VAL A 40 7.63 1.12 -5.16
C VAL A 40 8.33 1.44 -6.48
N ALA A 41 8.79 0.39 -7.15
CA ALA A 41 9.49 0.56 -8.42
C ALA A 41 8.48 0.93 -9.50
N VAL A 42 7.28 0.36 -9.38
CA VAL A 42 6.23 0.62 -10.34
C VAL A 42 5.78 2.08 -10.22
N LEU A 43 5.46 2.46 -9.00
CA LEU A 43 5.01 3.82 -8.74
C LEU A 43 6.21 4.77 -8.79
N ASN A 44 7.36 4.24 -8.39
CA ASN A 44 8.59 5.02 -8.38
C ASN A 44 8.38 6.28 -7.54
N ALA A 45 8.13 6.06 -6.25
CA ALA A 45 7.93 7.16 -5.33
C ALA A 45 8.59 6.84 -3.99
N ASN A 46 8.39 7.72 -3.04
CA ASN A 46 8.96 7.55 -1.71
C ASN A 46 8.41 6.26 -1.10
N LYS A 47 9.25 5.24 -1.11
CA LYS A 47 8.87 3.95 -0.56
C LYS A 47 8.65 4.09 0.96
N GLN A 48 9.32 5.09 1.53
CA GLN A 48 9.20 5.34 2.95
C GLN A 48 7.74 5.62 3.33
N VAL A 49 7.23 6.73 2.80
CA VAL A 49 5.86 7.12 3.08
C VAL A 49 4.95 6.54 1.99
N LEU A 50 5.07 5.23 1.80
CA LEU A 50 4.27 4.54 0.80
C LEU A 50 3.68 3.28 1.41
N VAL A 51 2.40 3.05 1.15
CA VAL A 51 1.71 1.89 1.66
C VAL A 51 0.55 1.54 0.73
N VAL A 52 -0.11 0.43 1.06
CA VAL A 52 -1.23 -0.03 0.25
C VAL A 52 -2.53 0.25 1.02
N ASP A 53 -3.57 0.55 0.25
CA ASP A 53 -4.87 0.84 0.82
C ASP A 53 -5.59 -0.48 1.15
N THR A 54 -5.75 -1.29 0.12
CA THR A 54 -6.41 -2.58 0.27
C THR A 54 -6.26 -3.41 -1.00
N LEU A 55 -6.48 -4.71 -0.86
CA LEU A 55 -6.38 -5.62 -1.97
C LEU A 55 -7.54 -6.63 -1.92
N ASP A 56 -7.64 -7.41 -2.97
CA ASP A 56 -8.69 -8.42 -3.05
C ASP A 56 -8.32 -9.45 -4.13
N GLN A 57 -8.28 -10.71 -3.71
CA GLN A 57 -7.94 -11.78 -4.62
C GLN A 57 -9.09 -12.04 -5.60
N ILE A 58 -8.72 -12.40 -6.82
CA ILE A 58 -9.71 -12.67 -7.85
C ILE A 58 -10.03 -14.16 -7.87
N PHE A 59 -11.32 -14.46 -7.87
CA PHE A 59 -11.78 -15.83 -7.88
C PHE A 59 -11.61 -16.45 -9.28
N GLY A 60 -12.08 -15.72 -10.28
CA GLY A 60 -12.00 -16.18 -11.65
C GLY A 60 -10.67 -16.92 -11.90
N LYS A 61 -9.59 -16.21 -11.68
CA LYS A 61 -8.26 -16.77 -11.88
C LYS A 61 -7.42 -16.53 -10.63
N LEU A 62 -6.11 -16.51 -10.83
CA LEU A 62 -5.18 -16.29 -9.74
C LEU A 62 -4.76 -14.81 -9.71
N GLU A 63 -5.74 -13.95 -9.95
CA GLU A 63 -5.49 -12.52 -9.95
C GLU A 63 -5.82 -11.91 -8.59
N ALA A 64 -5.44 -10.65 -8.43
CA ALA A 64 -5.70 -9.94 -7.19
C ALA A 64 -5.66 -8.44 -7.45
N GLU A 65 -6.81 -7.80 -7.24
CA GLU A 65 -6.92 -6.37 -7.44
C GLU A 65 -6.88 -5.63 -6.10
N GLY A 66 -6.22 -4.49 -6.12
CA GLY A 66 -6.09 -3.68 -4.91
C GLY A 66 -5.81 -2.21 -5.25
N TYR A 67 -5.84 -1.38 -4.23
CA TYR A 67 -5.59 0.04 -4.40
C TYR A 67 -4.36 0.48 -3.62
N ALA A 68 -3.46 1.17 -4.32
CA ALA A 68 -2.24 1.65 -3.70
C ALA A 68 -2.37 3.15 -3.43
N LYS A 69 -2.09 3.53 -2.19
CA LYS A 69 -2.16 4.93 -1.79
C LYS A 69 -0.77 5.41 -1.38
N ILE A 70 -0.54 6.70 -1.59
CA ILE A 70 0.74 7.30 -1.24
C ILE A 70 0.50 8.47 -0.28
N TYR A 71 1.34 8.53 0.75
CA TYR A 71 1.23 9.60 1.73
C TYR A 71 2.19 10.74 1.42
N ASN A 72 2.07 11.80 2.20
CA ASN A 72 2.92 12.97 2.01
C ASN A 72 3.69 13.26 3.31
N ASP A 73 2.94 13.18 4.41
CA ASP A 73 3.53 13.43 5.71
C ASP A 73 2.74 12.67 6.78
N GLU A 74 3.45 11.87 7.55
CA GLU A 74 2.83 11.09 8.61
C GLU A 74 2.16 12.01 9.62
N LYS A 75 2.58 13.27 9.61
CA LYS A 75 2.03 14.26 10.52
C LYS A 75 0.52 14.34 10.32
N ALA A 76 0.12 14.48 9.06
CA ALA A 76 -1.28 14.56 8.71
C ALA A 76 -1.93 13.19 8.88
N MET A 77 -1.33 12.20 8.23
CA MET A 77 -1.83 10.84 8.30
C MET A 77 -2.09 10.42 9.75
N ALA A 78 -1.11 10.74 10.60
CA ALA A 78 -1.21 10.39 12.01
C ALA A 78 -2.58 10.81 12.53
N THR A 79 -3.08 11.92 12.00
CA THR A 79 -4.37 12.43 12.40
C THR A 79 -5.45 12.05 11.38
N ILE A 80 -5.30 12.60 10.18
CA ILE A 80 -6.24 12.33 9.11
C ILE A 80 -6.61 10.84 9.13
N GLU A 81 -5.66 10.02 8.73
CA GLU A 81 -5.87 8.59 8.70
C GLU A 81 -6.25 8.08 10.09
N THR A 82 -6.57 6.79 10.15
CA THR A 82 -6.95 6.17 11.41
C THR A 82 -6.13 4.90 11.65
N LYS A 83 -6.23 4.40 12.87
CA LYS A 83 -5.50 3.20 13.24
C LYS A 83 -5.78 2.10 12.22
N SER A 84 -6.91 2.24 11.54
CA SER A 84 -7.31 1.27 10.53
C SER A 84 -6.28 1.25 9.39
N VAL A 85 -5.95 2.45 8.92
CA VAL A 85 -4.99 2.59 7.84
C VAL A 85 -3.59 2.24 8.36
N LEU A 86 -3.27 2.79 9.51
CA LEU A 86 -1.98 2.54 10.13
C LEU A 86 -1.87 1.07 10.53
N GLU A 87 -3.04 0.45 10.68
CA GLU A 87 -3.09 -0.95 11.06
C GLU A 87 -2.46 -1.82 9.97
N LYS A 88 -2.94 -1.64 8.77
CA LYS A 88 -2.42 -2.40 7.63
C LYS A 88 -0.99 -1.97 7.34
N ASN A 89 -0.72 -0.70 7.60
CA ASN A 89 0.61 -0.16 7.37
C ASN A 89 1.57 -0.73 8.42
N LYS A 90 2.39 -1.68 7.95
CA LYS A 90 3.35 -2.30 8.83
C LYS A 90 4.05 -1.23 9.68
N ILE A 91 4.69 -1.70 10.74
CA ILE A 91 5.40 -0.80 11.64
C ILE A 91 6.13 0.27 10.81
N GLU A 92 7.19 -0.16 10.16
CA GLU A 92 7.99 0.74 9.34
C GLU A 92 8.65 1.81 10.21
N GLU A 93 7.95 2.92 10.37
CA GLU A 93 8.46 4.02 11.17
C GLU A 93 8.07 3.83 12.64
N GLU A 94 8.38 4.84 13.44
CA GLU A 94 8.07 4.80 14.86
C GLU A 94 6.69 5.39 15.12
N ALA A 95 6.47 5.79 16.37
CA ALA A 95 5.20 6.38 16.75
C ALA A 95 5.10 6.40 18.28
N GLU A 96 5.44 7.54 18.85
CA GLU A 96 5.39 7.70 20.29
C GLU A 96 4.16 7.00 20.86
N ALA A 97 3.00 7.48 20.44
CA ALA A 97 1.73 6.91 20.91
C ALA A 97 0.75 6.86 19.74
N GLU A 98 0.14 5.69 19.57
CA GLU A 98 -0.82 5.49 18.51
C GLU A 98 -1.93 6.55 18.59
N VAL A 99 -2.57 6.61 19.75
CA VAL A 99 -3.65 7.56 19.97
C VAL A 99 -4.61 7.50 18.78
N ALA A 100 -5.63 8.34 18.87
CA ALA A 100 -6.64 8.40 17.81
C ALA A 100 -7.59 9.58 18.08
N GLU A 101 -8.54 9.74 17.18
CA GLU A 101 -9.52 10.81 17.32
C GLU A 101 -10.94 10.26 17.20
N GLU A 102 -11.89 11.07 17.64
CA GLU A 102 -13.29 10.67 17.59
C GLU A 102 -13.46 9.27 18.18
N MET A 1 5.00 -13.12 -10.94
CA MET A 1 4.52 -11.92 -10.27
C MET A 1 4.61 -10.70 -11.20
N ASP A 2 3.49 -10.01 -11.34
CA ASP A 2 3.45 -8.84 -12.18
C ASP A 2 2.26 -7.96 -11.76
N ILE A 3 2.48 -6.66 -11.80
CA ILE A 3 1.44 -5.71 -11.43
C ILE A 3 1.14 -4.80 -12.62
N SER A 4 -0.12 -4.38 -12.70
CA SER A 4 -0.55 -3.51 -13.77
C SER A 4 -1.35 -2.33 -13.22
N ILE A 5 -0.98 -1.14 -13.66
CA ILE A 5 -1.65 0.06 -13.20
C ILE A 5 -2.97 0.23 -13.99
N ILE A 6 -4.01 0.55 -13.24
CA ILE A 6 -5.32 0.75 -13.84
C ILE A 6 -5.54 2.23 -14.11
N SER A 7 -5.54 3.01 -13.02
CA SER A 7 -5.73 4.45 -13.13
C SER A 7 -4.71 5.17 -12.25
N ASP A 8 -4.69 6.49 -12.40
CA ASP A 8 -3.78 7.32 -11.64
C ASP A 8 -4.52 8.53 -11.09
N ARG A 9 -4.94 8.41 -9.83
CA ARG A 9 -5.65 9.49 -9.18
C ARG A 9 -4.74 10.23 -8.21
N ASN A 10 -5.04 11.51 -8.03
CA ASN A 10 -4.25 12.34 -7.12
C ASN A 10 -5.20 13.16 -6.23
N ASN A 11 -4.99 13.03 -4.94
CA ASN A 11 -5.81 13.73 -3.97
C ASN A 11 -4.94 14.74 -3.22
N PRO A 12 -4.89 15.98 -3.76
CA PRO A 12 -4.10 17.04 -3.14
C PRO A 12 -4.79 17.58 -1.89
N LEU A 13 -6.11 17.61 -1.95
CA LEU A 13 -6.90 18.09 -0.83
C LEU A 13 -6.34 17.52 0.48
N LEU A 14 -6.36 16.19 0.55
CA LEU A 14 -5.86 15.50 1.73
C LEU A 14 -4.38 15.17 1.53
N GLN A 15 -3.74 15.95 0.67
CA GLN A 15 -2.32 15.75 0.39
C GLN A 15 -2.01 14.25 0.33
N ARG A 16 -2.82 13.53 -0.43
CA ARG A 16 -2.63 12.10 -0.57
C ARG A 16 -2.66 11.70 -2.05
N ARG A 17 -2.35 10.44 -2.30
CA ARG A 17 -2.34 9.93 -3.66
C ARG A 17 -2.98 8.53 -3.71
N GLU A 18 -3.98 8.40 -4.56
CA GLU A 18 -4.67 7.13 -4.71
C GLU A 18 -4.47 6.58 -6.13
N ILE A 19 -3.78 5.46 -6.20
CA ILE A 19 -3.50 4.82 -7.48
C ILE A 19 -4.01 3.38 -7.44
N LYS A 20 -4.90 3.08 -8.37
CA LYS A 20 -5.47 1.74 -8.46
C LYS A 20 -4.62 0.89 -9.41
N PHE A 21 -4.34 -0.33 -8.97
CA PHE A 21 -3.54 -1.24 -9.76
C PHE A 21 -4.00 -2.70 -9.55
N THR A 22 -3.32 -3.60 -10.23
CA THR A 22 -3.64 -5.02 -10.13
C THR A 22 -2.35 -5.85 -10.09
N VAL A 23 -2.51 -7.11 -9.71
CA VAL A 23 -1.38 -8.02 -9.63
C VAL A 23 -1.82 -9.41 -10.08
N SER A 24 -1.00 -10.01 -10.93
CA SER A 24 -1.29 -11.34 -11.43
C SER A 24 -0.18 -12.31 -11.02
N PHE A 25 -0.60 -13.46 -10.51
CA PHE A 25 0.34 -14.48 -10.07
C PHE A 25 -0.39 -15.73 -9.58
N ASP A 26 0.31 -16.85 -9.64
CA ASP A 26 -0.26 -18.11 -9.21
C ASP A 26 0.36 -18.52 -7.87
N ALA A 27 -0.19 -17.94 -6.80
CA ALA A 27 0.31 -18.24 -5.46
C ALA A 27 -0.45 -17.37 -4.46
N ALA A 28 0.19 -17.15 -3.32
CA ALA A 28 -0.40 -16.34 -2.27
C ALA A 28 0.44 -15.08 -2.05
N THR A 29 -0.24 -13.96 -1.86
CA THR A 29 0.43 -12.69 -1.65
C THR A 29 1.37 -12.79 -0.44
N PRO A 30 2.53 -12.09 -0.57
CA PRO A 30 3.52 -12.09 0.49
C PRO A 30 3.08 -11.21 1.67
N SER A 31 3.46 -9.94 1.59
CA SER A 31 3.10 -8.99 2.63
C SER A 31 2.90 -7.60 2.02
N ILE A 32 2.54 -6.67 2.88
CA ILE A 32 2.31 -5.30 2.44
C ILE A 32 3.65 -4.68 2.00
N LYS A 33 4.62 -4.75 2.90
CA LYS A 33 5.94 -4.20 2.62
C LYS A 33 6.52 -4.90 1.38
N ASP A 34 6.37 -6.22 1.36
CA ASP A 34 6.87 -7.00 0.25
C ASP A 34 6.22 -6.53 -1.04
N VAL A 35 4.98 -6.08 -0.92
CA VAL A 35 4.24 -5.60 -2.07
C VAL A 35 4.70 -4.18 -2.40
N LYS A 36 4.93 -3.40 -1.35
CA LYS A 36 5.37 -2.03 -1.53
C LYS A 36 6.70 -2.01 -2.27
N MET A 37 7.44 -3.10 -2.11
CA MET A 37 8.74 -3.23 -2.77
C MET A 37 8.62 -3.03 -4.28
N LYS A 38 7.88 -3.95 -4.91
CA LYS A 38 7.67 -3.89 -6.34
C LYS A 38 6.76 -2.71 -6.68
N LEU A 39 5.80 -2.47 -5.79
CA LEU A 39 4.85 -1.39 -5.96
C LEU A 39 5.60 -0.06 -5.96
N VAL A 40 6.69 -0.03 -5.20
CA VAL A 40 7.50 1.17 -5.11
C VAL A 40 8.11 1.49 -6.47
N ALA A 41 8.53 0.43 -7.16
CA ALA A 41 9.14 0.58 -8.47
C ALA A 41 8.04 0.89 -9.49
N VAL A 42 6.86 0.35 -9.23
CA VAL A 42 5.74 0.55 -10.12
C VAL A 42 5.22 1.98 -9.96
N LEU A 43 4.98 2.35 -8.72
CA LEU A 43 4.49 3.69 -8.42
C LEU A 43 5.62 4.70 -8.62
N ASN A 44 6.83 4.27 -8.29
CA ASN A 44 8.00 5.12 -8.44
C ASN A 44 7.83 6.36 -7.56
N ALA A 45 8.01 6.15 -6.26
CA ALA A 45 7.89 7.23 -5.30
C ALA A 45 8.66 6.88 -4.04
N ASN A 46 8.48 7.70 -3.02
CA ASN A 46 9.15 7.49 -1.74
C ASN A 46 8.58 6.24 -1.06
N LYS A 47 9.39 5.19 -1.03
CA LYS A 47 8.98 3.94 -0.42
C LYS A 47 8.84 4.15 1.09
N GLN A 48 9.55 5.14 1.59
CA GLN A 48 9.50 5.45 3.01
C GLN A 48 8.06 5.79 3.44
N VAL A 49 7.48 6.74 2.73
CA VAL A 49 6.12 7.16 3.02
C VAL A 49 5.17 6.58 1.97
N LEU A 50 5.23 5.28 1.82
CA LEU A 50 4.39 4.59 0.85
C LEU A 50 3.80 3.33 1.49
N VAL A 51 2.53 3.08 1.17
CA VAL A 51 1.84 1.92 1.71
C VAL A 51 0.71 1.52 0.76
N VAL A 52 0.12 0.37 1.05
CA VAL A 52 -0.97 -0.14 0.23
C VAL A 52 -2.27 -0.06 1.02
N ASP A 53 -3.34 0.27 0.32
CA ASP A 53 -4.65 0.39 0.95
C ASP A 53 -5.18 -1.02 1.26
N THR A 54 -5.27 -1.82 0.22
CA THR A 54 -5.77 -3.18 0.36
C THR A 54 -5.64 -3.93 -0.97
N LEU A 55 -5.81 -5.24 -0.89
CA LEU A 55 -5.73 -6.09 -2.07
C LEU A 55 -6.77 -7.21 -1.97
N ASP A 56 -6.92 -7.92 -3.08
CA ASP A 56 -7.87 -9.02 -3.13
C ASP A 56 -7.54 -9.92 -4.32
N GLN A 57 -7.23 -11.17 -4.00
CA GLN A 57 -6.88 -12.14 -5.03
C GLN A 57 -8.15 -12.67 -5.71
N ILE A 58 -8.19 -12.51 -7.02
CA ILE A 58 -9.33 -12.96 -7.79
C ILE A 58 -9.45 -14.48 -7.68
N PHE A 59 -10.67 -14.94 -7.46
CA PHE A 59 -10.93 -16.36 -7.34
C PHE A 59 -11.04 -17.03 -8.71
N GLY A 60 -11.83 -16.40 -9.58
CA GLY A 60 -12.02 -16.93 -10.92
C GLY A 60 -10.72 -17.50 -11.48
N LYS A 61 -9.73 -16.63 -11.62
CA LYS A 61 -8.44 -17.04 -12.14
C LYS A 61 -7.37 -16.84 -11.05
N LEU A 62 -6.16 -16.52 -11.50
CA LEU A 62 -5.07 -16.31 -10.58
C LEU A 62 -4.66 -14.83 -10.61
N GLU A 63 -5.67 -13.98 -10.58
CA GLU A 63 -5.43 -12.54 -10.60
C GLU A 63 -5.57 -11.96 -9.19
N ALA A 64 -5.25 -10.67 -9.08
CA ALA A 64 -5.35 -9.99 -7.80
C ALA A 64 -5.47 -8.49 -8.05
N GLU A 65 -6.40 -7.87 -7.33
CA GLU A 65 -6.63 -6.45 -7.45
C GLU A 65 -6.49 -5.77 -6.09
N GLY A 66 -5.91 -4.57 -6.11
CA GLY A 66 -5.72 -3.80 -4.89
C GLY A 66 -5.48 -2.33 -5.20
N TYR A 67 -5.57 -1.52 -4.16
CA TYR A 67 -5.37 -0.09 -4.30
C TYR A 67 -4.13 0.38 -3.53
N ALA A 68 -3.31 1.15 -4.22
CA ALA A 68 -2.09 1.66 -3.61
C ALA A 68 -2.26 3.16 -3.31
N LYS A 69 -2.02 3.51 -2.05
CA LYS A 69 -2.14 4.90 -1.63
C LYS A 69 -0.80 5.38 -1.08
N ILE A 70 -0.54 6.66 -1.29
CA ILE A 70 0.70 7.26 -0.82
C ILE A 70 0.38 8.53 -0.04
N TYR A 71 1.02 8.67 1.12
CA TYR A 71 0.81 9.82 1.96
C TYR A 71 1.80 10.94 1.60
N ASN A 72 1.70 12.04 2.34
CA ASN A 72 2.57 13.17 2.12
C ASN A 72 3.54 13.31 3.28
N ASP A 73 3.00 13.21 4.49
CA ASP A 73 3.81 13.31 5.68
C ASP A 73 3.06 12.67 6.86
N GLU A 74 3.76 11.80 7.56
CA GLU A 74 3.17 11.12 8.71
C GLU A 74 2.51 12.13 9.65
N LYS A 75 2.96 13.37 9.54
CA LYS A 75 2.42 14.43 10.37
C LYS A 75 0.93 14.58 10.10
N ALA A 76 0.59 14.68 8.82
CA ALA A 76 -0.80 14.81 8.42
C ALA A 76 -1.51 13.48 8.60
N MET A 77 -0.91 12.44 8.04
CA MET A 77 -1.48 11.10 8.14
C MET A 77 -1.79 10.74 9.59
N ALA A 78 -0.82 11.01 10.45
CA ALA A 78 -0.97 10.71 11.87
C ALA A 78 -2.33 11.22 12.34
N THR A 79 -2.78 12.30 11.70
CA THR A 79 -4.06 12.89 12.05
C THR A 79 -5.14 12.44 11.06
N ILE A 80 -4.90 12.74 9.79
CA ILE A 80 -5.84 12.37 8.75
C ILE A 80 -6.41 10.98 9.03
N GLU A 81 -5.53 10.00 8.94
CA GLU A 81 -5.93 8.62 9.19
C GLU A 81 -5.89 8.31 10.69
N THR A 82 -6.13 7.05 11.01
CA THR A 82 -6.12 6.62 12.40
C THR A 82 -5.33 5.32 12.55
N LYS A 83 -5.27 4.85 13.78
CA LYS A 83 -4.55 3.61 14.07
C LYS A 83 -5.03 2.51 13.14
N SER A 84 -6.28 2.66 12.68
CA SER A 84 -6.86 1.68 11.78
C SER A 84 -5.98 1.51 10.55
N VAL A 85 -5.64 2.63 9.94
CA VAL A 85 -4.80 2.61 8.76
C VAL A 85 -3.34 2.41 9.16
N LEU A 86 -2.90 3.22 10.13
CA LEU A 86 -1.54 3.13 10.62
C LEU A 86 -1.24 1.68 11.03
N GLU A 87 -2.30 0.98 11.39
CA GLU A 87 -2.17 -0.40 11.80
C GLU A 87 -1.46 -1.22 10.72
N LYS A 88 -1.88 -0.98 9.48
CA LYS A 88 -1.30 -1.69 8.35
C LYS A 88 0.23 -1.56 8.40
N ASN A 89 0.69 -0.34 8.18
CA ASN A 89 2.12 -0.06 8.19
C ASN A 89 2.60 -0.02 9.64
N LYS A 90 3.43 -1.01 10.00
CA LYS A 90 3.96 -1.10 11.34
C LYS A 90 4.43 0.30 11.78
N ILE A 91 4.66 0.42 13.08
CA ILE A 91 5.11 1.69 13.65
C ILE A 91 6.15 2.30 12.71
N GLU A 92 7.39 1.94 12.95
CA GLU A 92 8.49 2.45 12.14
C GLU A 92 8.56 3.98 12.24
N GLU A 93 9.77 4.49 12.11
CA GLU A 93 9.98 5.93 12.19
C GLU A 93 10.44 6.47 10.83
N GLU A 94 10.60 7.79 10.78
CA GLU A 94 11.04 8.44 9.56
C GLU A 94 12.56 8.44 9.46
N ALA A 95 13.07 9.34 8.63
CA ALA A 95 14.51 9.45 8.44
C ALA A 95 14.79 10.35 7.24
N GLU A 96 14.44 11.62 7.39
CA GLU A 96 14.66 12.59 6.34
C GLU A 96 16.13 12.62 5.93
N ALA A 97 16.96 13.06 6.87
CA ALA A 97 18.39 13.13 6.62
C ALA A 97 19.12 13.43 7.93
N GLU A 98 20.42 13.26 7.90
CA GLU A 98 21.24 13.51 9.08
C GLU A 98 22.72 13.53 8.70
N VAL A 99 23.18 12.41 8.17
CA VAL A 99 24.58 12.28 7.77
C VAL A 99 25.47 12.87 8.86
N ALA A 100 26.06 11.97 9.64
CA ALA A 100 26.95 12.38 10.71
C ALA A 100 28.07 13.24 10.15
N GLU A 101 28.85 12.63 9.27
CA GLU A 101 29.96 13.33 8.64
C GLU A 101 30.97 13.78 9.70
N GLU A 102 32.14 14.18 9.23
CA GLU A 102 33.19 14.63 10.12
C GLU A 102 33.25 13.74 11.37
N MET A 1 6.45 -11.62 -10.08
CA MET A 1 5.19 -10.94 -9.90
C MET A 1 5.00 -9.86 -10.96
N ASP A 2 3.74 -9.66 -11.34
CA ASP A 2 3.41 -8.66 -12.34
C ASP A 2 2.26 -7.80 -11.84
N ILE A 3 2.39 -6.49 -12.06
CA ILE A 3 1.38 -5.55 -11.62
C ILE A 3 0.96 -4.68 -12.81
N SER A 4 -0.31 -4.29 -12.81
CA SER A 4 -0.83 -3.45 -13.87
C SER A 4 -1.57 -2.25 -13.28
N ILE A 5 -1.18 -1.07 -13.73
CA ILE A 5 -1.80 0.16 -13.25
C ILE A 5 -3.11 0.38 -14.01
N ILE A 6 -4.12 0.79 -13.25
CA ILE A 6 -5.44 1.05 -13.82
C ILE A 6 -5.58 2.54 -14.11
N SER A 7 -5.51 3.31 -13.03
CA SER A 7 -5.63 4.76 -13.15
C SER A 7 -4.72 5.44 -12.12
N ASP A 8 -4.58 6.75 -12.29
CA ASP A 8 -3.75 7.53 -11.38
C ASP A 8 -4.49 8.80 -10.98
N ARG A 9 -4.92 8.84 -9.73
CA ARG A 9 -5.64 9.99 -9.22
C ARG A 9 -4.75 10.82 -8.29
N ASN A 10 -5.11 12.08 -8.13
CA ASN A 10 -4.35 12.97 -7.27
C ASN A 10 -5.29 13.63 -6.26
N ASN A 11 -4.78 13.79 -5.05
CA ASN A 11 -5.57 14.40 -3.99
C ASN A 11 -4.71 15.40 -3.24
N PRO A 12 -4.76 16.68 -3.70
CA PRO A 12 -3.98 17.74 -3.08
C PRO A 12 -4.61 18.17 -1.75
N LEU A 13 -5.94 18.12 -1.72
CA LEU A 13 -6.66 18.49 -0.51
C LEU A 13 -5.92 17.98 0.71
N LEU A 14 -6.10 16.69 0.98
CA LEU A 14 -5.45 16.06 2.12
C LEU A 14 -3.98 15.80 1.78
N GLN A 15 -3.64 16.06 0.53
CA GLN A 15 -2.27 15.85 0.07
C GLN A 15 -1.95 14.35 0.00
N ARG A 16 -2.85 13.62 -0.62
CA ARG A 16 -2.68 12.18 -0.76
C ARG A 16 -2.70 11.78 -2.24
N ARG A 17 -2.31 10.54 -2.49
CA ARG A 17 -2.27 10.04 -3.85
C ARG A 17 -2.83 8.61 -3.90
N GLU A 18 -3.96 8.47 -4.59
CA GLU A 18 -4.59 7.17 -4.71
C GLU A 18 -4.48 6.67 -6.15
N ILE A 19 -3.79 5.54 -6.29
CA ILE A 19 -3.60 4.94 -7.60
C ILE A 19 -4.11 3.49 -7.57
N LYS A 20 -5.00 3.18 -8.50
CA LYS A 20 -5.56 1.86 -8.59
C LYS A 20 -4.70 1.00 -9.53
N PHE A 21 -4.45 -0.21 -9.10
CA PHE A 21 -3.64 -1.14 -9.89
C PHE A 21 -4.06 -2.59 -9.62
N THR A 22 -3.36 -3.49 -10.29
CA THR A 22 -3.64 -4.91 -10.14
C THR A 22 -2.34 -5.70 -9.98
N VAL A 23 -2.47 -6.87 -9.37
CA VAL A 23 -1.32 -7.73 -9.15
C VAL A 23 -1.68 -9.17 -9.51
N SER A 24 -0.84 -9.77 -10.35
CA SER A 24 -1.06 -11.13 -10.79
C SER A 24 0.08 -12.03 -10.30
N PHE A 25 -0.30 -13.24 -9.90
CA PHE A 25 0.68 -14.19 -9.41
C PHE A 25 0.03 -15.55 -9.10
N ASP A 26 0.79 -16.60 -9.33
CA ASP A 26 0.30 -17.94 -9.08
C ASP A 26 1.29 -18.69 -8.18
N ALA A 27 1.00 -18.65 -6.89
CA ALA A 27 1.85 -19.31 -5.91
C ALA A 27 1.26 -19.13 -4.52
N ALA A 28 1.53 -17.99 -3.93
CA ALA A 28 1.02 -17.68 -2.60
C ALA A 28 0.92 -16.16 -2.43
N THR A 29 0.05 -15.76 -1.52
CA THR A 29 -0.14 -14.34 -1.25
C THR A 29 0.97 -13.80 -0.37
N PRO A 30 1.77 -12.87 -0.96
CA PRO A 30 2.87 -12.26 -0.24
C PRO A 30 2.37 -11.24 0.79
N SER A 31 3.28 -10.38 1.22
CA SER A 31 2.95 -9.36 2.20
C SER A 31 2.87 -7.99 1.51
N ILE A 32 2.45 -7.01 2.28
CA ILE A 32 2.33 -5.65 1.77
C ILE A 32 3.73 -5.06 1.56
N LYS A 33 4.51 -5.09 2.63
CA LYS A 33 5.86 -4.56 2.57
C LYS A 33 6.62 -5.21 1.42
N ASP A 34 6.23 -6.46 1.14
CA ASP A 34 6.86 -7.20 0.06
C ASP A 34 6.27 -6.76 -1.27
N VAL A 35 5.02 -6.36 -1.22
CA VAL A 35 4.32 -5.91 -2.42
C VAL A 35 4.74 -4.48 -2.75
N LYS A 36 4.72 -3.65 -1.72
CA LYS A 36 5.10 -2.26 -1.88
C LYS A 36 6.44 -2.17 -2.59
N MET A 37 7.25 -3.21 -2.41
CA MET A 37 8.55 -3.28 -3.04
C MET A 37 8.46 -3.02 -4.54
N LYS A 38 7.66 -3.85 -5.20
CA LYS A 38 7.47 -3.73 -6.63
C LYS A 38 6.72 -2.43 -6.93
N LEU A 39 5.61 -2.25 -6.22
CA LEU A 39 4.79 -1.06 -6.41
C LEU A 39 5.67 0.19 -6.31
N VAL A 40 6.66 0.10 -5.42
CA VAL A 40 7.58 1.22 -5.22
C VAL A 40 8.32 1.50 -6.53
N ALA A 41 8.77 0.43 -7.18
CA ALA A 41 9.49 0.56 -8.43
C ALA A 41 8.50 0.91 -9.55
N VAL A 42 7.28 0.42 -9.38
CA VAL A 42 6.23 0.68 -10.36
C VAL A 42 5.84 2.16 -10.31
N LEU A 43 5.52 2.60 -9.11
CA LEU A 43 5.13 3.99 -8.91
C LEU A 43 6.36 4.88 -8.97
N ASN A 44 7.46 4.35 -8.47
CA ASN A 44 8.72 5.07 -8.46
C ASN A 44 8.60 6.27 -7.52
N ALA A 45 8.14 5.99 -6.32
CA ALA A 45 7.97 7.04 -5.32
C ALA A 45 8.64 6.61 -4.02
N ASN A 46 8.46 7.44 -3.00
CA ASN A 46 9.05 7.16 -1.69
C ASN A 46 8.42 5.88 -1.12
N LYS A 47 9.28 4.94 -0.77
CA LYS A 47 8.81 3.68 -0.21
C LYS A 47 8.64 3.83 1.29
N GLN A 48 9.19 4.91 1.82
CA GLN A 48 9.10 5.18 3.24
C GLN A 48 7.68 5.57 3.62
N VAL A 49 7.10 6.46 2.82
CA VAL A 49 5.75 6.91 3.06
C VAL A 49 4.82 6.36 1.96
N LEU A 50 4.90 5.05 1.80
CA LEU A 50 4.08 4.38 0.80
C LEU A 50 3.49 3.10 1.40
N VAL A 51 2.20 2.90 1.15
CA VAL A 51 1.51 1.73 1.66
C VAL A 51 0.33 1.41 0.76
N VAL A 52 -0.20 0.21 0.92
CA VAL A 52 -1.34 -0.23 0.13
C VAL A 52 -2.61 -0.08 0.96
N ASP A 53 -3.69 0.28 0.26
CA ASP A 53 -4.97 0.46 0.91
C ASP A 53 -5.58 -0.90 1.22
N THR A 54 -5.65 -1.73 0.19
CA THR A 54 -6.20 -3.06 0.35
C THR A 54 -6.11 -3.83 -0.97
N LEU A 55 -5.91 -5.14 -0.84
CA LEU A 55 -5.80 -5.99 -2.02
C LEU A 55 -6.99 -6.97 -2.05
N ASP A 56 -7.14 -7.64 -3.17
CA ASP A 56 -8.22 -8.60 -3.34
C ASP A 56 -7.81 -9.65 -4.38
N GLN A 57 -7.56 -10.85 -3.89
CA GLN A 57 -7.16 -11.94 -4.76
C GLN A 57 -8.39 -12.54 -5.46
N ILE A 58 -8.36 -12.48 -6.78
CA ILE A 58 -9.46 -13.02 -7.57
C ILE A 58 -9.53 -14.53 -7.39
N PHE A 59 -10.72 -15.00 -7.06
CA PHE A 59 -10.93 -16.43 -6.86
C PHE A 59 -11.01 -17.17 -8.20
N GLY A 60 -11.55 -16.48 -9.18
CA GLY A 60 -11.69 -17.05 -10.51
C GLY A 60 -10.36 -17.62 -11.01
N LYS A 61 -9.31 -16.84 -10.78
CA LYS A 61 -7.97 -17.25 -11.20
C LYS A 61 -6.98 -16.96 -10.07
N LEU A 62 -5.77 -16.59 -10.47
CA LEU A 62 -4.73 -16.28 -9.51
C LEU A 62 -4.33 -14.81 -9.65
N GLU A 63 -5.33 -13.97 -9.78
CA GLU A 63 -5.10 -12.54 -9.93
C GLU A 63 -5.43 -11.81 -8.62
N ALA A 64 -5.00 -10.57 -8.55
CA ALA A 64 -5.24 -9.76 -7.36
C ALA A 64 -5.42 -8.30 -7.78
N GLU A 65 -6.48 -7.69 -7.23
CA GLU A 65 -6.78 -6.31 -7.54
C GLU A 65 -6.97 -5.50 -6.25
N GLY A 66 -6.29 -4.36 -6.19
CA GLY A 66 -6.37 -3.51 -5.03
C GLY A 66 -5.97 -2.07 -5.37
N TYR A 67 -6.15 -1.19 -4.41
CA TYR A 67 -5.80 0.21 -4.59
C TYR A 67 -4.57 0.59 -3.78
N ALA A 68 -3.67 1.32 -4.43
CA ALA A 68 -2.45 1.76 -3.78
C ALA A 68 -2.51 3.25 -3.51
N LYS A 69 -2.34 3.62 -2.26
CA LYS A 69 -2.37 5.01 -1.86
C LYS A 69 -1.05 5.39 -1.21
N ILE A 70 -0.69 6.66 -1.36
CA ILE A 70 0.55 7.16 -0.78
C ILE A 70 0.28 8.49 -0.08
N TYR A 71 0.80 8.60 1.14
CA TYR A 71 0.63 9.81 1.92
C TYR A 71 1.74 10.82 1.61
N ASN A 72 1.56 12.02 2.15
CA ASN A 72 2.53 13.08 1.96
C ASN A 72 3.41 13.22 3.20
N ASP A 73 2.78 12.96 4.35
CA ASP A 73 3.48 13.05 5.62
C ASP A 73 2.71 12.27 6.68
N GLU A 74 3.46 11.64 7.57
CA GLU A 74 2.86 10.85 8.63
C GLU A 74 2.24 11.77 9.69
N LYS A 75 2.90 12.91 9.89
CA LYS A 75 2.43 13.88 10.86
C LYS A 75 0.96 14.22 10.57
N ALA A 76 0.69 14.43 9.28
CA ALA A 76 -0.67 14.76 8.87
C ALA A 76 -1.54 13.51 8.93
N MET A 77 -1.05 12.46 8.29
CA MET A 77 -1.78 11.19 8.26
C MET A 77 -2.10 10.72 9.68
N ALA A 78 -1.09 10.77 10.54
CA ALA A 78 -1.25 10.35 11.91
C ALA A 78 -2.53 10.98 12.48
N THR A 79 -2.70 12.26 12.18
CA THR A 79 -3.86 12.98 12.65
C THR A 79 -5.07 12.72 11.75
N ILE A 80 -4.94 13.16 10.50
CA ILE A 80 -6.00 12.97 9.54
C ILE A 80 -6.62 11.59 9.71
N GLU A 81 -5.78 10.57 9.53
CA GLU A 81 -6.22 9.19 9.67
C GLU A 81 -6.00 8.71 11.11
N THR A 82 -6.36 7.46 11.33
CA THR A 82 -6.21 6.86 12.65
C THR A 82 -5.51 5.50 12.54
N LYS A 83 -5.74 4.67 13.56
CA LYS A 83 -5.14 3.36 13.59
C LYS A 83 -5.78 2.49 12.50
N SER A 84 -6.90 2.97 11.99
CA SER A 84 -7.62 2.25 10.95
C SER A 84 -6.73 2.10 9.71
N VAL A 85 -6.17 3.22 9.27
CA VAL A 85 -5.30 3.22 8.11
C VAL A 85 -3.89 2.79 8.54
N LEU A 86 -3.44 3.37 9.63
CA LEU A 86 -2.11 3.07 10.15
C LEU A 86 -2.02 1.56 10.42
N GLU A 87 -3.18 0.96 10.61
CA GLU A 87 -3.23 -0.47 10.88
C GLU A 87 -2.55 -1.26 9.75
N LYS A 88 -2.90 -0.90 8.53
CA LYS A 88 -2.34 -1.56 7.36
C LYS A 88 -0.82 -1.54 7.47
N ASN A 89 -0.25 -0.34 7.34
CA ASN A 89 1.18 -0.17 7.42
C ASN A 89 1.71 -0.90 8.65
N LYS A 90 2.32 -2.06 8.40
CA LYS A 90 2.87 -2.86 9.48
C LYS A 90 3.54 -1.94 10.51
N ILE A 91 3.47 -2.36 11.76
CA ILE A 91 4.07 -1.58 12.84
C ILE A 91 5.02 -2.47 13.65
N GLU A 92 4.43 -3.25 14.54
CA GLU A 92 5.20 -4.14 15.38
C GLU A 92 5.37 -5.50 14.69
N GLU A 93 4.44 -6.39 14.98
CA GLU A 93 4.46 -7.72 14.40
C GLU A 93 3.61 -7.77 13.13
N GLU A 94 3.49 -8.96 12.58
CA GLU A 94 2.70 -9.16 11.37
C GLU A 94 1.23 -9.41 11.73
N ALA A 95 0.50 -9.91 10.75
CA ALA A 95 -0.91 -10.22 10.95
C ALA A 95 -1.54 -10.62 9.62
N GLU A 96 -1.56 -11.93 9.39
CA GLU A 96 -2.12 -12.47 8.16
C GLU A 96 -3.38 -11.68 7.77
N ALA A 97 -4.39 -11.80 8.61
CA ALA A 97 -5.65 -11.11 8.37
C ALA A 97 -6.56 -11.27 9.59
N GLU A 98 -7.04 -10.14 10.09
CA GLU A 98 -7.91 -10.14 11.25
C GLU A 98 -8.97 -11.24 11.12
N VAL A 99 -9.89 -11.01 10.19
CA VAL A 99 -10.96 -11.96 9.96
C VAL A 99 -10.99 -12.33 8.47
N ALA A 100 -11.06 -13.63 8.21
CA ALA A 100 -11.09 -14.11 6.84
C ALA A 100 -12.20 -13.38 6.07
N GLU A 101 -13.43 -13.69 6.43
CA GLU A 101 -14.57 -13.07 5.79
C GLU A 101 -15.86 -13.43 6.53
N GLU A 102 -16.93 -12.74 6.18
CA GLU A 102 -18.22 -12.97 6.80
C GLU A 102 -18.43 -14.46 7.04
N MET A 1 6.68 -9.83 -10.69
CA MET A 1 5.28 -10.14 -10.55
C MET A 1 4.47 -9.55 -11.71
N ASP A 2 3.17 -9.84 -11.68
CA ASP A 2 2.27 -9.33 -12.71
C ASP A 2 1.38 -8.25 -12.12
N ILE A 3 1.84 -7.01 -12.26
CA ILE A 3 1.09 -5.88 -11.75
C ILE A 3 0.68 -4.96 -12.91
N SER A 4 -0.59 -4.60 -12.91
CA SER A 4 -1.13 -3.74 -13.96
C SER A 4 -1.86 -2.55 -13.33
N ILE A 5 -1.46 -1.36 -13.76
CA ILE A 5 -2.07 -0.15 -13.25
C ILE A 5 -3.42 0.07 -13.94
N ILE A 6 -4.42 0.36 -13.12
CA ILE A 6 -5.76 0.59 -13.64
C ILE A 6 -5.97 2.10 -13.84
N SER A 7 -5.79 2.83 -12.74
CA SER A 7 -5.96 4.27 -12.78
C SER A 7 -4.85 4.95 -11.97
N ASP A 8 -4.64 6.22 -12.27
CA ASP A 8 -3.63 7.00 -11.58
C ASP A 8 -4.21 8.35 -11.16
N ARG A 9 -4.73 8.38 -9.95
CA ARG A 9 -5.33 9.59 -9.42
C ARG A 9 -4.40 10.22 -8.38
N ASN A 10 -4.46 11.54 -8.29
CA ASN A 10 -3.64 12.27 -7.34
C ASN A 10 -4.54 13.14 -6.47
N ASN A 11 -4.22 13.15 -5.18
CA ASN A 11 -4.98 13.94 -4.22
C ASN A 11 -4.03 14.83 -3.42
N PRO A 12 -3.83 16.07 -3.94
CA PRO A 12 -2.95 17.02 -3.30
C PRO A 12 -3.62 17.62 -2.05
N LEU A 13 -4.88 17.98 -2.20
CA LEU A 13 -5.64 18.56 -1.11
C LEU A 13 -5.36 17.77 0.17
N LEU A 14 -5.82 16.53 0.18
CA LEU A 14 -5.62 15.67 1.33
C LEU A 14 -4.13 15.37 1.50
N GLN A 15 -3.39 15.60 0.42
CA GLN A 15 -1.96 15.36 0.43
C GLN A 15 -1.67 13.86 0.34
N ARG A 16 -2.64 13.12 -0.18
CA ARG A 16 -2.50 11.69 -0.32
C ARG A 16 -2.55 11.29 -1.81
N ARG A 17 -2.26 10.02 -2.05
CA ARG A 17 -2.27 9.51 -3.41
C ARG A 17 -3.35 8.43 -3.56
N GLU A 18 -3.99 8.44 -4.72
CA GLU A 18 -5.03 7.47 -5.00
C GLU A 18 -4.78 6.79 -6.35
N ILE A 19 -4.11 5.65 -6.30
CA ILE A 19 -3.80 4.90 -7.51
C ILE A 19 -4.33 3.47 -7.36
N LYS A 20 -5.05 3.04 -8.39
CA LYS A 20 -5.61 1.70 -8.39
C LYS A 20 -4.85 0.83 -9.38
N PHE A 21 -4.70 -0.43 -9.02
CA PHE A 21 -3.99 -1.38 -9.87
C PHE A 21 -4.34 -2.82 -9.50
N THR A 22 -3.74 -3.75 -10.23
CA THR A 22 -3.97 -5.16 -9.99
C THR A 22 -2.65 -5.90 -9.81
N VAL A 23 -2.71 -7.00 -9.08
CA VAL A 23 -1.53 -7.81 -8.83
C VAL A 23 -1.89 -9.29 -8.96
N SER A 24 -1.07 -10.00 -9.72
CA SER A 24 -1.29 -11.42 -9.93
C SER A 24 0.00 -12.20 -9.64
N PHE A 25 -0.18 -13.42 -9.16
CA PHE A 25 0.94 -14.27 -8.84
C PHE A 25 0.56 -15.75 -8.93
N ASP A 26 1.49 -16.60 -8.51
CA ASP A 26 1.26 -18.03 -8.54
C ASP A 26 1.42 -18.61 -7.14
N ALA A 27 0.31 -18.61 -6.41
CA ALA A 27 0.31 -19.13 -5.05
C ALA A 27 1.07 -18.16 -4.14
N ALA A 28 2.34 -17.96 -4.47
CA ALA A 28 3.18 -17.06 -3.70
C ALA A 28 2.37 -15.85 -3.27
N THR A 29 2.09 -15.79 -1.97
CA THR A 29 1.32 -14.68 -1.42
C THR A 29 2.24 -13.70 -0.70
N PRO A 30 2.45 -12.53 -1.36
CA PRO A 30 3.30 -11.49 -0.80
C PRO A 30 2.60 -10.77 0.35
N SER A 31 3.13 -9.59 0.68
CA SER A 31 2.56 -8.80 1.76
C SER A 31 2.39 -7.34 1.30
N ILE A 32 2.14 -6.48 2.26
CA ILE A 32 1.95 -5.07 1.98
C ILE A 32 3.31 -4.45 1.61
N LYS A 33 4.24 -4.57 2.54
CA LYS A 33 5.58 -4.03 2.34
C LYS A 33 6.25 -4.78 1.19
N ASP A 34 6.11 -6.10 1.22
CA ASP A 34 6.70 -6.94 0.18
C ASP A 34 6.22 -6.46 -1.19
N VAL A 35 4.96 -6.07 -1.24
CA VAL A 35 4.38 -5.60 -2.48
C VAL A 35 4.82 -4.15 -2.73
N LYS A 36 4.80 -3.36 -1.66
CA LYS A 36 5.19 -1.97 -1.76
C LYS A 36 6.54 -1.88 -2.48
N MET A 37 7.36 -2.90 -2.28
CA MET A 37 8.67 -2.94 -2.91
C MET A 37 8.57 -2.70 -4.42
N LYS A 38 7.71 -3.49 -5.06
CA LYS A 38 7.51 -3.36 -6.49
C LYS A 38 6.75 -2.08 -6.79
N LEU A 39 5.68 -1.87 -6.03
CA LEU A 39 4.86 -0.68 -6.19
C LEU A 39 5.75 0.56 -6.18
N VAL A 40 6.73 0.54 -5.28
CA VAL A 40 7.65 1.66 -5.16
C VAL A 40 8.30 1.92 -6.52
N ALA A 41 8.68 0.83 -7.18
CA ALA A 41 9.32 0.93 -8.47
C ALA A 41 8.27 1.29 -9.53
N VAL A 42 7.09 0.72 -9.36
CA VAL A 42 5.99 0.97 -10.28
C VAL A 42 5.61 2.45 -10.22
N LEU A 43 5.36 2.92 -9.01
CA LEU A 43 4.98 4.30 -8.80
C LEU A 43 6.22 5.19 -8.94
N ASN A 44 7.31 4.70 -8.38
CA ASN A 44 8.57 5.44 -8.43
C ASN A 44 8.49 6.63 -7.47
N ALA A 45 8.10 6.34 -6.24
CA ALA A 45 7.99 7.38 -5.23
C ALA A 45 8.78 6.96 -3.98
N ASN A 46 8.58 7.72 -2.91
CA ASN A 46 9.27 7.43 -1.66
C ASN A 46 8.63 6.21 -1.00
N LYS A 47 9.44 5.16 -0.87
CA LYS A 47 8.96 3.93 -0.26
C LYS A 47 8.82 4.15 1.25
N GLN A 48 9.60 5.09 1.77
CA GLN A 48 9.56 5.39 3.18
C GLN A 48 8.12 5.68 3.63
N VAL A 49 7.39 6.37 2.76
CA VAL A 49 6.01 6.70 3.05
C VAL A 49 5.11 6.13 1.96
N LEU A 50 5.12 4.81 1.85
CA LEU A 50 4.32 4.13 0.85
C LEU A 50 3.64 2.92 1.49
N VAL A 51 2.35 2.78 1.21
CA VAL A 51 1.58 1.67 1.74
C VAL A 51 0.42 1.36 0.79
N VAL A 52 -0.26 0.26 1.10
CA VAL A 52 -1.40 -0.16 0.28
C VAL A 52 -2.69 0.03 1.08
N ASP A 53 -3.77 0.23 0.35
CA ASP A 53 -5.07 0.42 0.97
C ASP A 53 -5.68 -0.94 1.30
N THR A 54 -5.76 -1.78 0.28
CA THR A 54 -6.32 -3.12 0.45
C THR A 54 -6.23 -3.91 -0.86
N LEU A 55 -6.30 -5.22 -0.72
CA LEU A 55 -6.22 -6.09 -1.88
C LEU A 55 -7.32 -7.15 -1.79
N ASP A 56 -7.49 -7.89 -2.88
CA ASP A 56 -8.49 -8.92 -2.94
C ASP A 56 -8.14 -9.92 -4.05
N GLN A 57 -8.06 -11.18 -3.67
CA GLN A 57 -7.72 -12.23 -4.61
C GLN A 57 -8.89 -12.46 -5.57
N ILE A 58 -8.55 -12.68 -6.83
CA ILE A 58 -9.55 -12.92 -7.85
C ILE A 58 -9.84 -14.42 -7.93
N PHE A 59 -11.13 -14.73 -7.96
CA PHE A 59 -11.56 -16.12 -8.03
C PHE A 59 -11.38 -16.66 -9.45
N GLY A 60 -11.89 -15.90 -10.41
CA GLY A 60 -11.81 -16.30 -11.81
C GLY A 60 -10.48 -17.00 -12.10
N LYS A 61 -9.40 -16.32 -11.75
CA LYS A 61 -8.07 -16.85 -11.97
C LYS A 61 -7.22 -16.64 -10.72
N LEU A 62 -5.92 -16.51 -10.93
CA LEU A 62 -4.99 -16.30 -9.83
C LEU A 62 -4.61 -14.82 -9.78
N GLU A 63 -5.59 -13.98 -10.01
CA GLU A 63 -5.37 -12.54 -9.99
C GLU A 63 -5.71 -11.97 -8.61
N ALA A 64 -5.43 -10.68 -8.44
CA ALA A 64 -5.70 -10.01 -7.19
C ALA A 64 -5.73 -8.49 -7.42
N GLU A 65 -6.87 -7.90 -7.13
CA GLU A 65 -7.05 -6.47 -7.31
C GLU A 65 -6.95 -5.76 -5.96
N GLY A 66 -6.34 -4.58 -5.98
CA GLY A 66 -6.17 -3.79 -4.78
C GLY A 66 -5.88 -2.33 -5.12
N TYR A 67 -5.84 -1.51 -4.08
CA TYR A 67 -5.57 -0.09 -4.25
C TYR A 67 -4.33 0.32 -3.46
N ALA A 68 -3.67 1.36 -3.97
CA ALA A 68 -2.46 1.86 -3.32
C ALA A 68 -2.67 3.34 -2.95
N LYS A 69 -1.99 3.75 -1.89
CA LYS A 69 -2.09 5.11 -1.42
C LYS A 69 -0.71 5.60 -0.97
N ILE A 70 -0.50 6.90 -1.11
CA ILE A 70 0.76 7.50 -0.71
C ILE A 70 0.50 8.84 -0.03
N TYR A 71 1.17 9.03 1.11
CA TYR A 71 1.02 10.26 1.86
C TYR A 71 2.33 11.06 1.89
N ASN A 72 2.19 12.37 2.00
CA ASN A 72 3.34 13.24 2.04
C ASN A 72 3.94 13.23 3.45
N ASP A 73 3.04 13.16 4.43
CA ASP A 73 3.45 13.14 5.82
C ASP A 73 2.49 12.28 6.63
N GLU A 74 3.03 11.58 7.61
CA GLU A 74 2.23 10.73 8.46
C GLU A 74 1.39 11.56 9.42
N LYS A 75 1.93 12.72 9.78
CA LYS A 75 1.24 13.62 10.69
C LYS A 75 -0.16 13.91 10.14
N ALA A 76 -0.22 14.13 8.83
CA ALA A 76 -1.48 14.41 8.18
C ALA A 76 -2.31 13.12 8.07
N MET A 77 -1.66 12.10 7.52
CA MET A 77 -2.31 10.81 7.34
C MET A 77 -2.87 10.30 8.67
N ALA A 78 -2.01 10.30 9.68
CA ALA A 78 -2.41 9.84 11.00
C ALA A 78 -3.74 10.46 11.38
N THR A 79 -3.86 11.75 11.10
CA THR A 79 -5.08 12.48 11.40
C THR A 79 -6.17 12.14 10.37
N ILE A 80 -5.82 12.35 9.11
CA ILE A 80 -6.74 12.07 8.03
C ILE A 80 -7.51 10.78 8.32
N GLU A 81 -6.78 9.67 8.24
CA GLU A 81 -7.37 8.37 8.49
C GLU A 81 -7.32 8.05 9.99
N THR A 82 -7.93 6.92 10.34
CA THR A 82 -7.96 6.49 11.73
C THR A 82 -6.99 5.33 11.96
N LYS A 83 -7.13 4.71 13.12
CA LYS A 83 -6.27 3.58 13.46
C LYS A 83 -6.59 2.39 12.54
N SER A 84 -7.84 2.38 12.08
CA SER A 84 -8.28 1.31 11.19
C SER A 84 -7.37 1.23 9.96
N VAL A 85 -7.12 2.39 9.38
CA VAL A 85 -6.27 2.46 8.20
C VAL A 85 -4.80 2.42 8.63
N LEU A 86 -4.46 3.31 9.55
CA LEU A 86 -3.09 3.39 10.06
C LEU A 86 -2.69 2.01 10.61
N GLU A 87 -3.70 1.21 10.92
CA GLU A 87 -3.45 -0.12 11.44
C GLU A 87 -2.65 -0.95 10.44
N LYS A 88 -3.17 -1.02 9.22
CA LYS A 88 -2.51 -1.77 8.17
C LYS A 88 -1.05 -1.33 8.07
N ASN A 89 -0.84 -0.04 8.30
CA ASN A 89 0.50 0.52 8.24
C ASN A 89 1.02 0.74 9.66
N LYS A 90 0.65 -0.16 10.55
CA LYS A 90 1.07 -0.06 11.94
C LYS A 90 2.55 0.33 11.99
N ILE A 91 2.96 0.78 13.17
CA ILE A 91 4.34 1.19 13.36
C ILE A 91 5.27 0.12 12.78
N GLU A 92 5.50 -0.91 13.58
CA GLU A 92 6.36 -2.01 13.16
C GLU A 92 6.34 -3.13 14.20
N GLU A 93 6.71 -4.32 13.75
CA GLU A 93 6.74 -5.48 14.62
C GLU A 93 8.08 -6.21 14.49
N GLU A 94 8.22 -7.27 15.28
CA GLU A 94 9.43 -8.06 15.27
C GLU A 94 9.43 -9.02 14.07
N ALA A 95 10.09 -10.15 14.26
CA ALA A 95 10.17 -11.16 13.21
C ALA A 95 10.93 -10.59 12.02
N GLU A 96 12.25 -10.78 12.05
CA GLU A 96 13.10 -10.29 10.98
C GLU A 96 12.40 -10.46 9.63
N ALA A 97 12.14 -11.72 9.30
CA ALA A 97 11.49 -12.04 8.03
C ALA A 97 10.70 -13.34 8.19
N GLU A 98 9.42 -13.25 7.87
CA GLU A 98 8.55 -14.42 7.97
C GLU A 98 7.22 -14.14 7.25
N VAL A 99 6.56 -13.08 7.69
CA VAL A 99 5.27 -12.70 7.11
C VAL A 99 4.37 -13.93 7.02
N ALA A 100 3.18 -13.71 6.50
CA ALA A 100 2.22 -14.79 6.35
C ALA A 100 0.93 -14.24 5.73
N GLU A 101 0.00 -15.15 5.49
CA GLU A 101 -1.28 -14.77 4.91
C GLU A 101 -1.89 -13.61 5.69
N GLU A 102 -2.96 -13.06 5.13
CA GLU A 102 -3.64 -11.95 5.76
C GLU A 102 -2.63 -10.98 6.40
N MET A 1 6.90 -9.82 -10.94
CA MET A 1 5.50 -10.10 -10.71
C MET A 1 4.64 -9.55 -11.86
N ASP A 2 3.34 -9.78 -11.75
CA ASP A 2 2.40 -9.32 -12.76
C ASP A 2 1.51 -8.23 -12.16
N ILE A 3 1.92 -6.99 -12.36
CA ILE A 3 1.17 -5.86 -11.84
C ILE A 3 0.77 -4.94 -13.01
N SER A 4 -0.41 -4.35 -12.88
CA SER A 4 -0.91 -3.45 -13.91
C SER A 4 -1.64 -2.27 -13.26
N ILE A 5 -1.29 -1.08 -13.72
CA ILE A 5 -1.90 0.13 -13.20
C ILE A 5 -3.26 0.34 -13.87
N ILE A 6 -4.25 0.66 -13.04
CA ILE A 6 -5.60 0.89 -13.55
C ILE A 6 -5.82 2.39 -13.72
N SER A 7 -5.65 3.11 -12.63
CA SER A 7 -5.84 4.55 -12.65
C SER A 7 -4.82 5.22 -11.71
N ASP A 8 -4.66 6.52 -11.89
CA ASP A 8 -3.74 7.29 -11.08
C ASP A 8 -4.41 8.57 -10.60
N ARG A 9 -4.91 8.52 -9.38
CA ARG A 9 -5.58 9.68 -8.79
C ARG A 9 -4.67 10.36 -7.77
N ASN A 10 -4.63 11.69 -7.86
CA ASN A 10 -3.80 12.46 -6.95
C ASN A 10 -4.71 13.37 -6.11
N ASN A 11 -4.53 13.26 -4.80
CA ASN A 11 -5.31 14.07 -3.87
C ASN A 11 -4.37 14.88 -2.99
N PRO A 12 -4.07 16.12 -3.45
CA PRO A 12 -3.19 17.00 -2.71
C PRO A 12 -3.90 17.60 -1.49
N LEU A 13 -5.14 17.99 -1.71
CA LEU A 13 -5.95 18.56 -0.64
C LEU A 13 -5.88 17.66 0.59
N LEU A 14 -6.35 16.44 0.43
CA LEU A 14 -6.35 15.48 1.50
C LEU A 14 -4.90 15.16 1.89
N GLN A 15 -3.98 15.51 1.00
CA GLN A 15 -2.58 15.26 1.23
C GLN A 15 -2.27 13.77 1.13
N ARG A 16 -2.57 13.21 -0.03
CA ARG A 16 -2.35 11.79 -0.25
C ARG A 16 -2.73 11.41 -1.68
N ARG A 17 -1.94 10.51 -2.27
CA ARG A 17 -2.18 10.06 -3.62
C ARG A 17 -2.70 8.62 -3.62
N GLU A 18 -3.65 8.37 -4.51
CA GLU A 18 -4.23 7.04 -4.62
C GLU A 18 -4.14 6.53 -6.06
N ILE A 19 -3.48 5.40 -6.21
CA ILE A 19 -3.31 4.80 -7.53
C ILE A 19 -3.88 3.38 -7.52
N LYS A 20 -4.82 3.16 -8.43
CA LYS A 20 -5.46 1.85 -8.53
C LYS A 20 -4.65 0.97 -9.48
N PHE A 21 -4.44 -0.28 -9.06
CA PHE A 21 -3.69 -1.22 -9.86
C PHE A 21 -4.06 -2.66 -9.49
N THR A 22 -3.41 -3.59 -10.17
CA THR A 22 -3.66 -5.00 -9.93
C THR A 22 -2.35 -5.76 -9.72
N VAL A 23 -2.46 -6.89 -9.04
CA VAL A 23 -1.29 -7.71 -8.77
C VAL A 23 -1.67 -9.19 -8.88
N SER A 24 -0.88 -9.92 -9.65
CA SER A 24 -1.12 -11.34 -9.85
C SER A 24 0.17 -12.12 -9.62
N PHE A 25 0.01 -13.40 -9.30
CA PHE A 25 1.14 -14.27 -9.05
C PHE A 25 0.78 -15.73 -9.32
N ASP A 26 1.75 -16.60 -9.04
CA ASP A 26 1.54 -18.03 -9.25
C ASP A 26 1.26 -18.69 -7.90
N ALA A 27 0.01 -18.58 -7.47
CA ALA A 27 -0.40 -19.16 -6.20
C ALA A 27 0.45 -18.56 -5.07
N ALA A 28 -0.12 -18.59 -3.88
CA ALA A 28 0.56 -18.05 -2.71
C ALA A 28 0.73 -16.54 -2.87
N THR A 29 0.48 -15.83 -1.78
CA THR A 29 0.61 -14.38 -1.80
C THR A 29 1.75 -13.94 -0.88
N PRO A 30 2.48 -12.89 -1.35
CA PRO A 30 3.60 -12.36 -0.59
C PRO A 30 3.12 -11.54 0.61
N SER A 31 2.95 -10.25 0.36
CA SER A 31 2.48 -9.34 1.40
C SER A 31 2.37 -7.92 0.85
N ILE A 32 1.96 -7.01 1.73
CA ILE A 32 1.81 -5.62 1.35
C ILE A 32 3.19 -5.00 1.15
N LYS A 33 3.99 -5.06 2.21
CA LYS A 33 5.33 -4.51 2.16
C LYS A 33 6.12 -5.18 1.04
N ASP A 34 5.84 -6.45 0.84
CA ASP A 34 6.52 -7.22 -0.19
C ASP A 34 5.95 -6.82 -1.56
N VAL A 35 4.70 -6.38 -1.55
CA VAL A 35 4.05 -5.97 -2.78
C VAL A 35 4.46 -4.55 -3.12
N LYS A 36 4.26 -3.65 -2.16
CA LYS A 36 4.60 -2.25 -2.36
C LYS A 36 6.05 -2.16 -2.87
N MET A 37 6.82 -3.18 -2.54
CA MET A 37 8.21 -3.22 -2.96
C MET A 37 8.34 -2.99 -4.47
N LYS A 38 7.58 -3.79 -5.21
CA LYS A 38 7.61 -3.68 -6.67
C LYS A 38 6.95 -2.36 -7.09
N LEU A 39 5.76 -2.14 -6.56
CA LEU A 39 5.03 -0.92 -6.86
C LEU A 39 5.93 0.29 -6.62
N VAL A 40 6.74 0.19 -5.58
CA VAL A 40 7.65 1.26 -5.22
C VAL A 40 8.53 1.59 -6.43
N ALA A 41 8.94 0.55 -7.13
CA ALA A 41 9.78 0.70 -8.30
C ALA A 41 8.95 1.25 -9.46
N VAL A 42 7.76 0.69 -9.60
CA VAL A 42 6.86 1.11 -10.65
C VAL A 42 6.50 2.58 -10.47
N LEU A 43 6.07 2.90 -9.25
CA LEU A 43 5.70 4.27 -8.93
C LEU A 43 6.96 5.12 -8.78
N ASN A 44 8.02 4.46 -8.32
CA ASN A 44 9.29 5.14 -8.12
C ASN A 44 9.08 6.36 -7.21
N ALA A 45 8.52 6.10 -6.05
CA ALA A 45 8.26 7.17 -5.09
C ALA A 45 8.96 6.85 -3.77
N ASN A 46 8.65 7.64 -2.77
CA ASN A 46 9.25 7.45 -1.45
C ASN A 46 8.64 6.21 -0.78
N LYS A 47 9.37 5.11 -0.88
CA LYS A 47 8.91 3.86 -0.30
C LYS A 47 8.68 4.06 1.21
N GLN A 48 9.35 5.06 1.75
CA GLN A 48 9.22 5.37 3.16
C GLN A 48 7.76 5.61 3.52
N VAL A 49 7.20 6.67 2.96
CA VAL A 49 5.82 7.03 3.21
C VAL A 49 4.95 6.48 2.09
N LEU A 50 5.05 5.18 1.88
CA LEU A 50 4.27 4.53 0.84
C LEU A 50 3.66 3.23 1.39
N VAL A 51 2.38 3.04 1.10
CA VAL A 51 1.68 1.87 1.56
C VAL A 51 0.51 1.57 0.62
N VAL A 52 -0.18 0.48 0.90
CA VAL A 52 -1.32 0.08 0.08
C VAL A 52 -2.61 0.28 0.88
N ASP A 53 -3.68 0.57 0.15
CA ASP A 53 -4.97 0.79 0.78
C ASP A 53 -5.61 -0.56 1.11
N THR A 54 -5.76 -1.38 0.07
CA THR A 54 -6.36 -2.70 0.24
C THR A 54 -6.13 -3.54 -1.01
N LEU A 55 -6.28 -4.84 -0.84
CA LEU A 55 -6.11 -5.77 -1.94
C LEU A 55 -7.18 -6.86 -1.87
N ASP A 56 -7.25 -7.64 -2.94
CA ASP A 56 -8.23 -8.73 -3.01
C ASP A 56 -7.82 -9.71 -4.11
N GLN A 57 -7.52 -10.92 -3.68
CA GLN A 57 -7.10 -11.96 -4.61
C GLN A 57 -8.32 -12.54 -5.33
N ILE A 58 -8.28 -12.46 -6.66
CA ILE A 58 -9.37 -12.97 -7.48
C ILE A 58 -9.49 -14.48 -7.28
N PHE A 59 -10.73 -14.94 -7.25
CA PHE A 59 -10.99 -16.36 -7.07
C PHE A 59 -10.97 -17.10 -8.42
N GLY A 60 -11.67 -16.53 -9.38
CA GLY A 60 -11.75 -17.11 -10.70
C GLY A 60 -10.39 -17.67 -11.13
N LYS A 61 -9.39 -16.80 -11.12
CA LYS A 61 -8.05 -17.20 -11.49
C LYS A 61 -7.08 -16.90 -10.34
N LEU A 62 -5.83 -16.69 -10.70
CA LEU A 62 -4.81 -16.40 -9.71
C LEU A 62 -4.43 -14.92 -9.78
N GLU A 63 -5.45 -14.08 -9.89
CA GLU A 63 -5.25 -12.65 -9.97
C GLU A 63 -5.54 -11.99 -8.63
N ALA A 64 -5.21 -10.70 -8.55
CA ALA A 64 -5.43 -9.95 -7.32
C ALA A 64 -5.45 -8.46 -7.64
N GLU A 65 -6.43 -7.77 -7.06
CA GLU A 65 -6.57 -6.34 -7.27
C GLU A 65 -6.56 -5.59 -5.94
N GLY A 66 -5.91 -4.44 -5.95
CA GLY A 66 -5.82 -3.62 -4.75
C GLY A 66 -5.51 -2.17 -5.10
N TYR A 67 -5.79 -1.29 -4.15
CA TYR A 67 -5.54 0.12 -4.35
C TYR A 67 -4.32 0.59 -3.56
N ALA A 68 -3.46 1.33 -4.24
CA ALA A 68 -2.26 1.84 -3.61
C ALA A 68 -2.43 3.33 -3.29
N LYS A 69 -2.23 3.66 -2.02
CA LYS A 69 -2.38 5.03 -1.58
C LYS A 69 -1.07 5.47 -0.90
N ILE A 70 -0.79 6.76 -1.02
CA ILE A 70 0.42 7.33 -0.43
C ILE A 70 0.08 8.68 0.20
N TYR A 71 0.67 8.92 1.36
CA TYR A 71 0.45 10.17 2.07
C TYR A 71 1.61 11.15 1.85
N ASN A 72 1.26 12.41 1.70
CA ASN A 72 2.26 13.44 1.49
C ASN A 72 3.13 13.57 2.73
N ASP A 73 2.48 13.44 3.88
CA ASP A 73 3.19 13.53 5.15
C ASP A 73 2.33 12.93 6.26
N GLU A 74 2.96 12.12 7.09
CA GLU A 74 2.28 11.47 8.20
C GLU A 74 1.63 12.52 9.11
N LYS A 75 2.14 13.74 8.99
CA LYS A 75 1.63 14.84 9.80
C LYS A 75 0.13 14.99 9.56
N ALA A 76 -0.24 14.92 8.29
CA ALA A 76 -1.64 15.05 7.92
C ALA A 76 -2.35 13.70 8.13
N MET A 77 -1.78 12.67 7.52
CA MET A 77 -2.34 11.33 7.64
C MET A 77 -2.59 10.97 9.10
N ALA A 78 -1.61 11.28 9.94
CA ALA A 78 -1.71 11.00 11.36
C ALA A 78 -3.03 11.56 11.90
N THR A 79 -3.46 12.66 11.29
CA THR A 79 -4.69 13.30 11.69
C THR A 79 -5.83 12.92 10.74
N ILE A 80 -5.70 13.36 9.50
CA ILE A 80 -6.70 13.08 8.49
C ILE A 80 -7.06 11.60 8.54
N GLU A 81 -6.19 10.78 7.96
CA GLU A 81 -6.41 9.35 7.93
C GLU A 81 -6.85 8.85 9.31
N THR A 82 -7.57 7.75 9.30
CA THR A 82 -8.06 7.16 10.54
C THR A 82 -7.31 5.86 10.84
N LYS A 83 -7.53 5.36 12.05
CA LYS A 83 -6.89 4.12 12.47
C LYS A 83 -7.15 3.03 11.44
N SER A 84 -8.24 3.22 10.70
CA SER A 84 -8.62 2.26 9.67
C SER A 84 -7.51 2.17 8.61
N VAL A 85 -7.00 3.33 8.23
CA VAL A 85 -5.94 3.39 7.23
C VAL A 85 -4.63 2.93 7.86
N LEU A 86 -4.31 3.53 8.99
CA LEU A 86 -3.09 3.19 9.69
C LEU A 86 -3.13 1.72 10.11
N GLU A 87 -4.35 1.21 10.22
CA GLU A 87 -4.55 -0.18 10.60
C GLU A 87 -3.80 -1.10 9.65
N LYS A 88 -4.01 -0.87 8.36
CA LYS A 88 -3.36 -1.68 7.34
C LYS A 88 -1.86 -1.77 7.64
N ASN A 89 -1.21 -0.63 7.56
CA ASN A 89 0.22 -0.56 7.82
C ASN A 89 0.46 -0.56 9.33
N LYS A 90 0.15 -1.69 9.95
CA LYS A 90 0.33 -1.83 11.38
C LYS A 90 1.82 -1.89 11.70
N ILE A 91 2.16 -1.46 12.91
CA ILE A 91 3.55 -1.46 13.34
C ILE A 91 4.22 -2.75 12.88
N GLU A 92 3.96 -3.82 13.62
CA GLU A 92 4.53 -5.11 13.30
C GLU A 92 3.62 -5.87 12.33
N GLU A 93 4.00 -7.10 12.05
CA GLU A 93 3.23 -7.94 11.15
C GLU A 93 2.70 -9.17 11.89
N GLU A 94 1.91 -9.96 11.17
CA GLU A 94 1.34 -11.17 11.74
C GLU A 94 2.16 -12.40 11.33
N ALA A 95 1.57 -13.55 11.55
CA ALA A 95 2.23 -14.81 11.21
C ALA A 95 1.42 -15.98 11.77
N GLU A 96 0.22 -16.13 11.22
CA GLU A 96 -0.66 -17.20 11.64
C GLU A 96 -0.03 -18.56 11.34
N ALA A 97 0.21 -18.80 10.06
CA ALA A 97 0.82 -20.05 9.63
C ALA A 97 -0.12 -21.21 9.97
N GLU A 98 -0.45 -21.98 8.95
CA GLU A 98 -1.34 -23.12 9.12
C GLU A 98 -1.35 -23.98 7.87
N VAL A 99 -1.98 -23.46 6.82
CA VAL A 99 -2.06 -24.18 5.56
C VAL A 99 -1.84 -23.20 4.40
N ALA A 100 -1.62 -23.75 3.22
CA ALA A 100 -1.39 -22.94 2.04
C ALA A 100 -2.67 -22.15 1.72
N GLU A 101 -2.57 -20.85 1.92
CA GLU A 101 -3.70 -19.96 1.67
C GLU A 101 -4.41 -20.39 0.38
N GLU A 102 -5.69 -20.03 0.31
CA GLU A 102 -6.49 -20.36 -0.86
C GLU A 102 -6.13 -21.77 -1.37
N MET A 1 6.41 -11.50 -10.31
CA MET A 1 5.35 -10.59 -9.89
C MET A 1 5.08 -9.53 -10.96
N ASP A 2 3.81 -9.39 -11.31
CA ASP A 2 3.42 -8.42 -12.31
C ASP A 2 2.17 -7.67 -11.83
N ILE A 3 2.25 -6.35 -11.87
CA ILE A 3 1.14 -5.52 -11.44
C ILE A 3 0.61 -4.73 -12.63
N SER A 4 -0.70 -4.53 -12.65
CA SER A 4 -1.34 -3.79 -13.72
C SER A 4 -2.05 -2.56 -13.15
N ILE A 5 -1.71 -1.41 -13.71
CA ILE A 5 -2.31 -0.16 -13.27
C ILE A 5 -3.66 0.02 -13.96
N ILE A 6 -4.64 0.40 -13.17
CA ILE A 6 -5.99 0.61 -13.68
C ILE A 6 -6.21 2.10 -13.94
N SER A 7 -6.05 2.88 -12.86
CA SER A 7 -6.23 4.31 -12.96
C SER A 7 -5.15 5.02 -12.15
N ASP A 8 -4.99 6.30 -12.43
CA ASP A 8 -4.00 7.11 -11.73
C ASP A 8 -4.63 8.44 -11.31
N ARG A 9 -5.00 8.51 -10.03
CA ARG A 9 -5.60 9.71 -9.49
C ARG A 9 -4.64 10.41 -8.53
N ASN A 10 -4.89 11.69 -8.32
CA ASN A 10 -4.06 12.49 -7.43
C ASN A 10 -4.95 13.32 -6.51
N ASN A 11 -4.62 13.27 -5.23
CA ASN A 11 -5.39 14.01 -4.23
C ASN A 11 -4.44 14.94 -3.46
N PRO A 12 -4.31 16.18 -3.97
CA PRO A 12 -3.45 17.18 -3.34
C PRO A 12 -4.09 17.72 -2.06
N LEU A 13 -5.41 17.87 -2.11
CA LEU A 13 -6.14 18.38 -0.97
C LEU A 13 -5.61 17.72 0.31
N LEU A 14 -5.79 16.41 0.38
CA LEU A 14 -5.33 15.66 1.54
C LEU A 14 -3.91 15.16 1.29
N GLN A 15 -3.20 15.87 0.42
CA GLN A 15 -1.84 15.50 0.08
C GLN A 15 -1.70 13.98 -0.01
N ARG A 16 -2.78 13.36 -0.46
CA ARG A 16 -2.79 11.91 -0.61
C ARG A 16 -2.72 11.52 -2.09
N ARG A 17 -2.50 10.24 -2.32
CA ARG A 17 -2.42 9.73 -3.67
C ARG A 17 -3.38 8.55 -3.87
N GLU A 18 -4.26 8.69 -4.84
CA GLU A 18 -5.23 7.66 -5.14
C GLU A 18 -4.82 6.88 -6.39
N ILE A 19 -4.16 5.75 -6.16
CA ILE A 19 -3.71 4.91 -7.25
C ILE A 19 -4.26 3.50 -7.07
N LYS A 20 -4.93 3.02 -8.11
CA LYS A 20 -5.52 1.69 -8.07
C LYS A 20 -4.87 0.83 -9.16
N PHE A 21 -4.60 -0.41 -8.80
CA PHE A 21 -3.99 -1.35 -9.73
C PHE A 21 -4.23 -2.80 -9.30
N THR A 22 -3.70 -3.72 -10.09
CA THR A 22 -3.84 -5.13 -9.80
C THR A 22 -2.47 -5.81 -9.74
N VAL A 23 -2.43 -6.94 -9.05
CA VAL A 23 -1.19 -7.68 -8.92
C VAL A 23 -1.42 -9.13 -9.35
N SER A 24 -0.64 -9.57 -10.31
CA SER A 24 -0.76 -10.93 -10.82
C SER A 24 0.41 -11.78 -10.31
N PHE A 25 0.08 -13.00 -9.92
CA PHE A 25 1.08 -13.92 -9.41
C PHE A 25 0.50 -15.33 -9.23
N ASP A 26 1.35 -16.32 -9.47
CA ASP A 26 0.94 -17.70 -9.36
C ASP A 26 1.94 -18.46 -8.47
N ALA A 27 1.55 -18.62 -7.21
CA ALA A 27 2.40 -19.32 -6.27
C ALA A 27 1.82 -19.16 -4.86
N ALA A 28 2.30 -18.13 -4.17
CA ALA A 28 1.84 -17.86 -2.81
C ALA A 28 1.49 -16.38 -2.68
N THR A 29 0.64 -16.09 -1.71
CA THR A 29 0.22 -14.71 -1.48
C THR A 29 1.29 -13.96 -0.68
N PRO A 30 1.76 -12.83 -1.27
CA PRO A 30 2.77 -12.02 -0.62
C PRO A 30 2.18 -11.20 0.52
N SER A 31 2.91 -10.18 0.92
CA SER A 31 2.46 -9.31 2.01
C SER A 31 2.29 -7.88 1.49
N ILE A 32 2.08 -6.97 2.44
CA ILE A 32 1.90 -5.57 2.11
C ILE A 32 3.23 -4.98 1.66
N LYS A 33 4.21 -5.08 2.56
CA LYS A 33 5.54 -4.56 2.27
C LYS A 33 6.05 -5.16 0.96
N ASP A 34 5.98 -6.48 0.88
CA ASP A 34 6.43 -7.18 -0.30
C ASP A 34 5.73 -6.60 -1.54
N VAL A 35 4.49 -6.20 -1.33
CA VAL A 35 3.70 -5.62 -2.41
C VAL A 35 4.13 -4.17 -2.62
N LYS A 36 4.44 -3.50 -1.52
CA LYS A 36 4.85 -2.11 -1.57
C LYS A 36 6.28 -2.04 -2.13
N MET A 37 6.97 -3.16 -2.04
CA MET A 37 8.33 -3.23 -2.54
C MET A 37 8.39 -3.00 -4.04
N LYS A 38 7.77 -3.93 -4.77
CA LYS A 38 7.74 -3.83 -6.22
C LYS A 38 6.94 -2.59 -6.63
N LEU A 39 5.95 -2.28 -5.83
CA LEU A 39 5.10 -1.13 -6.09
C LEU A 39 5.96 0.13 -6.13
N VAL A 40 6.91 0.19 -5.22
CA VAL A 40 7.81 1.33 -5.15
C VAL A 40 8.50 1.52 -6.49
N ALA A 41 8.94 0.40 -7.06
CA ALA A 41 9.62 0.42 -8.34
C ALA A 41 8.60 0.68 -9.45
N VAL A 42 7.42 0.11 -9.26
CA VAL A 42 6.34 0.25 -10.23
C VAL A 42 5.93 1.72 -10.30
N LEU A 43 5.62 2.27 -9.13
CA LEU A 43 5.21 3.67 -9.03
C LEU A 43 6.42 4.56 -9.23
N ASN A 44 7.53 4.16 -8.62
CA ASN A 44 8.76 4.92 -8.71
C ASN A 44 8.65 6.16 -7.83
N ALA A 45 8.16 5.96 -6.62
CA ALA A 45 7.99 7.05 -5.69
C ALA A 45 8.66 6.67 -4.35
N ASN A 46 8.42 7.51 -3.35
CA ASN A 46 8.99 7.28 -2.04
C ASN A 46 8.40 6.00 -1.44
N LYS A 47 9.22 5.33 -0.64
CA LYS A 47 8.80 4.08 -0.01
C LYS A 47 8.63 4.32 1.50
N GLN A 48 9.43 5.23 2.01
CA GLN A 48 9.37 5.55 3.43
C GLN A 48 8.00 6.10 3.80
N VAL A 49 7.24 6.45 2.77
CA VAL A 49 5.91 6.99 2.98
C VAL A 49 4.96 6.38 1.94
N LEU A 50 5.04 5.06 1.81
CA LEU A 50 4.20 4.34 0.87
C LEU A 50 3.66 3.08 1.53
N VAL A 51 2.36 2.86 1.35
CA VAL A 51 1.71 1.70 1.94
C VAL A 51 0.49 1.33 1.09
N VAL A 52 -0.12 0.20 1.44
CA VAL A 52 -1.30 -0.26 0.73
C VAL A 52 -2.53 -0.08 1.62
N ASP A 53 -3.66 0.12 0.96
CA ASP A 53 -4.91 0.31 1.68
C ASP A 53 -5.59 -1.04 1.87
N THR A 54 -5.83 -1.73 0.76
CA THR A 54 -6.47 -3.02 0.80
C THR A 54 -6.31 -3.74 -0.55
N LEU A 55 -6.60 -5.03 -0.54
CA LEU A 55 -6.50 -5.84 -1.75
C LEU A 55 -7.57 -6.92 -1.72
N ASP A 56 -7.70 -7.60 -2.85
CA ASP A 56 -8.69 -8.66 -2.98
C ASP A 56 -8.24 -9.64 -4.08
N GLN A 57 -8.06 -10.88 -3.68
CA GLN A 57 -7.64 -11.91 -4.62
C GLN A 57 -8.76 -12.22 -5.61
N ILE A 58 -8.36 -12.50 -6.85
CA ILE A 58 -9.32 -12.81 -7.90
C ILE A 58 -9.57 -14.33 -7.92
N PHE A 59 -10.84 -14.67 -7.93
CA PHE A 59 -11.24 -16.07 -7.96
C PHE A 59 -11.18 -16.63 -9.38
N GLY A 60 -11.33 -15.73 -10.34
CA GLY A 60 -11.30 -16.12 -11.74
C GLY A 60 -9.99 -16.82 -12.10
N LYS A 61 -8.90 -16.18 -11.71
CA LYS A 61 -7.58 -16.73 -11.97
C LYS A 61 -6.68 -16.47 -10.76
N LEU A 62 -5.39 -16.36 -11.03
CA LEU A 62 -4.41 -16.13 -9.98
C LEU A 62 -4.08 -14.64 -9.92
N GLU A 63 -5.14 -13.83 -9.98
CA GLU A 63 -4.98 -12.38 -9.93
C GLU A 63 -5.46 -11.84 -8.59
N ALA A 64 -5.15 -10.57 -8.36
CA ALA A 64 -5.55 -9.93 -7.12
C ALA A 64 -5.62 -8.41 -7.34
N GLU A 65 -6.81 -7.88 -7.10
CA GLU A 65 -7.03 -6.45 -7.28
C GLU A 65 -7.02 -5.74 -5.92
N GLY A 66 -6.38 -4.58 -5.89
CA GLY A 66 -6.30 -3.80 -4.67
C GLY A 66 -5.98 -2.34 -4.97
N TYR A 67 -6.12 -1.51 -3.95
CA TYR A 67 -5.85 -0.09 -4.09
C TYR A 67 -4.69 0.34 -3.20
N ALA A 68 -3.89 1.25 -3.73
CA ALA A 68 -2.73 1.75 -3.00
C ALA A 68 -3.01 3.19 -2.54
N LYS A 69 -2.19 3.65 -1.61
CA LYS A 69 -2.33 5.00 -1.09
C LYS A 69 -0.96 5.57 -0.76
N ILE A 70 -0.84 6.88 -0.92
CA ILE A 70 0.42 7.55 -0.65
C ILE A 70 0.13 8.93 -0.04
N TYR A 71 0.98 9.32 0.89
CA TYR A 71 0.84 10.60 1.56
C TYR A 71 2.09 11.47 1.37
N ASN A 72 2.07 12.62 2.02
CA ASN A 72 3.18 13.55 1.94
C ASN A 72 3.99 13.49 3.23
N ASP A 73 3.29 13.73 4.33
CA ASP A 73 3.93 13.71 5.64
C ASP A 73 3.07 12.89 6.60
N GLU A 74 3.72 11.97 7.30
CA GLU A 74 3.04 11.13 8.25
C GLU A 74 2.44 11.97 9.38
N LYS A 75 2.96 13.18 9.52
CA LYS A 75 2.49 14.08 10.55
C LYS A 75 0.99 14.33 10.34
N ALA A 76 0.64 14.68 9.12
CA ALA A 76 -0.75 14.95 8.79
C ALA A 76 -1.53 13.63 8.79
N MET A 77 -1.00 12.67 8.05
CA MET A 77 -1.64 11.37 7.94
C MET A 77 -1.92 10.79 9.33
N ALA A 78 -0.90 10.85 10.17
CA ALA A 78 -1.03 10.34 11.54
C ALA A 78 -2.32 10.88 12.17
N THR A 79 -2.70 12.06 11.71
CA THR A 79 -3.91 12.70 12.22
C THR A 79 -5.12 12.29 11.39
N ILE A 80 -5.10 12.71 10.13
CA ILE A 80 -6.19 12.39 9.22
C ILE A 80 -6.52 10.90 9.34
N GLU A 81 -5.67 10.08 8.74
CA GLU A 81 -5.86 8.64 8.77
C GLU A 81 -6.28 8.19 10.18
N THR A 82 -6.72 6.95 10.25
CA THR A 82 -7.16 6.39 11.51
C THR A 82 -6.34 5.14 11.86
N LYS A 83 -6.61 4.59 13.03
CA LYS A 83 -5.90 3.41 13.48
C LYS A 83 -6.14 2.26 12.48
N SER A 84 -7.15 2.45 11.64
CA SER A 84 -7.50 1.46 10.66
C SER A 84 -6.49 1.50 9.50
N VAL A 85 -6.19 2.71 9.06
CA VAL A 85 -5.26 2.91 7.97
C VAL A 85 -3.83 2.64 8.47
N LEU A 86 -3.48 3.33 9.54
CA LEU A 86 -2.15 3.18 10.13
C LEU A 86 -1.94 1.72 10.50
N GLU A 87 -3.04 1.03 10.75
CA GLU A 87 -2.99 -0.37 11.12
C GLU A 87 -2.21 -1.16 10.07
N LYS A 88 -2.59 -0.96 8.82
CA LYS A 88 -1.94 -1.66 7.72
C LYS A 88 -0.43 -1.51 7.86
N ASN A 89 0.03 -0.28 7.77
CA ASN A 89 1.46 0.01 7.88
C ASN A 89 1.92 -0.29 9.31
N LYS A 90 2.67 -1.37 9.44
CA LYS A 90 3.18 -1.78 10.74
C LYS A 90 3.78 -0.57 11.44
N ILE A 91 3.68 -0.58 12.77
CA ILE A 91 4.21 0.51 13.57
C ILE A 91 5.32 -0.03 14.47
N GLU A 92 4.92 -0.52 15.63
CA GLU A 92 5.88 -1.06 16.59
C GLU A 92 5.15 -1.89 17.64
N GLU A 93 5.92 -2.29 18.65
CA GLU A 93 5.36 -3.09 19.73
C GLU A 93 5.55 -2.37 21.07
N GLU A 94 5.10 -3.03 22.13
CA GLU A 94 5.20 -2.48 23.46
C GLU A 94 6.58 -2.78 24.05
N ALA A 95 6.66 -2.67 25.38
CA ALA A 95 7.91 -2.93 26.08
C ALA A 95 7.80 -2.40 27.50
N GLU A 96 7.48 -3.31 28.41
CA GLU A 96 7.36 -2.95 29.82
C GLU A 96 8.51 -2.05 30.24
N ALA A 97 9.71 -2.61 30.19
CA ALA A 97 10.90 -1.88 30.58
C ALA A 97 12.14 -2.70 30.19
N GLU A 98 13.02 -2.06 29.42
CA GLU A 98 14.24 -2.71 28.98
C GLU A 98 14.98 -3.32 30.17
N VAL A 99 15.26 -2.47 31.15
CA VAL A 99 15.96 -2.91 32.35
C VAL A 99 15.33 -2.24 33.57
N ALA A 100 15.24 -3.01 34.64
CA ALA A 100 14.67 -2.50 35.88
C ALA A 100 15.41 -1.23 36.29
N GLU A 101 14.63 -0.21 36.63
CA GLU A 101 15.20 1.06 37.04
C GLU A 101 14.91 1.32 38.52
N GLU A 102 15.57 2.33 39.05
CA GLU A 102 15.39 2.69 40.45
C GLU A 102 13.90 2.88 40.77
N MET A 1 4.58 -12.91 -11.35
CA MET A 1 4.13 -11.64 -10.78
C MET A 1 4.06 -10.56 -11.86
N ASP A 2 2.90 -9.91 -11.93
CA ASP A 2 2.69 -8.86 -12.91
C ASP A 2 1.63 -7.89 -12.39
N ILE A 3 2.00 -6.62 -12.34
CA ILE A 3 1.10 -5.58 -11.87
C ILE A 3 0.60 -4.75 -13.05
N SER A 4 -0.66 -4.37 -12.98
CA SER A 4 -1.26 -3.57 -14.04
C SER A 4 -2.02 -2.39 -13.44
N ILE A 5 -1.68 -1.20 -13.92
CA ILE A 5 -2.32 0.01 -13.44
C ILE A 5 -3.70 0.15 -14.09
N ILE A 6 -4.69 0.48 -13.26
CA ILE A 6 -6.05 0.65 -13.74
C ILE A 6 -6.32 2.14 -13.98
N SER A 7 -6.15 2.91 -12.91
CA SER A 7 -6.37 4.34 -12.97
C SER A 7 -5.30 5.08 -12.18
N ASP A 8 -5.27 6.40 -12.35
CA ASP A 8 -4.31 7.22 -11.65
C ASP A 8 -5.02 8.45 -11.07
N ARG A 9 -5.27 8.39 -9.78
CA ARG A 9 -5.95 9.48 -9.09
C ARG A 9 -4.96 10.23 -8.19
N ASN A 10 -5.08 11.55 -8.21
CA ASN A 10 -4.21 12.38 -7.41
C ASN A 10 -5.06 13.33 -6.55
N ASN A 11 -4.81 13.28 -5.24
CA ASN A 11 -5.54 14.11 -4.31
C ASN A 11 -4.55 14.95 -3.50
N PRO A 12 -4.27 16.18 -4.01
CA PRO A 12 -3.35 17.08 -3.36
C PRO A 12 -4.00 17.71 -2.13
N LEU A 13 -5.30 17.96 -2.24
CA LEU A 13 -6.04 18.55 -1.14
C LEU A 13 -5.69 17.84 0.17
N LEU A 14 -6.14 16.60 0.26
CA LEU A 14 -5.89 15.80 1.45
C LEU A 14 -4.38 15.58 1.60
N GLN A 15 -3.66 15.87 0.52
CA GLN A 15 -2.22 15.72 0.52
C GLN A 15 -1.85 14.24 0.47
N ARG A 16 -2.45 13.54 -0.49
CA ARG A 16 -2.19 12.12 -0.66
C ARG A 16 -2.60 11.67 -2.07
N ARG A 17 -1.83 10.72 -2.58
CA ARG A 17 -2.11 10.19 -3.92
C ARG A 17 -2.75 8.81 -3.82
N GLU A 18 -3.78 8.60 -4.62
CA GLU A 18 -4.48 7.34 -4.64
C GLU A 18 -4.46 6.73 -6.04
N ILE A 19 -3.80 5.59 -6.14
CA ILE A 19 -3.69 4.90 -7.42
C ILE A 19 -4.20 3.46 -7.26
N LYS A 20 -4.97 3.03 -8.25
CA LYS A 20 -5.53 1.69 -8.22
C LYS A 20 -4.88 0.86 -9.33
N PHE A 21 -4.64 -0.41 -9.01
CA PHE A 21 -4.02 -1.31 -9.97
C PHE A 21 -4.35 -2.78 -9.63
N THR A 22 -3.82 -3.67 -10.45
CA THR A 22 -4.05 -5.09 -10.25
C THR A 22 -2.72 -5.85 -10.29
N VAL A 23 -2.63 -6.86 -9.43
CA VAL A 23 -1.43 -7.67 -9.36
C VAL A 23 -1.80 -9.14 -9.53
N SER A 24 -1.10 -9.80 -10.45
CA SER A 24 -1.35 -11.20 -10.73
C SER A 24 -0.38 -12.06 -9.92
N PHE A 25 -0.92 -13.16 -9.38
CA PHE A 25 -0.12 -14.08 -8.60
C PHE A 25 -0.29 -15.51 -9.09
N ASP A 26 0.61 -16.37 -8.63
CA ASP A 26 0.56 -17.77 -9.01
C ASP A 26 1.30 -18.61 -7.96
N ALA A 27 0.71 -18.68 -6.78
CA ALA A 27 1.31 -19.43 -5.69
C ALA A 27 0.70 -18.96 -4.37
N ALA A 28 1.16 -17.80 -3.91
CA ALA A 28 0.68 -17.24 -2.66
C ALA A 28 1.12 -15.78 -2.56
N THR A 29 0.38 -15.02 -1.78
CA THR A 29 0.69 -13.61 -1.58
C THR A 29 1.79 -13.45 -0.53
N PRO A 30 2.77 -12.56 -0.85
CA PRO A 30 3.87 -12.30 0.05
C PRO A 30 3.43 -11.43 1.23
N SER A 31 3.55 -10.12 1.04
CA SER A 31 3.15 -9.18 2.07
C SER A 31 2.92 -7.80 1.46
N ILE A 32 2.63 -6.84 2.32
CA ILE A 32 2.38 -5.48 1.88
C ILE A 32 3.69 -4.84 1.43
N LYS A 33 4.65 -4.85 2.33
CA LYS A 33 5.96 -4.29 2.03
C LYS A 33 6.58 -5.04 0.85
N ASP A 34 6.42 -6.35 0.87
CA ASP A 34 6.96 -7.19 -0.19
C ASP A 34 6.39 -6.73 -1.53
N VAL A 35 5.13 -6.30 -1.49
CA VAL A 35 4.46 -5.85 -2.69
C VAL A 35 4.90 -4.40 -2.99
N LYS A 36 4.78 -3.56 -1.97
CA LYS A 36 5.15 -2.16 -2.11
C LYS A 36 6.55 -2.07 -2.75
N MET A 37 7.33 -3.12 -2.54
CA MET A 37 8.67 -3.17 -3.07
C MET A 37 8.68 -2.88 -4.58
N LYS A 38 7.91 -3.67 -5.30
CA LYS A 38 7.82 -3.51 -6.74
C LYS A 38 7.04 -2.23 -7.06
N LEU A 39 5.89 -2.10 -6.42
CA LEU A 39 5.05 -0.94 -6.62
C LEU A 39 5.88 0.33 -6.44
N VAL A 40 6.82 0.26 -5.51
CA VAL A 40 7.70 1.39 -5.24
C VAL A 40 8.46 1.75 -6.52
N ALA A 41 8.92 0.73 -7.22
CA ALA A 41 9.66 0.93 -8.45
C ALA A 41 8.69 1.34 -9.55
N VAL A 42 7.50 0.75 -9.50
CA VAL A 42 6.48 1.05 -10.49
C VAL A 42 6.05 2.51 -10.36
N LEU A 43 5.70 2.88 -9.13
CA LEU A 43 5.28 4.24 -8.86
C LEU A 43 6.48 5.18 -8.94
N ASN A 44 7.63 4.65 -8.56
CA ASN A 44 8.86 5.43 -8.58
C ASN A 44 8.82 6.48 -7.48
N ALA A 45 8.76 6.00 -6.25
CA ALA A 45 8.72 6.89 -5.10
C ALA A 45 9.43 6.23 -3.92
N ASN A 46 9.28 6.84 -2.75
CA ASN A 46 9.91 6.33 -1.55
C ASN A 46 9.02 5.23 -0.95
N LYS A 47 9.40 4.79 0.24
CA LYS A 47 8.66 3.75 0.94
C LYS A 47 7.99 4.35 2.18
N GLN A 48 8.14 3.64 3.28
CA GLN A 48 7.56 4.08 4.53
C GLN A 48 6.23 4.79 4.29
N VAL A 49 6.30 6.11 4.22
CA VAL A 49 5.11 6.91 3.98
C VAL A 49 4.23 6.21 2.94
N LEU A 50 4.87 5.47 2.06
CA LEU A 50 4.16 4.75 1.02
C LEU A 50 3.65 3.42 1.59
N VAL A 51 2.39 3.13 1.27
CA VAL A 51 1.78 1.90 1.75
C VAL A 51 0.64 1.51 0.80
N VAL A 52 0.06 0.35 1.07
CA VAL A 52 -1.04 -0.14 0.24
C VAL A 52 -2.35 0.04 0.99
N ASP A 53 -3.39 0.36 0.23
CA ASP A 53 -4.71 0.57 0.80
C ASP A 53 -5.31 -0.78 1.19
N THR A 54 -5.41 -1.66 0.21
CA THR A 54 -5.96 -2.99 0.43
C THR A 54 -5.84 -3.83 -0.84
N LEU A 55 -5.94 -5.14 -0.65
CA LEU A 55 -5.84 -6.07 -1.76
C LEU A 55 -6.92 -7.14 -1.62
N ASP A 56 -7.10 -7.90 -2.68
CA ASP A 56 -8.09 -8.97 -2.69
C ASP A 56 -7.79 -9.93 -3.83
N GLN A 57 -7.56 -11.19 -3.45
CA GLN A 57 -7.26 -12.22 -4.44
C GLN A 57 -8.49 -12.50 -5.31
N ILE A 58 -8.23 -12.70 -6.59
CA ILE A 58 -9.30 -12.98 -7.53
C ILE A 58 -9.55 -14.49 -7.58
N PHE A 59 -10.83 -14.85 -7.54
CA PHE A 59 -11.22 -16.25 -7.57
C PHE A 59 -11.18 -16.78 -9.00
N GLY A 60 -11.75 -16.00 -9.91
CA GLY A 60 -11.80 -16.38 -11.31
C GLY A 60 -10.50 -17.08 -11.73
N LYS A 61 -9.38 -16.44 -11.39
CA LYS A 61 -8.09 -16.98 -11.72
C LYS A 61 -7.10 -16.66 -10.59
N LEU A 62 -5.83 -16.65 -10.94
CA LEU A 62 -4.78 -16.36 -9.97
C LEU A 62 -4.46 -14.87 -9.99
N GLU A 63 -5.51 -14.08 -10.13
CA GLU A 63 -5.35 -12.63 -10.17
C GLU A 63 -5.63 -12.03 -8.78
N ALA A 64 -5.22 -10.78 -8.63
CA ALA A 64 -5.42 -10.08 -7.37
C ALA A 64 -5.51 -8.57 -7.64
N GLU A 65 -6.51 -7.96 -7.04
CA GLU A 65 -6.72 -6.53 -7.20
C GLU A 65 -6.53 -5.80 -5.87
N GLY A 66 -5.89 -4.65 -5.94
CA GLY A 66 -5.63 -3.86 -4.75
C GLY A 66 -5.43 -2.38 -5.11
N TYR A 67 -5.47 -1.55 -4.07
CA TYR A 67 -5.29 -0.11 -4.27
C TYR A 67 -4.07 0.39 -3.50
N ALA A 68 -3.33 1.28 -4.15
CA ALA A 68 -2.14 1.84 -3.54
C ALA A 68 -2.40 3.31 -3.19
N LYS A 69 -1.86 3.73 -2.07
CA LYS A 69 -2.03 5.10 -1.61
C LYS A 69 -0.68 5.64 -1.15
N ILE A 70 -0.48 6.93 -1.39
CA ILE A 70 0.77 7.58 -1.01
C ILE A 70 0.44 8.93 -0.35
N TYR A 71 1.14 9.20 0.74
CA TYR A 71 0.94 10.44 1.47
C TYR A 71 2.18 11.33 1.39
N ASN A 72 2.12 12.45 2.09
CA ASN A 72 3.22 13.39 2.11
C ASN A 72 3.83 13.42 3.52
N ASP A 73 2.97 13.65 4.50
CA ASP A 73 3.42 13.70 5.88
C ASP A 73 2.47 12.86 6.74
N GLU A 74 3.06 11.91 7.44
CA GLU A 74 2.28 11.02 8.30
C GLU A 74 1.55 11.84 9.37
N LYS A 75 2.04 13.06 9.58
CA LYS A 75 1.46 13.95 10.56
C LYS A 75 -0.01 14.19 10.21
N ALA A 76 -0.26 14.41 8.92
CA ALA A 76 -1.60 14.66 8.45
C ALA A 76 -2.37 13.33 8.40
N MET A 77 -1.77 12.36 7.73
CA MET A 77 -2.38 11.05 7.60
C MET A 77 -2.72 10.47 8.97
N ALA A 78 -1.74 10.51 9.86
CA ALA A 78 -1.92 9.98 11.20
C ALA A 78 -3.19 10.60 11.81
N THR A 79 -3.49 11.81 11.37
CA THR A 79 -4.66 12.52 11.86
C THR A 79 -5.87 12.23 10.97
N ILE A 80 -5.77 12.69 9.73
CA ILE A 80 -6.84 12.49 8.78
C ILE A 80 -7.32 11.03 8.84
N GLU A 81 -6.45 10.14 8.37
CA GLU A 81 -6.76 8.73 8.37
C GLU A 81 -7.07 8.25 9.79
N THR A 82 -7.65 7.06 9.87
CA THR A 82 -7.99 6.48 11.15
C THR A 82 -7.20 5.19 11.38
N LYS A 83 -7.38 4.63 12.57
CA LYS A 83 -6.69 3.40 12.92
C LYS A 83 -6.90 2.36 11.82
N SER A 84 -8.01 2.52 11.11
CA SER A 84 -8.35 1.62 10.02
C SER A 84 -7.21 1.59 8.99
N VAL A 85 -6.73 2.78 8.67
CA VAL A 85 -5.65 2.92 7.71
C VAL A 85 -4.32 2.61 8.39
N LEU A 86 -4.05 3.35 9.46
CA LEU A 86 -2.82 3.18 10.21
C LEU A 86 -2.68 1.71 10.60
N GLU A 87 -3.81 1.02 10.63
CA GLU A 87 -3.82 -0.39 10.97
C GLU A 87 -2.89 -1.17 10.05
N LYS A 88 -3.09 -0.97 8.75
CA LYS A 88 -2.28 -1.65 7.76
C LYS A 88 -0.80 -1.50 8.12
N ASN A 89 -0.33 -0.27 8.02
CA ASN A 89 1.06 0.03 8.34
C ASN A 89 1.28 -0.09 9.85
N LYS A 90 2.02 -1.12 10.23
CA LYS A 90 2.31 -1.35 11.64
C LYS A 90 2.59 -0.01 12.32
N ILE A 91 2.24 0.06 13.60
CA ILE A 91 2.44 1.27 14.38
C ILE A 91 3.48 0.99 15.47
N GLU A 92 2.98 0.56 16.61
CA GLU A 92 3.84 0.26 17.75
C GLU A 92 3.10 -0.59 18.77
N GLU A 93 3.86 -1.05 19.77
CA GLU A 93 3.28 -1.88 20.81
C GLU A 93 2.92 -1.03 22.02
N GLU A 94 2.48 -1.70 23.08
CA GLU A 94 2.10 -1.02 24.31
C GLU A 94 3.34 -0.81 25.20
N ALA A 95 3.06 -0.48 26.45
CA ALA A 95 4.13 -0.25 27.41
C ALA A 95 3.51 0.08 28.78
N GLU A 96 3.34 -0.95 29.59
CA GLU A 96 2.77 -0.78 30.91
C GLU A 96 3.30 0.50 31.55
N ALA A 97 4.60 0.52 31.78
CA ALA A 97 5.24 1.68 32.39
C ALA A 97 6.34 2.19 31.46
N GLU A 98 6.26 3.46 31.13
CA GLU A 98 7.24 4.08 30.27
C GLU A 98 7.08 5.60 30.27
N VAL A 99 6.00 6.04 29.62
CA VAL A 99 5.72 7.47 29.55
C VAL A 99 4.32 7.74 30.10
N ALA A 100 4.03 9.01 30.31
CA ALA A 100 2.75 9.41 30.84
C ALA A 100 1.90 10.05 29.73
N GLU A 101 0.60 9.83 29.81
CA GLU A 101 -0.32 10.37 28.83
C GLU A 101 -1.75 10.33 29.35
N GLU A 102 -2.60 11.12 28.72
CA GLU A 102 -4.00 11.19 29.11
C GLU A 102 -4.66 9.82 28.97
N MET A 1 6.75 -11.05 -10.40
CA MET A 1 5.56 -10.31 -10.05
C MET A 1 5.13 -9.38 -11.18
N ASP A 2 3.84 -9.40 -11.47
CA ASP A 2 3.29 -8.56 -12.52
C ASP A 2 2.09 -7.77 -11.98
N ILE A 3 2.23 -6.46 -12.02
CA ILE A 3 1.17 -5.58 -11.53
C ILE A 3 0.64 -4.75 -12.70
N SER A 4 -0.68 -4.58 -12.70
CA SER A 4 -1.34 -3.82 -13.75
C SER A 4 -2.01 -2.58 -13.15
N ILE A 5 -1.66 -1.43 -13.69
CA ILE A 5 -2.22 -0.18 -13.23
C ILE A 5 -3.54 0.09 -13.93
N ILE A 6 -4.56 0.38 -13.14
CA ILE A 6 -5.89 0.65 -13.69
C ILE A 6 -6.06 2.16 -13.87
N SER A 7 -5.96 2.88 -12.75
CA SER A 7 -6.10 4.32 -12.77
C SER A 7 -5.03 4.97 -11.89
N ASP A 8 -4.78 6.24 -12.16
CA ASP A 8 -3.79 6.98 -11.40
C ASP A 8 -4.38 8.33 -10.99
N ARG A 9 -5.04 8.32 -9.84
CA ARG A 9 -5.65 9.53 -9.32
C ARG A 9 -4.72 10.21 -8.30
N ASN A 10 -4.93 11.49 -8.13
CA ASN A 10 -4.13 12.26 -7.19
C ASN A 10 -5.05 13.02 -6.24
N ASN A 11 -4.65 13.02 -4.97
CA ASN A 11 -5.43 13.70 -3.95
C ASN A 11 -4.60 14.83 -3.35
N PRO A 12 -4.75 16.04 -3.95
CA PRO A 12 -4.02 17.21 -3.48
C PRO A 12 -4.61 17.74 -2.17
N LEU A 13 -5.93 17.81 -2.14
CA LEU A 13 -6.64 18.30 -0.97
C LEU A 13 -6.04 17.65 0.27
N LEU A 14 -6.26 16.35 0.40
CA LEU A 14 -5.74 15.60 1.53
C LEU A 14 -4.22 15.47 1.41
N GLN A 15 -3.74 15.78 0.22
CA GLN A 15 -2.30 15.70 -0.03
C GLN A 15 -1.86 14.24 -0.14
N ARG A 16 -2.81 13.39 -0.50
CA ARG A 16 -2.53 11.97 -0.63
C ARG A 16 -2.54 11.57 -2.11
N ARG A 17 -2.26 10.29 -2.34
CA ARG A 17 -2.23 9.77 -3.69
C ARG A 17 -3.19 8.58 -3.82
N GLU A 18 -4.03 8.66 -4.85
CA GLU A 18 -5.00 7.61 -5.11
C GLU A 18 -4.66 6.86 -6.39
N ILE A 19 -4.08 5.68 -6.22
CA ILE A 19 -3.68 4.87 -7.36
C ILE A 19 -4.32 3.48 -7.22
N LYS A 20 -4.87 3.00 -8.33
CA LYS A 20 -5.52 1.70 -8.34
C LYS A 20 -4.82 0.81 -9.36
N PHE A 21 -4.56 -0.43 -8.95
CA PHE A 21 -3.91 -1.38 -9.82
C PHE A 21 -4.16 -2.82 -9.34
N THR A 22 -3.61 -3.76 -10.09
CA THR A 22 -3.76 -5.17 -9.76
C THR A 22 -2.40 -5.85 -9.62
N VAL A 23 -2.39 -6.94 -8.86
CA VAL A 23 -1.16 -7.68 -8.64
C VAL A 23 -1.42 -9.17 -8.89
N SER A 24 -0.56 -9.76 -9.70
CA SER A 24 -0.68 -11.17 -10.03
C SER A 24 0.61 -11.91 -9.67
N PHE A 25 0.45 -13.11 -9.14
CA PHE A 25 1.59 -13.92 -8.75
C PHE A 25 1.35 -15.39 -9.09
N ASP A 26 2.35 -16.21 -8.77
CA ASP A 26 2.27 -17.64 -9.03
C ASP A 26 1.89 -18.37 -7.74
N ALA A 27 0.60 -18.31 -7.43
CA ALA A 27 0.10 -18.95 -6.23
C ALA A 27 0.79 -18.36 -5.01
N ALA A 28 0.09 -18.42 -3.88
CA ALA A 28 0.63 -17.90 -2.64
C ALA A 28 0.87 -16.40 -2.78
N THR A 29 0.34 -15.65 -1.83
CA THR A 29 0.48 -14.20 -1.84
C THR A 29 1.69 -13.78 -1.00
N PRO A 30 2.35 -12.68 -1.44
CA PRO A 30 3.51 -12.17 -0.73
C PRO A 30 3.10 -11.45 0.55
N SER A 31 2.87 -10.15 0.41
CA SER A 31 2.47 -9.34 1.55
C SER A 31 2.31 -7.88 1.13
N ILE A 32 1.95 -7.04 2.09
CA ILE A 32 1.76 -5.63 1.84
C ILE A 32 3.14 -4.97 1.62
N LYS A 33 3.98 -5.12 2.62
CA LYS A 33 5.32 -4.55 2.55
C LYS A 33 6.06 -5.12 1.34
N ASP A 34 5.69 -6.34 0.99
CA ASP A 34 6.29 -7.02 -0.14
C ASP A 34 5.64 -6.53 -1.43
N VAL A 35 4.37 -6.17 -1.31
CA VAL A 35 3.61 -5.68 -2.46
C VAL A 35 3.99 -4.23 -2.74
N LYS A 36 4.17 -3.48 -1.65
CA LYS A 36 4.53 -2.08 -1.76
C LYS A 36 5.96 -1.96 -2.27
N MET A 37 6.72 -3.04 -2.08
CA MET A 37 8.10 -3.07 -2.52
C MET A 37 8.21 -2.90 -4.04
N LYS A 38 7.66 -3.86 -4.75
CA LYS A 38 7.68 -3.84 -6.21
C LYS A 38 6.90 -2.62 -6.70
N LEU A 39 5.88 -2.26 -5.92
CA LEU A 39 5.05 -1.13 -6.27
C LEU A 39 5.90 0.14 -6.32
N VAL A 40 6.95 0.15 -5.51
CA VAL A 40 7.85 1.27 -5.46
C VAL A 40 8.38 1.57 -6.87
N ALA A 41 8.61 0.50 -7.62
CA ALA A 41 9.12 0.63 -8.97
C ALA A 41 7.98 1.08 -9.89
N VAL A 42 6.84 0.41 -9.75
CA VAL A 42 5.68 0.74 -10.57
C VAL A 42 5.29 2.19 -10.30
N LEU A 43 5.15 2.52 -9.03
CA LEU A 43 4.77 3.88 -8.64
C LEU A 43 5.96 4.81 -8.87
N ASN A 44 7.15 4.29 -8.56
CA ASN A 44 8.37 5.07 -8.73
C ASN A 44 8.36 6.22 -7.72
N ALA A 45 8.21 5.86 -6.46
CA ALA A 45 8.19 6.85 -5.39
C ALA A 45 9.09 6.37 -4.25
N ASN A 46 9.01 7.09 -3.14
CA ASN A 46 9.81 6.75 -1.98
C ASN A 46 9.29 5.45 -1.36
N LYS A 47 10.22 4.58 -1.02
CA LYS A 47 9.87 3.30 -0.42
C LYS A 47 9.18 3.54 0.92
N GLN A 48 9.40 4.73 1.45
CA GLN A 48 8.80 5.11 2.73
C GLN A 48 7.53 5.93 2.51
N VAL A 49 6.84 6.19 3.61
CA VAL A 49 5.62 6.97 3.55
C VAL A 49 4.71 6.40 2.45
N LEU A 50 4.91 5.12 2.18
CA LEU A 50 4.11 4.46 1.16
C LEU A 50 3.54 3.15 1.73
N VAL A 51 2.26 2.94 1.46
CA VAL A 51 1.59 1.75 1.95
C VAL A 51 0.42 1.42 1.01
N VAL A 52 -0.20 0.27 1.27
CA VAL A 52 -1.32 -0.17 0.46
C VAL A 52 -2.62 0.13 1.21
N ASP A 53 -3.67 0.35 0.42
CA ASP A 53 -4.98 0.64 1.00
C ASP A 53 -5.71 -0.67 1.30
N THR A 54 -5.84 -1.48 0.27
CA THR A 54 -6.51 -2.76 0.40
C THR A 54 -6.27 -3.64 -0.83
N LEU A 55 -6.46 -4.93 -0.66
CA LEU A 55 -6.28 -5.87 -1.74
C LEU A 55 -7.38 -6.93 -1.70
N ASP A 56 -7.45 -7.72 -2.76
CA ASP A 56 -8.45 -8.77 -2.85
C ASP A 56 -8.05 -9.76 -3.92
N GLN A 57 -8.05 -11.04 -3.54
CA GLN A 57 -7.68 -12.09 -4.47
C GLN A 57 -8.75 -12.27 -5.54
N ILE A 58 -8.31 -12.64 -6.74
CA ILE A 58 -9.22 -12.83 -7.85
C ILE A 58 -9.51 -14.33 -8.00
N PHE A 59 -10.80 -14.64 -8.13
CA PHE A 59 -11.21 -16.02 -8.28
C PHE A 59 -10.98 -16.51 -9.71
N GLY A 60 -11.31 -15.64 -10.66
CA GLY A 60 -11.13 -15.98 -12.06
C GLY A 60 -9.80 -16.69 -12.30
N LYS A 61 -8.74 -16.07 -11.79
CA LYS A 61 -7.40 -16.63 -11.94
C LYS A 61 -6.61 -16.37 -10.67
N LEU A 62 -5.30 -16.32 -10.83
CA LEU A 62 -4.41 -16.08 -9.69
C LEU A 62 -4.03 -14.60 -9.65
N GLU A 63 -5.06 -13.76 -9.73
CA GLU A 63 -4.86 -12.32 -9.69
C GLU A 63 -5.32 -11.76 -8.35
N ALA A 64 -4.94 -10.51 -8.11
CA ALA A 64 -5.30 -9.84 -6.87
C ALA A 64 -5.29 -8.33 -7.09
N GLU A 65 -6.45 -7.73 -6.88
CA GLU A 65 -6.59 -6.29 -7.05
C GLU A 65 -6.57 -5.58 -5.69
N GLY A 66 -5.91 -4.44 -5.67
CA GLY A 66 -5.81 -3.66 -4.44
C GLY A 66 -5.49 -2.20 -4.74
N TYR A 67 -5.81 -1.34 -3.79
CA TYR A 67 -5.56 0.08 -3.95
C TYR A 67 -4.35 0.52 -3.11
N ALA A 68 -3.62 1.49 -3.65
CA ALA A 68 -2.45 2.00 -2.97
C ALA A 68 -2.65 3.47 -2.63
N LYS A 69 -2.00 3.90 -1.56
CA LYS A 69 -2.10 5.28 -1.11
C LYS A 69 -0.72 5.80 -0.74
N ILE A 70 -0.49 7.06 -1.04
CA ILE A 70 0.78 7.69 -0.74
C ILE A 70 0.53 9.10 -0.17
N TYR A 71 1.22 9.39 0.93
CA TYR A 71 1.09 10.68 1.57
C TYR A 71 2.40 11.46 1.52
N ASN A 72 2.32 12.73 1.90
CA ASN A 72 3.49 13.59 1.91
C ASN A 72 4.25 13.40 3.22
N ASP A 73 3.49 13.22 4.29
CA ASP A 73 4.08 13.02 5.60
C ASP A 73 3.09 12.29 6.51
N GLU A 74 3.64 11.54 7.45
CA GLU A 74 2.81 10.78 8.37
C GLU A 74 2.11 11.73 9.35
N LYS A 75 2.66 12.93 9.46
CA LYS A 75 2.10 13.93 10.35
C LYS A 75 0.63 14.16 10.00
N ALA A 76 0.37 14.22 8.71
CA ALA A 76 -0.99 14.43 8.23
C ALA A 76 -1.78 13.12 8.34
N MET A 77 -1.21 12.07 7.77
CA MET A 77 -1.84 10.77 7.80
C MET A 77 -2.22 10.37 9.23
N ALA A 78 -1.29 10.58 10.14
CA ALA A 78 -1.51 10.26 11.54
C ALA A 78 -2.79 10.94 12.01
N THR A 79 -3.10 12.06 11.37
CA THR A 79 -4.30 12.82 11.72
C THR A 79 -5.45 12.44 10.80
N ILE A 80 -5.21 12.57 9.51
CA ILE A 80 -6.23 12.25 8.52
C ILE A 80 -6.96 10.97 8.94
N GLU A 81 -6.24 9.85 8.84
CA GLU A 81 -6.80 8.57 9.20
C GLU A 81 -6.47 8.24 10.66
N THR A 82 -6.95 7.10 11.11
CA THR A 82 -6.72 6.65 12.47
C THR A 82 -6.01 5.30 12.48
N LYS A 83 -6.10 4.63 13.62
CA LYS A 83 -5.47 3.33 13.78
C LYS A 83 -6.10 2.34 12.78
N SER A 84 -7.24 2.74 12.25
CA SER A 84 -7.94 1.91 11.29
C SER A 84 -7.07 1.66 10.07
N VAL A 85 -6.54 2.74 9.51
CA VAL A 85 -5.68 2.65 8.34
C VAL A 85 -4.26 2.30 8.79
N LEU A 86 -3.84 2.94 9.87
CA LEU A 86 -2.50 2.72 10.40
C LEU A 86 -2.39 1.27 10.86
N GLU A 87 -3.54 0.64 11.06
CA GLU A 87 -3.58 -0.74 11.50
C GLU A 87 -2.93 -1.65 10.44
N LYS A 88 -3.42 -1.52 9.22
CA LYS A 88 -2.90 -2.33 8.12
C LYS A 88 -1.38 -2.15 8.04
N ASN A 89 -0.94 -0.94 8.37
CA ASN A 89 0.48 -0.63 8.35
C ASN A 89 1.07 -0.83 9.74
N LYS A 90 2.39 -0.82 9.80
CA LYS A 90 3.09 -1.01 11.05
C LYS A 90 2.35 -0.24 12.16
N ILE A 91 2.48 -0.75 13.37
CA ILE A 91 1.82 -0.14 14.52
C ILE A 91 2.53 1.17 14.86
N GLU A 92 3.65 1.03 15.56
CA GLU A 92 4.42 2.20 15.96
C GLU A 92 3.65 3.04 16.97
N GLU A 93 4.40 3.67 17.87
CA GLU A 93 3.79 4.51 18.90
C GLU A 93 4.17 5.97 18.67
N GLU A 94 3.61 6.83 19.52
CA GLU A 94 3.88 8.26 19.43
C GLU A 94 5.03 8.63 20.36
N ALA A 95 5.04 9.89 20.75
CA ALA A 95 6.08 10.40 21.65
C ALA A 95 7.43 10.32 20.94
N GLU A 96 7.69 11.30 20.10
CA GLU A 96 8.94 11.36 19.36
C GLU A 96 10.12 11.07 20.29
N ALA A 97 10.30 11.96 21.25
CA ALA A 97 11.38 11.83 22.20
C ALA A 97 12.72 11.83 21.46
N GLU A 98 13.74 12.31 22.16
CA GLU A 98 15.07 12.38 21.58
C GLU A 98 16.11 12.69 22.66
N VAL A 99 16.08 13.94 23.12
CA VAL A 99 17.01 14.37 24.15
C VAL A 99 16.24 15.15 25.22
N ALA A 100 16.24 14.59 26.42
CA ALA A 100 15.54 15.20 27.54
C ALA A 100 15.64 14.29 28.77
N GLU A 101 15.08 14.77 29.87
CA GLU A 101 15.10 14.01 31.10
C GLU A 101 13.69 13.94 31.70
N GLU A 102 13.55 13.10 32.73
CA GLU A 102 12.27 12.93 33.39
C GLU A 102 11.56 14.27 33.52
N MET A 1 6.57 -10.69 -9.16
CA MET A 1 5.17 -10.78 -9.54
C MET A 1 4.85 -9.78 -10.67
N ASP A 2 3.61 -9.84 -11.13
CA ASP A 2 3.16 -8.96 -12.20
C ASP A 2 2.10 -8.01 -11.65
N ILE A 3 2.26 -6.74 -11.99
CA ILE A 3 1.32 -5.72 -11.55
C ILE A 3 0.96 -4.82 -12.72
N SER A 4 -0.30 -4.43 -12.76
CA SER A 4 -0.78 -3.56 -13.82
C SER A 4 -1.58 -2.39 -13.23
N ILE A 5 -1.19 -1.20 -13.63
CA ILE A 5 -1.85 0.00 -13.15
C ILE A 5 -3.22 0.14 -13.82
N ILE A 6 -4.19 0.57 -13.03
CA ILE A 6 -5.54 0.74 -13.54
C ILE A 6 -5.82 2.23 -13.74
N SER A 7 -5.67 2.98 -12.67
CA SER A 7 -5.90 4.42 -12.71
C SER A 7 -4.87 5.14 -11.84
N ASP A 8 -4.71 6.43 -12.12
CA ASP A 8 -3.77 7.24 -11.37
C ASP A 8 -4.42 8.56 -11.00
N ARG A 9 -5.01 8.57 -9.80
CA ARG A 9 -5.68 9.76 -9.30
C ARG A 9 -4.75 10.54 -8.37
N ASN A 10 -4.99 11.84 -8.28
CA ASN A 10 -4.20 12.70 -7.43
C ASN A 10 -5.13 13.55 -6.56
N ASN A 11 -4.94 13.41 -5.25
CA ASN A 11 -5.75 14.14 -4.30
C ASN A 11 -4.83 14.96 -3.39
N PRO A 12 -4.58 16.23 -3.81
CA PRO A 12 -3.73 17.13 -3.05
C PRO A 12 -4.45 17.65 -1.80
N LEU A 13 -5.76 17.80 -1.94
CA LEU A 13 -6.58 18.28 -0.84
C LEU A 13 -6.09 17.65 0.46
N LEU A 14 -6.16 16.33 0.51
CA LEU A 14 -5.73 15.59 1.69
C LEU A 14 -4.20 15.48 1.69
N GLN A 15 -3.63 15.67 0.51
CA GLN A 15 -2.19 15.60 0.36
C GLN A 15 -1.75 14.14 0.20
N ARG A 16 -2.65 13.34 -0.35
CA ARG A 16 -2.37 11.94 -0.57
C ARG A 16 -2.55 11.58 -2.05
N ARG A 17 -2.12 10.38 -2.39
CA ARG A 17 -2.22 9.91 -3.77
C ARG A 17 -2.97 8.58 -3.82
N GLU A 18 -4.05 8.57 -4.59
CA GLU A 18 -4.86 7.37 -4.74
C GLU A 18 -4.66 6.76 -6.13
N ILE A 19 -3.96 5.64 -6.15
CA ILE A 19 -3.69 4.95 -7.40
C ILE A 19 -4.18 3.51 -7.29
N LYS A 20 -4.93 3.08 -8.30
CA LYS A 20 -5.46 1.73 -8.32
C LYS A 20 -4.64 0.89 -9.32
N PHE A 21 -4.48 -0.37 -8.98
CA PHE A 21 -3.73 -1.29 -9.83
C PHE A 21 -4.16 -2.74 -9.58
N THR A 22 -3.53 -3.64 -10.32
CA THR A 22 -3.82 -5.06 -10.20
C THR A 22 -2.54 -5.87 -10.07
N VAL A 23 -2.68 -7.07 -9.53
CA VAL A 23 -1.55 -7.95 -9.34
C VAL A 23 -1.91 -9.36 -9.82
N SER A 24 -1.03 -9.92 -10.63
CA SER A 24 -1.25 -11.26 -11.15
C SER A 24 -0.16 -12.20 -10.66
N PHE A 25 -0.60 -13.38 -10.21
CA PHE A 25 0.34 -14.37 -9.70
C PHE A 25 -0.38 -15.71 -9.45
N ASP A 26 0.37 -16.78 -9.62
CA ASP A 26 -0.16 -18.11 -9.42
C ASP A 26 0.68 -18.85 -8.38
N ALA A 27 0.30 -18.69 -7.11
CA ALA A 27 1.01 -19.33 -6.03
C ALA A 27 0.41 -18.87 -4.69
N ALA A 28 0.82 -17.68 -4.28
CA ALA A 28 0.34 -17.11 -3.02
C ALA A 28 0.79 -15.65 -2.93
N THR A 29 0.04 -14.90 -2.14
CA THR A 29 0.34 -13.49 -1.95
C THR A 29 1.45 -13.32 -0.91
N PRO A 30 2.38 -12.37 -1.22
CA PRO A 30 3.49 -12.10 -0.32
C PRO A 30 3.03 -11.30 0.89
N SER A 31 3.09 -9.98 0.75
CA SER A 31 2.68 -9.09 1.82
C SER A 31 2.62 -7.65 1.32
N ILE A 32 2.22 -6.76 2.22
CA ILE A 32 2.12 -5.36 1.87
C ILE A 32 3.51 -4.78 1.65
N LYS A 33 4.34 -4.91 2.68
CA LYS A 33 5.71 -4.42 2.60
C LYS A 33 6.42 -5.04 1.42
N ASP A 34 6.08 -6.30 1.15
CA ASP A 34 6.67 -7.02 0.05
C ASP A 34 6.03 -6.56 -1.26
N VAL A 35 4.79 -6.12 -1.16
CA VAL A 35 4.06 -5.65 -2.32
C VAL A 35 4.50 -4.22 -2.64
N LYS A 36 4.78 -3.46 -1.59
CA LYS A 36 5.20 -2.08 -1.74
C LYS A 36 6.58 -2.06 -2.39
N MET A 37 7.31 -3.15 -2.22
CA MET A 37 8.65 -3.27 -2.78
C MET A 37 8.62 -3.06 -4.30
N LYS A 38 7.92 -3.94 -4.98
CA LYS A 38 7.81 -3.87 -6.43
C LYS A 38 6.99 -2.64 -6.80
N LEU A 39 5.99 -2.35 -5.99
CA LEU A 39 5.12 -1.22 -6.22
C LEU A 39 5.94 0.08 -6.10
N VAL A 40 6.96 0.01 -5.25
CA VAL A 40 7.82 1.16 -5.03
C VAL A 40 8.49 1.54 -6.35
N ALA A 41 8.99 0.53 -7.04
CA ALA A 41 9.65 0.76 -8.31
C ALA A 41 8.61 1.09 -9.38
N VAL A 42 7.44 0.49 -9.23
CA VAL A 42 6.35 0.71 -10.16
C VAL A 42 5.86 2.15 -10.03
N LEU A 43 5.55 2.53 -8.79
CA LEU A 43 5.07 3.87 -8.53
C LEU A 43 6.24 4.85 -8.62
N ASN A 44 7.40 4.39 -8.19
CA ASN A 44 8.60 5.21 -8.22
C ASN A 44 8.37 6.48 -7.39
N ALA A 45 8.31 6.29 -6.08
CA ALA A 45 8.10 7.39 -5.17
C ALA A 45 8.71 7.06 -3.81
N ASN A 46 8.46 7.94 -2.85
CA ASN A 46 8.99 7.75 -1.51
C ASN A 46 8.46 6.43 -0.94
N LYS A 47 9.39 5.53 -0.64
CA LYS A 47 9.03 4.24 -0.09
C LYS A 47 8.72 4.39 1.39
N GLN A 48 9.34 5.40 1.99
CA GLN A 48 9.13 5.66 3.41
C GLN A 48 7.66 5.92 3.70
N VAL A 49 7.12 6.94 3.06
CA VAL A 49 5.74 7.30 3.24
C VAL A 49 4.90 6.69 2.11
N LEU A 50 5.05 5.38 1.95
CA LEU A 50 4.33 4.65 0.92
C LEU A 50 3.76 3.37 1.52
N VAL A 51 2.49 3.12 1.19
CA VAL A 51 1.81 1.93 1.68
C VAL A 51 0.70 1.55 0.71
N VAL A 52 0.01 0.46 1.04
CA VAL A 52 -1.07 -0.03 0.21
C VAL A 52 -2.40 0.17 0.95
N ASP A 53 -3.42 0.50 0.18
CA ASP A 53 -4.75 0.72 0.75
C ASP A 53 -5.38 -0.64 1.07
N THR A 54 -5.49 -1.47 0.04
CA THR A 54 -6.08 -2.78 0.20
C THR A 54 -5.87 -3.61 -1.07
N LEU A 55 -6.03 -4.93 -0.91
CA LEU A 55 -5.87 -5.83 -2.03
C LEU A 55 -6.90 -6.96 -1.92
N ASP A 56 -7.02 -7.72 -3.00
CA ASP A 56 -7.96 -8.82 -3.03
C ASP A 56 -7.59 -9.76 -4.18
N GLN A 57 -7.35 -11.03 -3.82
CA GLN A 57 -6.99 -12.03 -4.81
C GLN A 57 -8.24 -12.63 -5.44
N ILE A 58 -8.28 -12.59 -6.76
CA ILE A 58 -9.41 -13.14 -7.50
C ILE A 58 -9.45 -14.65 -7.33
N PHE A 59 -10.61 -15.15 -6.94
CA PHE A 59 -10.79 -16.57 -6.74
C PHE A 59 -11.04 -17.29 -8.08
N GLY A 60 -11.64 -16.55 -9.00
CA GLY A 60 -11.94 -17.10 -10.32
C GLY A 60 -10.67 -17.67 -10.97
N LYS A 61 -9.66 -16.82 -11.07
CA LYS A 61 -8.40 -17.23 -11.67
C LYS A 61 -7.27 -17.00 -10.66
N LEU A 62 -6.11 -16.63 -11.19
CA LEU A 62 -4.95 -16.38 -10.37
C LEU A 62 -4.60 -14.89 -10.43
N GLU A 63 -5.63 -14.06 -10.37
CA GLU A 63 -5.45 -12.62 -10.42
C GLU A 63 -5.65 -12.02 -9.03
N ALA A 64 -5.38 -10.73 -8.94
CA ALA A 64 -5.52 -10.01 -7.68
C ALA A 64 -5.63 -8.52 -7.95
N GLU A 65 -6.56 -7.89 -7.25
CA GLU A 65 -6.79 -6.46 -7.41
C GLU A 65 -6.67 -5.75 -6.06
N GLY A 66 -6.07 -4.58 -6.09
CA GLY A 66 -5.88 -3.79 -4.88
C GLY A 66 -5.59 -2.33 -5.21
N TYR A 67 -5.72 -1.48 -4.20
CA TYR A 67 -5.47 -0.06 -4.38
C TYR A 67 -4.22 0.37 -3.60
N ALA A 68 -3.36 1.13 -4.29
CA ALA A 68 -2.14 1.61 -3.68
C ALA A 68 -2.29 3.09 -3.35
N LYS A 69 -2.02 3.42 -2.10
CA LYS A 69 -2.11 4.80 -1.65
C LYS A 69 -0.75 5.28 -1.17
N ILE A 70 -0.42 6.52 -1.53
CA ILE A 70 0.85 7.10 -1.14
C ILE A 70 0.60 8.33 -0.27
N TYR A 71 1.31 8.38 0.84
CA TYR A 71 1.18 9.50 1.76
C TYR A 71 2.16 10.61 1.43
N ASN A 72 2.15 11.64 2.26
CA ASN A 72 3.04 12.79 2.06
C ASN A 72 3.69 13.15 3.39
N ASP A 73 2.84 13.23 4.42
CA ASP A 73 3.32 13.58 5.75
C ASP A 73 2.53 12.79 6.80
N GLU A 74 3.25 12.13 7.67
CA GLU A 74 2.63 11.34 8.72
C GLU A 74 1.93 12.25 9.73
N LYS A 75 2.46 13.45 9.86
CA LYS A 75 1.91 14.42 10.78
C LYS A 75 0.42 14.62 10.48
N ALA A 76 0.13 14.83 9.20
CA ALA A 76 -1.24 15.03 8.77
C ALA A 76 -1.99 13.69 8.85
N MET A 77 -1.41 12.68 8.22
CA MET A 77 -2.01 11.36 8.22
C MET A 77 -2.34 10.91 9.64
N ALA A 78 -1.39 11.10 10.53
CA ALA A 78 -1.57 10.71 11.92
C ALA A 78 -2.93 11.22 12.41
N THR A 79 -3.33 12.37 11.87
CA THR A 79 -4.60 12.97 12.24
C THR A 79 -5.66 12.65 11.19
N ILE A 80 -5.44 13.19 9.99
CA ILE A 80 -6.38 12.97 8.90
C ILE A 80 -6.83 11.52 8.90
N GLU A 81 -5.91 10.64 8.55
CA GLU A 81 -6.20 9.21 8.50
C GLU A 81 -6.71 8.74 9.87
N THR A 82 -7.26 7.53 9.87
CA THR A 82 -7.78 6.95 11.09
C THR A 82 -7.07 5.64 11.42
N LYS A 83 -7.36 5.12 12.60
CA LYS A 83 -6.74 3.88 13.04
C LYS A 83 -7.01 2.79 12.01
N SER A 84 -8.01 3.03 11.17
CA SER A 84 -8.38 2.08 10.14
C SER A 84 -7.28 2.01 9.08
N VAL A 85 -6.76 3.19 8.74
CA VAL A 85 -5.71 3.28 7.74
C VAL A 85 -4.38 2.83 8.36
N LEU A 86 -3.97 3.56 9.39
CA LEU A 86 -2.72 3.25 10.07
C LEU A 86 -2.71 1.76 10.44
N GLU A 87 -3.91 1.20 10.53
CA GLU A 87 -4.04 -0.20 10.88
C GLU A 87 -3.28 -1.08 9.88
N LYS A 88 -3.57 -0.87 8.61
CA LYS A 88 -2.93 -1.63 7.55
C LYS A 88 -1.41 -1.45 7.66
N ASN A 89 -1.01 -0.26 8.09
CA ASN A 89 0.39 0.05 8.24
C ASN A 89 0.83 -0.24 9.67
N LYS A 90 0.18 -1.24 10.26
CA LYS A 90 0.48 -1.62 11.63
C LYS A 90 2.00 -1.66 11.82
N ILE A 91 2.41 -1.67 13.09
CA ILE A 91 3.82 -1.70 13.41
C ILE A 91 4.43 -3.02 12.91
N GLU A 92 4.48 -3.99 13.82
CA GLU A 92 5.03 -5.28 13.48
C GLU A 92 4.51 -6.34 14.47
N GLU A 93 4.65 -7.60 14.06
CA GLU A 93 4.22 -8.71 14.89
C GLU A 93 5.28 -9.80 14.93
N GLU A 94 5.00 -10.83 15.71
CA GLU A 94 5.93 -11.94 15.84
C GLU A 94 5.72 -12.95 14.71
N ALA A 95 6.11 -14.19 14.98
CA ALA A 95 5.97 -15.25 14.01
C ALA A 95 6.88 -14.95 12.80
N GLU A 96 8.11 -15.44 12.89
CA GLU A 96 9.07 -15.23 11.83
C GLU A 96 8.38 -15.33 10.46
N ALA A 97 7.85 -16.50 10.19
CA ALA A 97 7.16 -16.74 8.93
C ALA A 97 6.14 -17.87 9.11
N GLU A 98 4.90 -17.57 8.77
CA GLU A 98 3.83 -18.55 8.89
C GLU A 98 2.57 -18.04 8.18
N VAL A 99 2.21 -16.81 8.50
CA VAL A 99 1.03 -16.20 7.91
C VAL A 99 1.06 -16.41 6.39
N ALA A 100 -0.14 -16.51 5.82
CA ALA A 100 -0.26 -16.71 4.39
C ALA A 100 -1.74 -16.71 4.01
N GLU A 101 -2.31 -15.52 3.96
CA GLU A 101 -3.72 -15.37 3.62
C GLU A 101 -3.99 -13.95 3.10
N GLU A 102 -5.16 -13.79 2.51
CA GLU A 102 -5.55 -12.50 1.98
C GLU A 102 -5.56 -11.44 3.08
N MET A 1 6.80 -10.32 -10.58
CA MET A 1 5.37 -10.11 -10.46
C MET A 1 4.83 -9.35 -11.67
N ASP A 2 3.53 -9.52 -11.91
CA ASP A 2 2.89 -8.86 -13.04
C ASP A 2 1.72 -8.02 -12.52
N ILE A 3 1.94 -6.72 -12.46
CA ILE A 3 0.92 -5.80 -11.99
C ILE A 3 0.41 -4.96 -13.16
N SER A 4 -0.86 -4.61 -13.09
CA SER A 4 -1.48 -3.81 -14.14
C SER A 4 -2.14 -2.57 -13.52
N ILE A 5 -1.78 -1.41 -14.06
CA ILE A 5 -2.33 -0.15 -13.58
C ILE A 5 -3.70 0.07 -14.21
N ILE A 6 -4.66 0.45 -13.37
CA ILE A 6 -6.01 0.69 -13.84
C ILE A 6 -6.19 2.19 -14.08
N SER A 7 -5.95 2.96 -13.04
CA SER A 7 -6.09 4.41 -13.12
C SER A 7 -5.02 5.09 -12.24
N ASP A 8 -4.87 6.39 -12.45
CA ASP A 8 -3.90 7.14 -11.68
C ASP A 8 -4.55 8.46 -11.22
N ARG A 9 -4.99 8.44 -9.97
CA ARG A 9 -5.64 9.62 -9.39
C ARG A 9 -4.64 10.40 -8.53
N ASN A 10 -4.91 11.68 -8.37
CA ASN A 10 -4.06 12.53 -7.57
C ASN A 10 -4.92 13.35 -6.61
N ASN A 11 -4.51 13.35 -5.34
CA ASN A 11 -5.23 14.08 -4.32
C ASN A 11 -4.28 15.07 -3.65
N PRO A 12 -4.26 16.32 -4.21
CA PRO A 12 -3.41 17.36 -3.68
C PRO A 12 -3.98 17.93 -2.37
N LEU A 13 -5.29 18.09 -2.37
CA LEU A 13 -5.97 18.62 -1.20
C LEU A 13 -5.37 17.99 0.06
N LEU A 14 -5.75 16.74 0.30
CA LEU A 14 -5.24 16.02 1.46
C LEU A 14 -3.74 15.80 1.32
N GLN A 15 -3.26 16.03 0.11
CA GLN A 15 -1.84 15.87 -0.18
C GLN A 15 -1.46 14.39 -0.14
N ARG A 16 -2.18 13.60 -0.91
CA ARG A 16 -1.93 12.18 -0.98
C ARG A 16 -2.07 11.68 -2.42
N ARG A 17 -1.61 10.45 -2.64
CA ARG A 17 -1.68 9.85 -3.95
C ARG A 17 -2.61 8.64 -3.95
N GLU A 18 -3.55 8.64 -4.87
CA GLU A 18 -4.51 7.55 -4.98
C GLU A 18 -4.34 6.82 -6.31
N ILE A 19 -3.67 5.68 -6.24
CA ILE A 19 -3.44 4.88 -7.44
C ILE A 19 -4.01 3.48 -7.23
N LYS A 20 -4.72 3.00 -8.24
CA LYS A 20 -5.33 1.69 -8.18
C LYS A 20 -4.77 0.82 -9.32
N PHE A 21 -4.51 -0.43 -8.99
CA PHE A 21 -3.98 -1.36 -9.97
C PHE A 21 -4.25 -2.81 -9.55
N THR A 22 -3.80 -3.73 -10.39
CA THR A 22 -3.98 -5.14 -10.12
C THR A 22 -2.64 -5.85 -9.97
N VAL A 23 -2.66 -6.96 -9.26
CA VAL A 23 -1.44 -7.73 -9.03
C VAL A 23 -1.73 -9.21 -9.30
N SER A 24 -0.89 -9.80 -10.14
CA SER A 24 -1.03 -11.20 -10.48
C SER A 24 0.29 -11.94 -10.24
N PHE A 25 0.16 -13.19 -9.80
CA PHE A 25 1.33 -14.01 -9.53
C PHE A 25 1.02 -15.48 -9.78
N ASP A 26 1.99 -16.32 -9.43
CA ASP A 26 1.85 -17.75 -9.62
C ASP A 26 1.70 -18.42 -8.25
N ALA A 27 0.48 -18.37 -7.73
CA ALA A 27 0.18 -18.96 -6.44
C ALA A 27 0.85 -18.13 -5.34
N ALA A 28 2.17 -18.04 -5.43
CA ALA A 28 2.94 -17.29 -4.45
C ALA A 28 2.17 -16.02 -4.08
N THR A 29 1.71 -15.98 -2.84
CA THR A 29 0.97 -14.83 -2.35
C THR A 29 1.76 -14.10 -1.28
N PRO A 30 2.39 -12.97 -1.70
CA PRO A 30 3.19 -12.16 -0.79
C PRO A 30 2.29 -11.34 0.15
N SER A 31 2.89 -10.32 0.74
CA SER A 31 2.17 -9.47 1.66
C SER A 31 2.08 -8.05 1.10
N ILE A 32 1.60 -7.15 1.93
CA ILE A 32 1.46 -5.75 1.53
C ILE A 32 2.85 -5.11 1.45
N LYS A 33 3.55 -5.16 2.57
CA LYS A 33 4.89 -4.59 2.64
C LYS A 33 5.78 -5.27 1.60
N ASP A 34 5.54 -6.56 1.42
CA ASP A 34 6.32 -7.34 0.47
C ASP A 34 5.97 -6.90 -0.95
N VAL A 35 4.70 -6.58 -1.14
CA VAL A 35 4.22 -6.14 -2.44
C VAL A 35 4.62 -4.68 -2.66
N LYS A 36 4.64 -3.93 -1.55
CA LYS A 36 5.00 -2.53 -1.61
C LYS A 36 6.34 -2.38 -2.31
N MET A 37 7.20 -3.37 -2.12
CA MET A 37 8.51 -3.36 -2.73
C MET A 37 8.41 -3.11 -4.24
N LYS A 38 7.62 -3.95 -4.89
CA LYS A 38 7.43 -3.84 -6.33
C LYS A 38 6.63 -2.57 -6.63
N LEU A 39 5.58 -2.37 -5.85
CA LEU A 39 4.72 -1.21 -6.03
C LEU A 39 5.57 0.07 -5.96
N VAL A 40 6.57 0.03 -5.07
CA VAL A 40 7.45 1.16 -4.91
C VAL A 40 8.10 1.51 -6.25
N ALA A 41 8.49 0.47 -6.97
CA ALA A 41 9.11 0.65 -8.27
C ALA A 41 8.04 1.05 -9.29
N VAL A 42 6.88 0.43 -9.17
CA VAL A 42 5.78 0.70 -10.07
C VAL A 42 5.34 2.16 -9.89
N LEU A 43 5.16 2.54 -8.64
CA LEU A 43 4.74 3.90 -8.33
C LEU A 43 5.93 4.85 -8.50
N ASN A 44 7.07 4.41 -7.99
CA ASN A 44 8.28 5.21 -8.07
C ASN A 44 8.13 6.46 -7.20
N ALA A 45 8.26 6.25 -5.90
CA ALA A 45 8.14 7.34 -4.95
C ALA A 45 8.79 6.94 -3.62
N ASN A 46 8.57 7.77 -2.62
CA ASN A 46 9.13 7.51 -1.30
C ASN A 46 8.51 6.23 -0.74
N LYS A 47 9.39 5.28 -0.44
CA LYS A 47 8.95 4.00 0.10
C LYS A 47 8.73 4.14 1.61
N GLN A 48 9.46 5.08 2.20
CA GLN A 48 9.35 5.32 3.63
C GLN A 48 7.92 5.70 3.99
N VAL A 49 7.30 6.49 3.13
CA VAL A 49 5.94 6.94 3.35
C VAL A 49 5.05 6.40 2.23
N LEU A 50 5.07 5.08 2.09
CA LEU A 50 4.27 4.43 1.06
C LEU A 50 3.60 3.19 1.66
N VAL A 51 2.32 3.05 1.35
CA VAL A 51 1.55 1.91 1.84
C VAL A 51 0.38 1.64 0.91
N VAL A 52 -0.34 0.57 1.19
CA VAL A 52 -1.48 0.19 0.39
C VAL A 52 -2.77 0.39 1.20
N ASP A 53 -3.86 0.60 0.49
CA ASP A 53 -5.15 0.80 1.12
C ASP A 53 -5.78 -0.57 1.42
N THR A 54 -5.92 -1.36 0.38
CA THR A 54 -6.50 -2.68 0.50
C THR A 54 -6.26 -3.51 -0.76
N LEU A 55 -6.40 -4.81 -0.61
CA LEU A 55 -6.19 -5.72 -1.73
C LEU A 55 -7.22 -6.85 -1.67
N ASP A 56 -7.28 -7.61 -2.74
CA ASP A 56 -8.21 -8.72 -2.82
C ASP A 56 -7.78 -9.67 -3.95
N GLN A 57 -7.52 -10.91 -3.55
CA GLN A 57 -7.10 -11.92 -4.51
C GLN A 57 -8.32 -12.56 -5.18
N ILE A 58 -8.26 -12.61 -6.51
CA ILE A 58 -9.35 -13.18 -7.28
C ILE A 58 -9.33 -14.71 -7.13
N PHE A 59 -10.52 -15.27 -6.95
CA PHE A 59 -10.65 -16.71 -6.78
C PHE A 59 -10.69 -17.41 -8.14
N GLY A 60 -11.44 -16.82 -9.05
CA GLY A 60 -11.59 -17.38 -10.38
C GLY A 60 -10.24 -17.87 -10.92
N LYS A 61 -9.34 -16.91 -11.14
CA LYS A 61 -8.02 -17.24 -11.64
C LYS A 61 -6.99 -16.99 -10.54
N LEU A 62 -5.82 -16.52 -10.96
CA LEU A 62 -4.75 -16.23 -10.03
C LEU A 62 -4.43 -14.74 -10.07
N GLU A 63 -5.48 -13.94 -10.08
CA GLU A 63 -5.33 -12.50 -10.10
C GLU A 63 -5.65 -11.90 -8.74
N ALA A 64 -5.34 -10.61 -8.60
CA ALA A 64 -5.59 -9.92 -7.35
C ALA A 64 -5.64 -8.41 -7.61
N GLU A 65 -6.66 -7.78 -7.04
CA GLU A 65 -6.82 -6.34 -7.21
C GLU A 65 -6.68 -5.63 -5.86
N GLY A 66 -6.03 -4.48 -5.90
CA GLY A 66 -5.82 -3.69 -4.70
C GLY A 66 -5.55 -2.22 -5.05
N TYR A 67 -5.72 -1.38 -4.04
CA TYR A 67 -5.50 0.05 -4.22
C TYR A 67 -4.32 0.54 -3.37
N ALA A 68 -3.45 1.30 -4.01
CA ALA A 68 -2.28 1.82 -3.32
C ALA A 68 -2.50 3.32 -3.03
N LYS A 69 -2.11 3.71 -1.82
CA LYS A 69 -2.25 5.09 -1.39
C LYS A 69 -0.94 5.57 -0.78
N ILE A 70 -0.65 6.85 -1.01
CA ILE A 70 0.57 7.44 -0.48
C ILE A 70 0.23 8.76 0.20
N TYR A 71 0.85 8.97 1.36
CA TYR A 71 0.62 10.17 2.13
C TYR A 71 1.69 11.23 1.81
N ASN A 72 1.59 12.36 2.52
CA ASN A 72 2.53 13.44 2.32
C ASN A 72 3.47 13.52 3.54
N ASP A 73 2.85 13.66 4.71
CA ASP A 73 3.61 13.75 5.94
C ASP A 73 2.85 13.03 7.06
N GLU A 74 3.53 12.09 7.69
CA GLU A 74 2.93 11.32 8.77
C GLU A 74 2.30 12.27 9.80
N LYS A 75 2.78 13.51 9.79
CA LYS A 75 2.29 14.51 10.72
C LYS A 75 0.77 14.64 10.54
N ALA A 76 0.36 14.82 9.30
CA ALA A 76 -1.05 14.95 8.98
C ALA A 76 -1.72 13.59 9.05
N MET A 77 -1.15 12.64 8.32
CA MET A 77 -1.68 11.29 8.29
C MET A 77 -1.92 10.76 9.71
N ALA A 78 -0.86 10.83 10.52
CA ALA A 78 -0.94 10.37 11.89
C ALA A 78 -2.22 10.91 12.53
N THR A 79 -2.68 12.03 12.01
CA THR A 79 -3.88 12.66 12.53
C THR A 79 -5.08 12.33 11.63
N ILE A 80 -5.03 12.86 10.41
CA ILE A 80 -6.10 12.63 9.46
C ILE A 80 -6.42 11.13 9.41
N GLU A 81 -5.43 10.35 9.03
CA GLU A 81 -5.61 8.91 8.94
C GLU A 81 -6.29 8.38 10.21
N THR A 82 -6.59 7.09 10.17
CA THR A 82 -7.23 6.45 11.30
C THR A 82 -6.56 5.11 11.62
N LYS A 83 -6.89 4.58 12.79
CA LYS A 83 -6.32 3.32 13.23
C LYS A 83 -6.63 2.25 12.19
N SER A 84 -7.61 2.55 11.34
CA SER A 84 -8.00 1.62 10.30
C SER A 84 -7.00 1.66 9.15
N VAL A 85 -6.56 2.87 8.83
CA VAL A 85 -5.61 3.06 7.76
C VAL A 85 -4.25 2.50 8.17
N LEU A 86 -3.66 3.14 9.16
CA LEU A 86 -2.36 2.71 9.66
C LEU A 86 -2.39 1.19 9.93
N GLU A 87 -3.59 0.70 10.21
CA GLU A 87 -3.77 -0.71 10.47
C GLU A 87 -3.19 -1.55 9.34
N LYS A 88 -3.52 -1.14 8.12
CA LYS A 88 -3.04 -1.84 6.94
C LYS A 88 -1.52 -2.03 7.05
N ASN A 89 -0.81 -0.91 6.94
CA ASN A 89 0.63 -0.94 7.02
C ASN A 89 1.07 -1.92 8.12
N LYS A 90 1.64 -3.03 7.69
CA LYS A 90 2.09 -4.05 8.62
C LYS A 90 2.74 -3.38 9.83
N ILE A 91 2.80 -4.13 10.92
CA ILE A 91 3.40 -3.62 12.14
C ILE A 91 4.65 -2.82 11.79
N GLU A 92 5.76 -3.54 11.66
CA GLU A 92 7.02 -2.91 11.34
C GLU A 92 7.42 -1.93 12.44
N GLU A 93 8.73 -1.79 12.62
CA GLU A 93 9.26 -0.88 13.63
C GLU A 93 9.79 0.39 12.97
N GLU A 94 10.29 1.28 13.81
CA GLU A 94 10.84 2.54 13.33
C GLU A 94 12.33 2.39 13.05
N ALA A 95 13.00 3.53 12.96
CA ALA A 95 14.43 3.55 12.69
C ALA A 95 14.88 4.98 12.40
N GLU A 96 14.83 5.79 13.44
CA GLU A 96 15.23 7.18 13.33
C GLU A 96 16.67 7.29 12.82
N ALA A 97 17.59 6.80 13.66
CA ALA A 97 18.99 6.83 13.31
C ALA A 97 19.78 5.98 14.32
N GLU A 98 21.02 5.69 13.96
CA GLU A 98 21.88 4.90 14.83
C GLU A 98 21.68 5.30 16.29
N VAL A 99 21.80 6.60 16.54
CA VAL A 99 21.63 7.11 17.89
C VAL A 99 20.36 7.96 17.95
N ALA A 100 19.87 8.15 19.17
CA ALA A 100 18.66 8.93 19.38
C ALA A 100 18.40 9.06 20.88
N GLU A 101 17.36 9.82 21.20
CA GLU A 101 16.99 10.03 22.58
C GLU A 101 15.49 10.33 22.70
N GLU A 102 14.97 10.16 23.91
CA GLU A 102 13.57 10.41 24.17
C GLU A 102 12.72 9.87 23.01
N MET A 1 4.64 -13.33 -11.16
CA MET A 1 4.19 -12.09 -10.56
C MET A 1 4.23 -10.95 -11.57
N ASP A 2 3.09 -10.27 -11.68
CA ASP A 2 2.98 -9.15 -12.60
C ASP A 2 1.92 -8.17 -12.08
N ILE A 3 2.31 -6.90 -12.02
CA ILE A 3 1.42 -5.87 -11.55
C ILE A 3 1.00 -4.98 -12.73
N SER A 4 -0.25 -4.57 -12.71
CA SER A 4 -0.78 -3.72 -13.76
C SER A 4 -1.56 -2.55 -13.16
N ILE A 5 -1.20 -1.34 -13.59
CA ILE A 5 -1.85 -0.15 -13.10
C ILE A 5 -3.23 -0.01 -13.75
N ILE A 6 -4.21 0.34 -12.93
CA ILE A 6 -5.57 0.50 -13.43
C ILE A 6 -5.83 1.98 -13.71
N SER A 7 -5.69 2.78 -12.67
CA SER A 7 -5.90 4.22 -12.80
C SER A 7 -4.84 4.99 -11.99
N ASP A 8 -4.82 6.30 -12.19
CA ASP A 8 -3.86 7.14 -11.50
C ASP A 8 -4.59 8.37 -10.95
N ARG A 9 -5.09 8.23 -9.72
CA ARG A 9 -5.79 9.32 -9.07
C ARG A 9 -4.96 9.90 -7.93
N ASN A 10 -5.04 11.21 -7.79
CA ASN A 10 -4.29 11.90 -6.75
C ASN A 10 -5.25 12.77 -5.94
N ASN A 11 -4.98 12.86 -4.65
CA ASN A 11 -5.80 13.65 -3.74
C ASN A 11 -4.90 14.59 -2.93
N PRO A 12 -4.70 15.81 -3.47
CA PRO A 12 -3.88 16.80 -2.81
C PRO A 12 -4.61 17.41 -1.61
N LEU A 13 -5.91 17.57 -1.77
CA LEU A 13 -6.73 18.14 -0.72
C LEU A 13 -6.49 17.37 0.58
N LEU A 14 -6.78 16.08 0.53
CA LEU A 14 -6.60 15.23 1.69
C LEU A 14 -5.11 14.97 1.91
N GLN A 15 -4.33 15.36 0.91
CA GLN A 15 -2.89 15.18 0.98
C GLN A 15 -2.52 13.69 0.87
N ARG A 16 -2.84 13.12 -0.28
CA ARG A 16 -2.57 11.72 -0.53
C ARG A 16 -2.98 11.33 -1.95
N ARG A 17 -2.16 10.48 -2.56
CA ARG A 17 -2.43 10.03 -3.91
C ARG A 17 -3.11 8.66 -3.90
N GLU A 18 -4.23 8.57 -4.59
CA GLU A 18 -4.98 7.33 -4.66
C GLU A 18 -4.67 6.59 -5.97
N ILE A 19 -3.70 5.70 -5.89
CA ILE A 19 -3.29 4.93 -7.05
C ILE A 19 -4.01 3.57 -7.02
N LYS A 20 -4.36 3.10 -8.21
CA LYS A 20 -5.05 1.83 -8.34
C LYS A 20 -4.26 0.92 -9.29
N PHE A 21 -4.18 -0.34 -8.92
CA PHE A 21 -3.46 -1.32 -9.72
C PHE A 21 -3.88 -2.75 -9.37
N THR A 22 -3.26 -3.70 -10.04
CA THR A 22 -3.57 -5.10 -9.81
C THR A 22 -2.28 -5.92 -9.74
N VAL A 23 -2.41 -7.12 -9.19
CA VAL A 23 -1.27 -8.01 -9.06
C VAL A 23 -1.73 -9.46 -9.31
N SER A 24 -0.93 -10.16 -10.11
CA SER A 24 -1.23 -11.54 -10.44
C SER A 24 -0.20 -12.47 -9.80
N PHE A 25 -0.67 -13.64 -9.40
CA PHE A 25 0.19 -14.63 -8.78
C PHE A 25 -0.51 -15.98 -8.66
N ASP A 26 0.29 -17.00 -8.41
CA ASP A 26 -0.24 -18.36 -8.28
C ASP A 26 0.11 -18.90 -6.89
N ALA A 27 -0.85 -18.77 -5.98
CA ALA A 27 -0.66 -19.24 -4.62
C ALA A 27 0.24 -18.26 -3.87
N ALA A 28 1.44 -18.08 -4.40
CA ALA A 28 2.40 -17.16 -3.79
C ALA A 28 1.67 -15.92 -3.30
N THR A 29 1.44 -15.88 -1.99
CA THR A 29 0.76 -14.75 -1.39
C THR A 29 1.76 -13.70 -0.93
N PRO A 30 1.73 -12.53 -1.61
CA PRO A 30 2.64 -11.43 -1.29
C PRO A 30 2.20 -10.73 0.01
N SER A 31 2.72 -9.52 0.19
CA SER A 31 2.40 -8.75 1.37
C SER A 31 2.56 -7.25 1.07
N ILE A 32 2.30 -6.45 2.08
CA ILE A 32 2.42 -5.00 1.95
C ILE A 32 3.86 -4.64 1.55
N LYS A 33 4.79 -5.08 2.37
CA LYS A 33 6.20 -4.81 2.12
C LYS A 33 6.60 -5.44 0.77
N ASP A 34 6.28 -6.71 0.64
CA ASP A 34 6.60 -7.43 -0.59
C ASP A 34 5.97 -6.70 -1.77
N VAL A 35 4.83 -6.06 -1.50
CA VAL A 35 4.14 -5.32 -2.54
C VAL A 35 4.82 -3.97 -2.76
N LYS A 36 4.96 -3.23 -1.67
CA LYS A 36 5.60 -1.93 -1.73
C LYS A 36 6.99 -2.07 -2.36
N MET A 37 7.53 -3.27 -2.22
CA MET A 37 8.86 -3.55 -2.77
C MET A 37 8.90 -3.29 -4.28
N LYS A 38 8.10 -4.08 -5.00
CA LYS A 38 8.05 -3.94 -6.45
C LYS A 38 7.28 -2.66 -6.81
N LEU A 39 6.31 -2.34 -5.96
CA LEU A 39 5.50 -1.15 -6.18
C LEU A 39 6.39 0.09 -6.05
N VAL A 40 7.40 -0.03 -5.20
CA VAL A 40 8.33 1.07 -4.99
C VAL A 40 8.91 1.51 -6.33
N ALA A 41 9.33 0.53 -7.11
CA ALA A 41 9.92 0.80 -8.41
C ALA A 41 8.80 1.21 -9.39
N VAL A 42 7.68 0.52 -9.27
CA VAL A 42 6.54 0.79 -10.12
C VAL A 42 6.09 2.24 -9.93
N LEU A 43 5.87 2.60 -8.67
CA LEU A 43 5.45 3.95 -8.34
C LEU A 43 6.66 4.88 -8.38
N ASN A 44 7.83 4.29 -8.17
CA ASN A 44 9.06 5.06 -8.19
C ASN A 44 8.87 6.34 -7.36
N ALA A 45 8.50 6.14 -6.10
CA ALA A 45 8.27 7.27 -5.21
C ALA A 45 8.94 6.97 -3.86
N ASN A 46 8.68 7.84 -2.90
CA ASN A 46 9.24 7.69 -1.57
C ASN A 46 8.73 6.39 -0.95
N LYS A 47 9.66 5.49 -0.71
CA LYS A 47 9.32 4.20 -0.12
C LYS A 47 9.14 4.37 1.39
N GLN A 48 9.60 5.51 1.88
CA GLN A 48 9.50 5.81 3.29
C GLN A 48 8.04 6.11 3.67
N VAL A 49 7.39 6.88 2.82
CA VAL A 49 6.00 7.25 3.05
C VAL A 49 5.13 6.64 1.96
N LEU A 50 5.31 5.34 1.75
CA LEU A 50 4.55 4.63 0.74
C LEU A 50 4.05 3.30 1.33
N VAL A 51 2.78 3.02 1.08
CA VAL A 51 2.18 1.79 1.57
C VAL A 51 1.00 1.41 0.68
N VAL A 52 0.43 0.25 0.97
CA VAL A 52 -0.70 -0.24 0.20
C VAL A 52 -1.98 -0.13 1.04
N ASP A 53 -3.06 0.22 0.37
CA ASP A 53 -4.34 0.37 1.05
C ASP A 53 -4.87 -1.03 1.42
N THR A 54 -5.00 -1.86 0.40
CA THR A 54 -5.50 -3.21 0.61
C THR A 54 -5.49 -3.99 -0.71
N LEU A 55 -5.63 -5.30 -0.58
CA LEU A 55 -5.64 -6.17 -1.75
C LEU A 55 -6.80 -7.16 -1.63
N ASP A 56 -7.07 -7.85 -2.74
CA ASP A 56 -8.14 -8.83 -2.77
C ASP A 56 -7.93 -9.78 -3.94
N GLN A 57 -7.84 -11.06 -3.63
CA GLN A 57 -7.64 -12.07 -4.65
C GLN A 57 -8.84 -12.11 -5.60
N ILE A 58 -8.55 -12.42 -6.85
CA ILE A 58 -9.59 -12.50 -7.87
C ILE A 58 -10.08 -13.94 -7.98
N PHE A 59 -11.40 -14.09 -8.01
CA PHE A 59 -12.01 -15.41 -8.11
C PHE A 59 -12.00 -15.90 -9.56
N GLY A 60 -12.14 -14.95 -10.47
CA GLY A 60 -12.16 -15.28 -11.89
C GLY A 60 -10.97 -16.17 -12.26
N LYS A 61 -9.79 -15.75 -11.83
CA LYS A 61 -8.58 -16.49 -12.11
C LYS A 61 -7.59 -16.30 -10.96
N LEU A 62 -6.32 -16.44 -11.28
CA LEU A 62 -5.26 -16.29 -10.30
C LEU A 62 -4.82 -14.83 -10.27
N GLU A 63 -5.79 -13.93 -10.36
CA GLU A 63 -5.51 -12.50 -10.35
C GLU A 63 -5.79 -11.92 -8.96
N ALA A 64 -5.22 -10.76 -8.72
CA ALA A 64 -5.39 -10.09 -7.44
C ALA A 64 -5.44 -8.57 -7.66
N GLU A 65 -6.45 -7.95 -7.08
CA GLU A 65 -6.62 -6.51 -7.21
C GLU A 65 -6.43 -5.82 -5.85
N GLY A 66 -5.91 -4.60 -5.91
CA GLY A 66 -5.67 -3.85 -4.69
C GLY A 66 -5.48 -2.35 -5.01
N TYR A 67 -5.53 -1.55 -3.96
CA TYR A 67 -5.37 -0.11 -4.11
C TYR A 67 -4.09 0.37 -3.42
N ALA A 68 -3.38 1.24 -4.12
CA ALA A 68 -2.13 1.79 -3.58
C ALA A 68 -2.30 3.29 -3.33
N LYS A 69 -2.03 3.69 -2.10
CA LYS A 69 -2.15 5.09 -1.72
C LYS A 69 -0.82 5.57 -1.14
N ILE A 70 -0.55 6.85 -1.35
CA ILE A 70 0.68 7.43 -0.86
C ILE A 70 0.36 8.74 -0.12
N TYR A 71 0.90 8.86 1.08
CA TYR A 71 0.67 10.03 1.89
C TYR A 71 1.70 11.12 1.58
N ASN A 72 1.23 12.35 1.57
CA ASN A 72 2.10 13.49 1.29
C ASN A 72 2.84 13.89 2.57
N ASP A 73 2.19 13.64 3.70
CA ASP A 73 2.77 13.97 4.99
C ASP A 73 2.04 13.17 6.08
N GLU A 74 2.83 12.41 6.83
CA GLU A 74 2.28 11.60 7.90
C GLU A 74 1.60 12.49 8.95
N LYS A 75 2.11 13.72 9.06
CA LYS A 75 1.57 14.66 10.00
C LYS A 75 0.07 14.87 9.72
N ALA A 76 -0.23 15.04 8.44
CA ALA A 76 -1.61 15.26 8.02
C ALA A 76 -2.37 13.92 8.12
N MET A 77 -1.80 12.91 7.49
CA MET A 77 -2.40 11.59 7.48
C MET A 77 -2.68 11.11 8.91
N ALA A 78 -1.67 11.28 9.76
CA ALA A 78 -1.79 10.88 11.15
C ALA A 78 -3.12 11.37 11.71
N THR A 79 -3.40 12.65 11.45
CA THR A 79 -4.63 13.26 11.92
C THR A 79 -5.80 12.89 11.00
N ILE A 80 -5.63 13.22 9.73
CA ILE A 80 -6.66 12.93 8.75
C ILE A 80 -7.25 11.55 9.02
N GLU A 81 -6.42 10.54 8.87
CA GLU A 81 -6.85 9.17 9.10
C GLU A 81 -6.68 8.80 10.58
N THR A 82 -6.94 7.54 10.87
CA THR A 82 -6.82 7.05 12.24
C THR A 82 -5.89 5.84 12.29
N LYS A 83 -5.98 5.11 13.38
CA LYS A 83 -5.16 3.92 13.57
C LYS A 83 -5.59 2.85 12.57
N SER A 84 -6.73 3.09 11.95
CA SER A 84 -7.26 2.16 10.96
C SER A 84 -6.32 2.07 9.76
N VAL A 85 -5.96 3.23 9.24
CA VAL A 85 -5.07 3.30 8.10
C VAL A 85 -3.62 3.15 8.58
N LEU A 86 -3.33 3.81 9.68
CA LEU A 86 -2.00 3.76 10.26
C LEU A 86 -1.68 2.33 10.69
N GLU A 87 -2.75 1.55 10.86
CA GLU A 87 -2.60 0.16 11.28
C GLU A 87 -1.81 -0.63 10.23
N LYS A 88 -2.27 -0.53 8.99
CA LYS A 88 -1.63 -1.23 7.90
C LYS A 88 -0.16 -0.82 7.83
N ASN A 89 0.08 0.45 8.17
CA ASN A 89 1.43 0.98 8.15
C ASN A 89 1.81 1.44 9.56
N LYS A 90 2.39 0.52 10.31
CA LYS A 90 2.81 0.80 11.68
C LYS A 90 3.49 2.17 11.71
N ILE A 91 3.50 2.76 12.90
CA ILE A 91 4.11 4.07 13.09
C ILE A 91 5.29 3.95 14.06
N GLU A 92 4.95 3.82 15.33
CA GLU A 92 5.97 3.70 16.37
C GLU A 92 5.44 2.85 17.52
N GLU A 93 6.35 2.50 18.42
CA GLU A 93 6.00 1.69 19.57
C GLU A 93 6.11 2.52 20.85
N GLU A 94 5.82 1.87 21.97
CA GLU A 94 5.89 2.52 23.27
C GLU A 94 7.33 2.56 23.77
N ALA A 95 7.47 2.68 25.08
CA ALA A 95 8.79 2.73 25.70
C ALA A 95 8.63 3.10 27.17
N GLU A 96 8.60 2.08 28.01
CA GLU A 96 8.46 2.28 29.45
C GLU A 96 9.31 3.49 29.89
N ALA A 97 10.62 3.32 29.77
CA ALA A 97 11.55 4.38 30.15
C ALA A 97 11.39 4.66 31.65
N GLU A 98 12.48 5.11 32.25
CA GLU A 98 12.48 5.43 33.66
C GLU A 98 13.75 6.20 34.04
N VAL A 99 14.87 5.69 33.56
CA VAL A 99 16.15 6.32 33.84
C VAL A 99 16.41 7.42 32.81
N ALA A 100 16.55 8.64 33.32
CA ALA A 100 16.79 9.79 32.47
C ALA A 100 17.18 10.99 33.32
N GLU A 101 17.63 12.04 32.65
CA GLU A 101 18.03 13.25 33.35
C GLU A 101 17.84 14.47 32.44
N GLU A 102 17.98 15.64 33.04
CA GLU A 102 17.83 16.88 32.30
C GLU A 102 19.18 17.36 31.77
N MET A 1 6.72 -11.37 -9.83
CA MET A 1 5.33 -10.91 -9.74
C MET A 1 5.03 -9.88 -10.84
N ASP A 2 3.76 -9.81 -11.20
CA ASP A 2 3.32 -8.88 -12.23
C ASP A 2 2.19 -8.01 -11.68
N ILE A 3 2.28 -6.72 -11.97
CA ILE A 3 1.28 -5.77 -11.51
C ILE A 3 0.81 -4.91 -12.69
N SER A 4 -0.47 -4.62 -12.70
CA SER A 4 -1.05 -3.80 -13.75
C SER A 4 -1.78 -2.61 -13.15
N ILE A 5 -1.42 -1.43 -13.64
CA ILE A 5 -2.04 -0.20 -13.16
C ILE A 5 -3.32 0.07 -13.94
N ILE A 6 -4.38 0.38 -13.21
CA ILE A 6 -5.66 0.65 -13.83
C ILE A 6 -5.80 2.16 -14.07
N SER A 7 -5.81 2.90 -12.97
CA SER A 7 -5.93 4.35 -13.04
C SER A 7 -4.90 5.01 -12.14
N ASP A 8 -4.65 6.29 -12.39
CA ASP A 8 -3.69 7.04 -11.60
C ASP A 8 -4.30 8.39 -11.22
N ARG A 9 -4.85 8.44 -10.03
CA ARG A 9 -5.47 9.67 -9.53
C ARG A 9 -4.55 10.34 -8.50
N ASN A 10 -4.78 11.63 -8.31
CA ASN A 10 -3.99 12.40 -7.35
C ASN A 10 -4.93 13.17 -6.43
N ASN A 11 -4.55 13.22 -5.17
CA ASN A 11 -5.34 13.93 -4.17
C ASN A 11 -4.45 14.90 -3.41
N PRO A 12 -4.39 16.16 -3.93
CA PRO A 12 -3.58 17.19 -3.32
C PRO A 12 -4.24 17.72 -2.04
N LEU A 13 -5.57 17.79 -2.08
CA LEU A 13 -6.33 18.27 -0.95
C LEU A 13 -5.72 17.73 0.34
N LEU A 14 -5.99 16.45 0.60
CA LEU A 14 -5.47 15.80 1.78
C LEU A 14 -3.97 15.57 1.63
N GLN A 15 -3.51 15.74 0.39
CA GLN A 15 -2.09 15.56 0.09
C GLN A 15 -1.76 14.07 0.03
N ARG A 16 -2.72 13.29 -0.46
CA ARG A 16 -2.54 11.85 -0.57
C ARG A 16 -2.64 11.43 -2.04
N ARG A 17 -2.31 10.17 -2.28
CA ARG A 17 -2.36 9.63 -3.62
C ARG A 17 -3.38 8.49 -3.71
N GLU A 18 -4.08 8.44 -4.83
CA GLU A 18 -5.08 7.40 -5.04
C GLU A 18 -4.89 6.76 -6.42
N ILE A 19 -4.23 5.61 -6.41
CA ILE A 19 -3.97 4.88 -7.65
C ILE A 19 -4.53 3.46 -7.51
N LYS A 20 -5.07 2.97 -8.62
CA LYS A 20 -5.64 1.64 -8.64
C LYS A 20 -4.78 0.74 -9.55
N PHE A 21 -4.62 -0.50 -9.12
CA PHE A 21 -3.84 -1.46 -9.89
C PHE A 21 -4.22 -2.90 -9.53
N THR A 22 -3.54 -3.84 -10.17
CA THR A 22 -3.80 -5.24 -9.92
C THR A 22 -2.49 -6.02 -9.85
N VAL A 23 -2.54 -7.16 -9.17
CA VAL A 23 -1.37 -8.00 -9.02
C VAL A 23 -1.71 -9.43 -9.45
N SER A 24 -0.86 -9.97 -10.30
CA SER A 24 -1.06 -11.32 -10.80
C SER A 24 0.10 -12.21 -10.37
N PHE A 25 -0.25 -13.32 -9.73
CA PHE A 25 0.75 -14.26 -9.25
C PHE A 25 0.12 -15.61 -8.91
N ASP A 26 0.88 -16.67 -9.15
CA ASP A 26 0.41 -18.01 -8.87
C ASP A 26 1.43 -18.74 -7.99
N ALA A 27 1.20 -18.66 -6.68
CA ALA A 27 2.08 -19.30 -5.73
C ALA A 27 1.54 -19.10 -4.31
N ALA A 28 1.83 -17.93 -3.77
CA ALA A 28 1.38 -17.60 -2.42
C ALA A 28 1.19 -16.09 -2.31
N THR A 29 0.34 -15.70 -1.37
CA THR A 29 0.06 -14.29 -1.16
C THR A 29 1.21 -13.64 -0.40
N PRO A 30 1.80 -12.60 -1.05
CA PRO A 30 2.92 -11.88 -0.44
C PRO A 30 2.42 -10.94 0.68
N SER A 31 3.28 -10.00 1.02
CA SER A 31 2.95 -9.04 2.07
C SER A 31 2.87 -7.63 1.48
N ILE A 32 2.43 -6.70 2.32
CA ILE A 32 2.30 -5.32 1.90
C ILE A 32 3.69 -4.76 1.56
N LYS A 33 4.59 -4.87 2.53
CA LYS A 33 5.94 -4.39 2.35
C LYS A 33 6.52 -4.95 1.04
N ASP A 34 6.23 -6.22 0.81
CA ASP A 34 6.69 -6.88 -0.41
C ASP A 34 5.97 -6.30 -1.61
N VAL A 35 4.76 -5.84 -1.37
CA VAL A 35 3.95 -5.25 -2.43
C VAL A 35 4.41 -3.81 -2.69
N LYS A 36 4.69 -3.12 -1.60
CA LYS A 36 5.14 -1.73 -1.68
C LYS A 36 6.49 -1.70 -2.39
N MET A 37 7.19 -2.81 -2.33
CA MET A 37 8.50 -2.91 -2.95
C MET A 37 8.41 -2.66 -4.45
N LYS A 38 7.70 -3.54 -5.14
CA LYS A 38 7.53 -3.42 -6.58
C LYS A 38 6.67 -2.20 -6.88
N LEU A 39 5.69 -1.96 -6.02
CA LEU A 39 4.79 -0.84 -6.19
C LEU A 39 5.61 0.46 -6.20
N VAL A 40 6.70 0.43 -5.45
CA VAL A 40 7.57 1.59 -5.37
C VAL A 40 8.26 1.81 -6.71
N ALA A 41 8.68 0.71 -7.32
CA ALA A 41 9.34 0.76 -8.60
C ALA A 41 8.31 1.05 -9.69
N VAL A 42 7.07 0.67 -9.41
CA VAL A 42 5.99 0.88 -10.36
C VAL A 42 5.49 2.32 -10.24
N LEU A 43 5.20 2.72 -9.00
CA LEU A 43 4.72 4.05 -8.74
C LEU A 43 5.87 5.06 -8.89
N ASN A 44 7.05 4.62 -8.45
CA ASN A 44 8.23 5.46 -8.53
C ASN A 44 8.10 6.61 -7.52
N ALA A 45 8.08 6.24 -6.25
CA ALA A 45 7.96 7.23 -5.18
C ALA A 45 8.69 6.71 -3.94
N ASN A 46 8.55 7.47 -2.86
CA ASN A 46 9.18 7.11 -1.61
C ASN A 46 8.49 5.88 -1.03
N LYS A 47 9.29 4.97 -0.50
CA LYS A 47 8.77 3.75 0.10
C LYS A 47 8.58 3.96 1.60
N GLN A 48 9.17 5.04 2.09
CA GLN A 48 9.07 5.36 3.50
C GLN A 48 7.66 5.84 3.85
N VAL A 49 7.08 6.60 2.93
CA VAL A 49 5.74 7.12 3.12
C VAL A 49 4.82 6.55 2.03
N LEU A 50 4.91 5.25 1.85
CA LEU A 50 4.09 4.58 0.85
C LEU A 50 3.53 3.29 1.44
N VAL A 51 2.25 3.06 1.18
CA VAL A 51 1.59 1.87 1.68
C VAL A 51 0.40 1.54 0.78
N VAL A 52 -0.10 0.32 0.92
CA VAL A 52 -1.23 -0.13 0.13
C VAL A 52 -2.52 0.08 0.91
N ASP A 53 -3.58 0.43 0.19
CA ASP A 53 -4.87 0.65 0.82
C ASP A 53 -5.50 -0.70 1.17
N THR A 54 -5.65 -1.54 0.17
CA THR A 54 -6.23 -2.86 0.37
C THR A 54 -6.11 -3.69 -0.90
N LEU A 55 -6.24 -5.00 -0.73
CA LEU A 55 -6.13 -5.92 -1.85
C LEU A 55 -7.22 -6.99 -1.72
N ASP A 56 -7.39 -7.76 -2.79
CA ASP A 56 -8.38 -8.81 -2.81
C ASP A 56 -8.05 -9.78 -3.95
N GLN A 57 -7.83 -11.04 -3.57
CA GLN A 57 -7.52 -12.07 -4.54
C GLN A 57 -8.70 -12.28 -5.49
N ILE A 58 -8.36 -12.60 -6.73
CA ILE A 58 -9.37 -12.83 -7.74
C ILE A 58 -9.72 -14.32 -7.78
N PHE A 59 -11.01 -14.61 -7.77
CA PHE A 59 -11.48 -15.99 -7.81
C PHE A 59 -11.42 -16.54 -9.24
N GLY A 60 -11.61 -15.65 -10.20
CA GLY A 60 -11.58 -16.02 -11.60
C GLY A 60 -10.30 -16.78 -11.94
N LYS A 61 -9.18 -16.16 -11.58
CA LYS A 61 -7.88 -16.75 -11.84
C LYS A 61 -6.95 -16.48 -10.65
N LEU A 62 -5.66 -16.48 -10.95
CA LEU A 62 -4.66 -16.23 -9.92
C LEU A 62 -4.33 -14.74 -9.89
N GLU A 63 -5.38 -13.92 -10.04
CA GLU A 63 -5.22 -12.49 -10.03
C GLU A 63 -5.56 -11.92 -8.64
N ALA A 64 -5.20 -10.66 -8.44
CA ALA A 64 -5.46 -10.00 -7.18
C ALA A 64 -5.54 -8.50 -7.40
N GLU A 65 -6.69 -7.93 -7.07
CA GLU A 65 -6.89 -6.50 -7.23
C GLU A 65 -6.75 -5.79 -5.88
N GLY A 66 -6.14 -4.62 -5.93
CA GLY A 66 -5.94 -3.83 -4.72
C GLY A 66 -5.70 -2.36 -5.06
N TYR A 67 -5.81 -1.53 -4.04
CA TYR A 67 -5.61 -0.09 -4.21
C TYR A 67 -4.36 0.38 -3.47
N ALA A 68 -3.61 1.25 -4.14
CA ALA A 68 -2.39 1.78 -3.56
C ALA A 68 -2.64 3.23 -3.11
N LYS A 69 -1.96 3.59 -2.03
CA LYS A 69 -2.09 4.93 -1.49
C LYS A 69 -0.71 5.46 -1.10
N ILE A 70 -0.55 6.77 -1.22
CA ILE A 70 0.71 7.41 -0.88
C ILE A 70 0.43 8.69 -0.11
N TYR A 71 1.25 8.91 0.91
CA TYR A 71 1.10 10.09 1.74
C TYR A 71 2.31 11.02 1.60
N ASN A 72 2.26 12.13 2.32
CA ASN A 72 3.34 13.11 2.29
C ASN A 72 4.15 13.02 3.58
N ASP A 73 3.42 12.82 4.68
CA ASP A 73 4.05 12.72 5.98
C ASP A 73 3.09 12.02 6.96
N GLU A 74 3.68 11.27 7.87
CA GLU A 74 2.89 10.56 8.87
C GLU A 74 2.18 11.55 9.80
N LYS A 75 2.71 12.77 9.82
CA LYS A 75 2.14 13.82 10.65
C LYS A 75 0.70 14.08 10.23
N ALA A 76 0.51 14.13 8.91
CA ALA A 76 -0.81 14.38 8.36
C ALA A 76 -1.63 13.09 8.40
N MET A 77 -1.03 12.02 7.88
CA MET A 77 -1.69 10.73 7.85
C MET A 77 -2.13 10.31 9.25
N ALA A 78 -1.20 10.43 10.19
CA ALA A 78 -1.49 10.07 11.57
C ALA A 78 -2.82 10.67 11.99
N THR A 79 -2.95 11.97 11.74
CA THR A 79 -4.17 12.69 12.09
C THR A 79 -5.29 12.35 11.10
N ILE A 80 -5.01 12.62 9.83
CA ILE A 80 -5.98 12.36 8.78
C ILE A 80 -6.66 11.02 9.06
N GLU A 81 -5.88 9.96 8.97
CA GLU A 81 -6.39 8.62 9.20
C GLU A 81 -6.28 8.26 10.68
N THR A 82 -6.57 7.00 10.98
CA THR A 82 -6.50 6.52 12.34
C THR A 82 -5.54 5.33 12.44
N LYS A 83 -5.64 4.61 13.55
CA LYS A 83 -4.80 3.46 13.79
C LYS A 83 -5.21 2.33 12.82
N SER A 84 -6.46 2.37 12.42
CA SER A 84 -6.99 1.37 11.51
C SER A 84 -6.15 1.33 10.23
N VAL A 85 -5.88 2.52 9.70
CA VAL A 85 -5.09 2.63 8.49
C VAL A 85 -3.60 2.47 8.84
N LEU A 86 -3.19 3.17 9.88
CA LEU A 86 -1.81 3.11 10.33
C LEU A 86 -1.47 1.67 10.72
N GLU A 87 -2.50 0.89 10.98
CA GLU A 87 -2.33 -0.49 11.35
C GLU A 87 -1.66 -1.28 10.22
N LYS A 88 -2.26 -1.18 9.06
CA LYS A 88 -1.73 -1.88 7.88
C LYS A 88 -0.33 -1.35 7.57
N ASN A 89 -0.15 -0.06 7.83
CA ASN A 89 1.14 0.58 7.59
C ASN A 89 2.06 0.32 8.78
N LYS A 90 3.01 -0.59 8.58
CA LYS A 90 3.96 -0.93 9.62
C LYS A 90 4.78 0.31 9.98
N ILE A 91 5.16 0.37 11.24
CA ILE A 91 5.96 1.49 11.72
C ILE A 91 7.33 0.98 12.18
N GLU A 92 7.35 0.45 13.39
CA GLU A 92 8.58 -0.07 13.96
C GLU A 92 8.68 -1.58 13.71
N GLU A 93 9.84 -2.13 14.05
CA GLU A 93 10.07 -3.54 13.87
C GLU A 93 9.39 -4.35 14.98
N GLU A 94 9.73 -5.63 15.03
CA GLU A 94 9.16 -6.50 16.05
C GLU A 94 9.87 -6.31 17.38
N ALA A 95 9.82 -7.34 18.20
CA ALA A 95 10.45 -7.30 19.52
C ALA A 95 9.83 -6.17 20.33
N GLU A 96 8.55 -6.33 20.64
CA GLU A 96 7.85 -5.33 21.42
C GLU A 96 8.58 -5.04 22.73
N ALA A 97 8.72 -6.08 23.53
CA ALA A 97 9.40 -5.96 24.81
C ALA A 97 8.63 -4.99 25.71
N GLU A 98 8.36 -5.45 26.92
CA GLU A 98 7.62 -4.63 27.88
C GLU A 98 7.69 -5.26 29.27
N VAL A 99 7.27 -6.51 29.34
CA VAL A 99 7.28 -7.23 30.61
C VAL A 99 6.74 -6.32 31.71
N ALA A 100 5.49 -6.57 32.07
CA ALA A 100 4.84 -5.79 33.10
C ALA A 100 5.72 -5.77 34.35
N GLU A 101 5.49 -4.78 35.19
CA GLU A 101 6.25 -4.63 36.41
C GLU A 101 7.59 -3.92 36.13
N GLU A 102 8.21 -3.45 37.21
CA GLU A 102 9.48 -2.76 37.08
C GLU A 102 10.10 -2.55 38.46
N MET A 1 6.25 -11.76 -10.13
CA MET A 1 4.98 -11.11 -9.82
C MET A 1 4.61 -10.13 -10.93
N ASP A 2 3.33 -10.19 -11.32
CA ASP A 2 2.82 -9.32 -12.36
C ASP A 2 1.82 -8.33 -11.75
N ILE A 3 1.97 -7.07 -12.14
CA ILE A 3 1.09 -6.03 -11.65
C ILE A 3 0.64 -5.14 -12.82
N SER A 4 -0.61 -4.72 -12.75
CA SER A 4 -1.17 -3.88 -13.79
C SER A 4 -1.86 -2.67 -13.17
N ILE A 5 -1.45 -1.49 -13.63
CA ILE A 5 -2.01 -0.25 -13.12
C ILE A 5 -3.39 -0.04 -13.74
N ILE A 6 -4.33 0.37 -12.90
CA ILE A 6 -5.68 0.61 -13.35
C ILE A 6 -5.90 2.11 -13.53
N SER A 7 -5.64 2.85 -12.46
CA SER A 7 -5.79 4.30 -12.50
C SER A 7 -4.75 4.96 -11.59
N ASP A 8 -4.46 6.21 -11.90
CA ASP A 8 -3.49 6.96 -11.13
C ASP A 8 -4.05 8.36 -10.82
N ARG A 9 -4.73 8.45 -9.68
CA ARG A 9 -5.32 9.71 -9.26
C ARG A 9 -4.37 10.46 -8.33
N ASN A 10 -4.59 11.76 -8.25
CA ASN A 10 -3.76 12.60 -7.39
C ASN A 10 -4.65 13.47 -6.51
N ASN A 11 -4.34 13.47 -5.22
CA ASN A 11 -5.12 14.25 -4.27
C ASN A 11 -4.19 15.21 -3.53
N PRO A 12 -4.05 16.43 -4.10
CA PRO A 12 -3.20 17.45 -3.51
C PRO A 12 -3.85 18.05 -2.25
N LEU A 13 -5.14 18.33 -2.37
CA LEU A 13 -5.88 18.90 -1.27
C LEU A 13 -5.45 18.24 0.04
N LEU A 14 -5.91 17.02 0.23
CA LEU A 14 -5.58 16.27 1.43
C LEU A 14 -4.08 15.97 1.43
N GLN A 15 -3.46 16.13 0.27
CA GLN A 15 -2.05 15.88 0.13
C GLN A 15 -1.77 14.38 0.15
N ARG A 16 -2.63 13.64 -0.53
CA ARG A 16 -2.49 12.19 -0.61
C ARG A 16 -2.54 11.73 -2.06
N ARG A 17 -2.23 10.45 -2.25
CA ARG A 17 -2.24 9.87 -3.58
C ARG A 17 -3.17 8.66 -3.62
N GLU A 18 -3.91 8.56 -4.73
CA GLU A 18 -4.85 7.47 -4.91
C GLU A 18 -4.61 6.79 -6.26
N ILE A 19 -3.91 5.66 -6.20
CA ILE A 19 -3.60 4.90 -7.40
C ILE A 19 -4.11 3.46 -7.22
N LYS A 20 -4.87 3.02 -8.20
CA LYS A 20 -5.42 1.67 -8.18
C LYS A 20 -4.64 0.79 -9.15
N PHE A 21 -4.54 -0.48 -8.79
CA PHE A 21 -3.82 -1.44 -9.62
C PHE A 21 -4.23 -2.87 -9.28
N THR A 22 -3.62 -3.81 -9.99
CA THR A 22 -3.90 -5.22 -9.77
C THR A 22 -2.60 -6.03 -9.73
N VAL A 23 -2.62 -7.09 -8.94
CA VAL A 23 -1.46 -7.94 -8.80
C VAL A 23 -1.89 -9.40 -8.98
N SER A 24 -1.13 -10.10 -9.82
CA SER A 24 -1.42 -11.50 -10.11
C SER A 24 -0.23 -12.36 -9.71
N PHE A 25 -0.51 -13.62 -9.43
CA PHE A 25 0.53 -14.56 -9.05
C PHE A 25 -0.01 -16.00 -9.03
N ASP A 26 0.93 -16.94 -8.96
CA ASP A 26 0.56 -18.34 -8.95
C ASP A 26 0.56 -18.84 -7.49
N ALA A 27 -0.57 -18.60 -6.83
CA ALA A 27 -0.73 -19.03 -5.44
C ALA A 27 0.15 -18.14 -4.56
N ALA A 28 1.44 -18.16 -4.83
CA ALA A 28 2.38 -17.36 -4.05
C ALA A 28 1.75 -16.00 -3.73
N THR A 29 1.41 -15.84 -2.47
CA THR A 29 0.80 -14.59 -2.02
C THR A 29 1.78 -13.80 -1.14
N PRO A 30 2.26 -12.66 -1.71
CA PRO A 30 3.20 -11.81 -0.99
C PRO A 30 2.50 -11.01 0.09
N SER A 31 3.16 -9.96 0.54
CA SER A 31 2.62 -9.11 1.57
C SER A 31 2.53 -7.66 1.08
N ILE A 32 2.14 -6.77 1.98
CA ILE A 32 2.03 -5.36 1.65
C ILE A 32 3.42 -4.79 1.39
N LYS A 33 4.28 -4.91 2.40
CA LYS A 33 5.63 -4.41 2.30
C LYS A 33 6.34 -5.10 1.13
N ASP A 34 6.01 -6.36 0.94
CA ASP A 34 6.60 -7.14 -0.13
C ASP A 34 5.99 -6.72 -1.47
N VAL A 35 4.75 -6.24 -1.39
CA VAL A 35 4.05 -5.80 -2.58
C VAL A 35 4.48 -4.38 -2.93
N LYS A 36 4.36 -3.49 -1.96
CA LYS A 36 4.73 -2.10 -2.16
C LYS A 36 6.16 -2.04 -2.70
N MET A 37 6.92 -3.08 -2.41
CA MET A 37 8.30 -3.15 -2.86
C MET A 37 8.39 -2.92 -4.38
N LYS A 38 7.57 -3.66 -5.10
CA LYS A 38 7.54 -3.54 -6.56
C LYS A 38 6.85 -2.23 -6.94
N LEU A 39 5.67 -2.02 -6.35
CA LEU A 39 4.90 -0.83 -6.62
C LEU A 39 5.79 0.40 -6.43
N VAL A 40 6.69 0.30 -5.47
CA VAL A 40 7.59 1.40 -5.17
C VAL A 40 8.36 1.77 -6.45
N ALA A 41 8.80 0.74 -7.15
CA ALA A 41 9.54 0.94 -8.38
C ALA A 41 8.59 1.38 -9.49
N VAL A 42 7.41 0.76 -9.50
CA VAL A 42 6.40 1.07 -10.48
C VAL A 42 5.99 2.55 -10.34
N LEU A 43 5.63 2.92 -9.12
CA LEU A 43 5.24 4.29 -8.85
C LEU A 43 6.47 5.19 -8.83
N ASN A 44 7.53 4.66 -8.22
CA ASN A 44 8.77 5.41 -8.13
C ASN A 44 8.58 6.62 -7.21
N ALA A 45 8.21 6.32 -5.96
CA ALA A 45 7.98 7.37 -4.98
C ALA A 45 8.75 7.03 -3.70
N ASN A 46 8.46 7.79 -2.66
CA ASN A 46 9.12 7.59 -1.38
C ASN A 46 8.56 6.33 -0.73
N LYS A 47 9.23 5.22 -1.00
CA LYS A 47 8.81 3.94 -0.45
C LYS A 47 8.62 4.07 1.07
N GLN A 48 9.30 5.07 1.62
CA GLN A 48 9.21 5.32 3.05
C GLN A 48 7.76 5.58 3.46
N VAL A 49 7.26 6.73 3.06
CA VAL A 49 5.89 7.11 3.38
C VAL A 49 4.96 6.58 2.29
N LEU A 50 5.03 5.27 2.08
CA LEU A 50 4.20 4.63 1.07
C LEU A 50 3.63 3.33 1.64
N VAL A 51 2.36 3.11 1.37
CA VAL A 51 1.69 1.91 1.83
C VAL A 51 0.52 1.58 0.90
N VAL A 52 -0.10 0.44 1.17
CA VAL A 52 -1.22 -0.01 0.36
C VAL A 52 -2.51 0.07 1.19
N ASP A 53 -3.62 0.21 0.50
CA ASP A 53 -4.91 0.29 1.15
C ASP A 53 -5.41 -1.11 1.48
N THR A 54 -5.51 -1.93 0.44
CA THR A 54 -5.97 -3.30 0.59
C THR A 54 -5.79 -4.07 -0.71
N LEU A 55 -5.95 -5.38 -0.62
CA LEU A 55 -5.81 -6.24 -1.78
C LEU A 55 -6.77 -7.43 -1.65
N ASP A 56 -6.93 -8.15 -2.75
CA ASP A 56 -7.80 -9.30 -2.76
C ASP A 56 -7.47 -10.17 -3.98
N GLN A 57 -7.15 -11.43 -3.69
CA GLN A 57 -6.80 -12.37 -4.75
C GLN A 57 -8.08 -12.93 -5.40
N ILE A 58 -8.21 -12.65 -6.69
CA ILE A 58 -9.36 -13.11 -7.44
C ILE A 58 -9.36 -14.63 -7.48
N PHE A 59 -10.56 -15.20 -7.47
CA PHE A 59 -10.71 -16.64 -7.50
C PHE A 59 -10.86 -17.14 -8.94
N GLY A 60 -11.51 -16.33 -9.75
CA GLY A 60 -11.72 -16.67 -11.15
C GLY A 60 -10.47 -17.29 -11.75
N LYS A 61 -9.39 -16.52 -11.74
CA LYS A 61 -8.13 -16.98 -12.28
C LYS A 61 -7.10 -17.10 -11.16
N LEU A 62 -6.11 -16.21 -11.20
CA LEU A 62 -5.07 -16.19 -10.19
C LEU A 62 -4.57 -14.77 -10.00
N GLU A 63 -5.40 -13.82 -10.40
CA GLU A 63 -5.05 -12.42 -10.29
C GLU A 63 -5.55 -11.85 -8.95
N ALA A 64 -5.22 -10.59 -8.72
CA ALA A 64 -5.64 -9.92 -7.49
C ALA A 64 -5.75 -8.42 -7.75
N GLU A 65 -6.65 -7.79 -7.01
CA GLU A 65 -6.87 -6.36 -7.15
C GLU A 65 -6.70 -5.67 -5.79
N GLY A 66 -6.13 -4.47 -5.85
CA GLY A 66 -5.90 -3.70 -4.64
C GLY A 66 -5.58 -2.24 -4.97
N TYR A 67 -5.82 -1.38 -4.00
CA TYR A 67 -5.57 0.05 -4.18
C TYR A 67 -4.33 0.49 -3.39
N ALA A 68 -3.59 1.41 -3.98
CA ALA A 68 -2.39 1.93 -3.34
C ALA A 68 -2.62 3.39 -2.93
N LYS A 69 -2.11 3.74 -1.77
CA LYS A 69 -2.25 5.09 -1.25
C LYS A 69 -0.89 5.58 -0.76
N ILE A 70 -0.65 6.87 -0.96
CA ILE A 70 0.59 7.48 -0.54
C ILE A 70 0.31 8.85 0.06
N TYR A 71 0.94 9.11 1.20
CA TYR A 71 0.76 10.37 1.89
C TYR A 71 2.06 11.18 1.90
N ASN A 72 1.91 12.49 1.94
CA ASN A 72 3.05 13.38 1.95
C ASN A 72 3.68 13.39 3.35
N ASP A 73 2.81 13.28 4.33
CA ASP A 73 3.25 13.28 5.73
C ASP A 73 2.27 12.47 6.57
N GLU A 74 2.82 11.73 7.52
CA GLU A 74 2.00 10.91 8.39
C GLU A 74 1.26 11.79 9.40
N LYS A 75 1.90 12.90 9.75
CA LYS A 75 1.31 13.81 10.71
C LYS A 75 -0.09 14.22 10.22
N ALA A 76 -0.17 14.50 8.93
CA ALA A 76 -1.44 14.90 8.33
C ALA A 76 -2.33 13.67 8.18
N MET A 77 -1.79 12.65 7.55
CA MET A 77 -2.51 11.42 7.33
C MET A 77 -3.06 10.86 8.64
N ALA A 78 -2.18 10.77 9.63
CA ALA A 78 -2.57 10.26 10.93
C ALA A 78 -3.86 10.96 11.38
N THR A 79 -3.99 12.20 10.97
CA THR A 79 -5.17 12.98 11.31
C THR A 79 -6.28 12.77 10.28
N ILE A 80 -5.91 12.92 9.02
CA ILE A 80 -6.86 12.74 7.93
C ILE A 80 -7.77 11.56 8.25
N GLU A 81 -7.17 10.38 8.25
CA GLU A 81 -7.92 9.17 8.52
C GLU A 81 -7.72 8.74 9.98
N THR A 82 -8.30 7.59 10.32
CA THR A 82 -8.20 7.07 11.67
C THR A 82 -7.19 5.92 11.73
N LYS A 83 -7.21 5.21 12.84
CA LYS A 83 -6.31 4.09 13.03
C LYS A 83 -6.70 2.96 12.08
N SER A 84 -7.88 3.11 11.49
CA SER A 84 -8.38 2.11 10.55
C SER A 84 -7.45 2.01 9.35
N VAL A 85 -7.16 3.17 8.77
CA VAL A 85 -6.29 3.23 7.61
C VAL A 85 -4.84 3.04 8.05
N LEU A 86 -4.51 3.66 9.18
CA LEU A 86 -3.16 3.57 9.72
C LEU A 86 -2.90 2.14 10.19
N GLU A 87 -3.99 1.43 10.46
CA GLU A 87 -3.90 0.06 10.92
C GLU A 87 -3.13 -0.79 9.91
N LYS A 88 -3.49 -0.61 8.64
CA LYS A 88 -2.83 -1.35 7.57
C LYS A 88 -1.31 -1.17 7.68
N ASN A 89 -0.88 0.05 7.40
CA ASN A 89 0.54 0.37 7.46
C ASN A 89 1.10 -0.10 8.79
N LYS A 90 1.99 -1.09 8.73
CA LYS A 90 2.60 -1.63 9.92
C LYS A 90 2.93 -0.49 10.88
N ILE A 91 3.00 -0.83 12.16
CA ILE A 91 3.31 0.16 13.19
C ILE A 91 4.43 1.07 12.70
N GLU A 92 5.65 0.64 12.95
CA GLU A 92 6.82 1.41 12.53
C GLU A 92 6.90 2.71 13.33
N GLU A 93 8.14 3.14 13.56
CA GLU A 93 8.37 4.38 14.30
C GLU A 93 8.82 5.49 13.35
N GLU A 94 9.08 6.65 13.94
CA GLU A 94 9.52 7.80 13.17
C GLU A 94 11.06 7.84 13.11
N ALA A 95 11.57 9.01 12.76
CA ALA A 95 13.00 9.20 12.67
C ALA A 95 13.30 10.59 12.10
N GLU A 96 12.96 11.59 12.89
CA GLU A 96 13.18 12.98 12.48
C GLU A 96 14.66 13.21 12.16
N ALA A 97 15.48 13.13 13.21
CA ALA A 97 16.91 13.33 13.05
C ALA A 97 17.61 12.91 14.34
N GLU A 98 18.93 12.81 14.25
CA GLU A 98 19.74 12.43 15.40
C GLU A 98 19.23 13.13 16.65
N VAL A 99 19.08 14.44 16.53
CA VAL A 99 18.61 15.25 17.65
C VAL A 99 17.17 15.70 17.38
N ALA A 100 16.33 15.53 18.39
CA ALA A 100 14.93 15.92 18.27
C ALA A 100 14.23 15.71 19.62
N GLU A 101 13.40 16.68 19.97
CA GLU A 101 12.67 16.60 21.23
C GLU A 101 11.53 17.62 21.23
N GLU A 102 10.60 17.42 22.15
CA GLU A 102 9.45 18.30 22.27
C GLU A 102 9.92 19.76 22.43
N MET A 1 6.83 -10.26 -10.92
CA MET A 1 5.40 -10.16 -10.72
C MET A 1 4.72 -9.49 -11.92
N ASP A 2 3.40 -9.58 -11.94
CA ASP A 2 2.63 -8.98 -13.02
C ASP A 2 1.57 -8.05 -12.42
N ILE A 3 1.91 -6.77 -12.39
CA ILE A 3 1.00 -5.77 -11.86
C ILE A 3 0.53 -4.86 -12.99
N SER A 4 -0.76 -4.51 -12.93
CA SER A 4 -1.34 -3.65 -13.95
C SER A 4 -2.06 -2.48 -13.28
N ILE A 5 -1.70 -1.28 -13.71
CA ILE A 5 -2.31 -0.07 -13.17
C ILE A 5 -3.67 0.15 -13.83
N ILE A 6 -4.68 0.36 -12.99
CA ILE A 6 -6.02 0.60 -13.48
C ILE A 6 -6.26 2.10 -13.63
N SER A 7 -6.09 2.80 -12.52
CA SER A 7 -6.27 4.25 -12.51
C SER A 7 -5.17 4.91 -11.70
N ASP A 8 -4.93 6.18 -12.01
CA ASP A 8 -3.91 6.95 -11.32
C ASP A 8 -4.47 8.31 -10.93
N ARG A 9 -5.04 8.37 -9.73
CA ARG A 9 -5.61 9.61 -9.24
C ARG A 9 -4.61 10.34 -8.34
N ASN A 10 -4.79 11.65 -8.25
CA ASN A 10 -3.91 12.47 -7.43
C ASN A 10 -4.76 13.39 -6.53
N ASN A 11 -4.37 13.43 -5.26
CA ASN A 11 -5.09 14.26 -4.30
C ASN A 11 -4.10 15.21 -3.62
N PRO A 12 -3.94 16.42 -4.22
CA PRO A 12 -3.03 17.40 -3.67
C PRO A 12 -3.63 18.06 -2.42
N LEU A 13 -4.91 18.39 -2.51
CA LEU A 13 -5.59 19.01 -1.39
C LEU A 13 -5.15 18.36 -0.09
N LEU A 14 -5.72 17.20 0.19
CA LEU A 14 -5.39 16.46 1.39
C LEU A 14 -3.91 16.06 1.35
N GLN A 15 -3.32 16.20 0.17
CA GLN A 15 -1.92 15.86 -0.01
C GLN A 15 -1.74 14.34 0.00
N ARG A 16 -2.73 13.64 -0.55
CA ARG A 16 -2.69 12.19 -0.60
C ARG A 16 -2.67 11.73 -2.06
N ARG A 17 -2.49 10.42 -2.23
CA ARG A 17 -2.46 9.83 -3.55
C ARG A 17 -3.25 8.53 -3.58
N GLU A 18 -4.18 8.45 -4.52
CA GLU A 18 -5.00 7.26 -4.66
C GLU A 18 -4.82 6.64 -6.04
N ILE A 19 -4.14 5.51 -6.06
CA ILE A 19 -3.89 4.82 -7.31
C ILE A 19 -4.39 3.37 -7.19
N LYS A 20 -5.20 2.98 -8.16
CA LYS A 20 -5.75 1.63 -8.18
C LYS A 20 -5.00 0.79 -9.22
N PHE A 21 -4.81 -0.47 -8.88
CA PHE A 21 -4.11 -1.39 -9.77
C PHE A 21 -4.42 -2.84 -9.41
N THR A 22 -3.82 -3.75 -10.16
CA THR A 22 -4.01 -5.17 -9.93
C THR A 22 -2.67 -5.90 -9.92
N VAL A 23 -2.62 -6.96 -9.12
CA VAL A 23 -1.41 -7.75 -8.99
C VAL A 23 -1.71 -9.20 -9.37
N SER A 24 -0.88 -9.73 -10.26
CA SER A 24 -1.04 -11.09 -10.72
C SER A 24 0.19 -11.92 -10.36
N PHE A 25 -0.07 -13.12 -9.85
CA PHE A 25 1.01 -14.02 -9.46
C PHE A 25 0.49 -15.43 -9.21
N ASP A 26 1.33 -16.40 -9.54
CA ASP A 26 0.95 -17.80 -9.36
C ASP A 26 1.99 -18.49 -8.46
N ALA A 27 1.69 -18.48 -7.17
CA ALA A 27 2.57 -19.09 -6.19
C ALA A 27 1.94 -18.99 -4.80
N ALA A 28 2.05 -17.81 -4.21
CA ALA A 28 1.49 -17.58 -2.89
C ALA A 28 1.27 -16.08 -2.69
N THR A 29 0.40 -15.77 -1.74
CA THR A 29 0.08 -14.38 -1.45
C THR A 29 1.19 -13.75 -0.60
N PRO A 30 1.85 -12.72 -1.19
CA PRO A 30 2.93 -12.04 -0.50
C PRO A 30 2.38 -11.10 0.58
N SER A 31 3.22 -10.18 1.00
CA SER A 31 2.83 -9.22 2.02
C SER A 31 2.78 -7.81 1.43
N ILE A 32 2.32 -6.87 2.25
CA ILE A 32 2.22 -5.49 1.82
C ILE A 32 3.62 -4.93 1.57
N LYS A 33 4.44 -4.98 2.61
CA LYS A 33 5.80 -4.49 2.52
C LYS A 33 6.53 -5.22 1.40
N ASP A 34 6.11 -6.45 1.17
CA ASP A 34 6.72 -7.27 0.13
C ASP A 34 6.24 -6.79 -1.24
N VAL A 35 4.99 -6.34 -1.26
CA VAL A 35 4.39 -5.84 -2.51
C VAL A 35 4.87 -4.41 -2.76
N LYS A 36 4.79 -3.61 -1.71
CA LYS A 36 5.21 -2.22 -1.81
C LYS A 36 6.60 -2.15 -2.45
N MET A 37 7.36 -3.22 -2.24
CA MET A 37 8.71 -3.29 -2.79
C MET A 37 8.71 -3.00 -4.28
N LYS A 38 7.91 -3.77 -5.01
CA LYS A 38 7.82 -3.61 -6.45
C LYS A 38 7.05 -2.31 -6.76
N LEU A 39 5.95 -2.14 -6.05
CA LEU A 39 5.12 -0.96 -6.23
C LEU A 39 5.99 0.29 -6.18
N VAL A 40 6.96 0.25 -5.27
CA VAL A 40 7.88 1.37 -5.11
C VAL A 40 8.54 1.69 -6.45
N ALA A 41 8.91 0.62 -7.16
CA ALA A 41 9.56 0.77 -8.45
C ALA A 41 8.50 1.18 -9.49
N VAL A 42 7.34 0.55 -9.38
CA VAL A 42 6.25 0.84 -10.30
C VAL A 42 5.85 2.31 -10.17
N LEU A 43 5.58 2.71 -8.94
CA LEU A 43 5.20 4.09 -8.67
C LEU A 43 6.41 4.99 -8.81
N ASN A 44 7.54 4.51 -8.30
CA ASN A 44 8.78 5.27 -8.37
C ASN A 44 8.68 6.47 -7.41
N ALA A 45 8.39 6.16 -6.16
CA ALA A 45 8.26 7.19 -5.15
C ALA A 45 9.06 6.78 -3.91
N ASN A 46 8.91 7.57 -2.85
CA ASN A 46 9.61 7.30 -1.61
C ASN A 46 9.19 5.93 -1.08
N LYS A 47 10.18 5.07 -0.90
CA LYS A 47 9.92 3.73 -0.39
C LYS A 47 9.06 3.81 0.87
N GLN A 48 9.34 4.84 1.67
CA GLN A 48 8.61 5.05 2.91
C GLN A 48 7.34 5.87 2.64
N VAL A 49 6.61 6.13 3.71
CA VAL A 49 5.39 6.91 3.61
C VAL A 49 4.54 6.37 2.45
N LEU A 50 4.66 5.06 2.23
CA LEU A 50 3.91 4.42 1.17
C LEU A 50 3.31 3.12 1.70
N VAL A 51 2.04 2.92 1.39
CA VAL A 51 1.33 1.73 1.82
C VAL A 51 0.18 1.44 0.86
N VAL A 52 -0.47 0.31 1.09
CA VAL A 52 -1.59 -0.09 0.26
C VAL A 52 -2.90 0.15 1.02
N ASP A 53 -3.95 0.42 0.26
CA ASP A 53 -5.26 0.67 0.84
C ASP A 53 -5.92 -0.67 1.18
N THR A 54 -6.03 -1.51 0.17
CA THR A 54 -6.64 -2.82 0.34
C THR A 54 -6.41 -3.69 -0.89
N LEU A 55 -6.64 -4.99 -0.72
CA LEU A 55 -6.45 -5.93 -1.81
C LEU A 55 -7.51 -7.03 -1.71
N ASP A 56 -7.61 -7.81 -2.77
CA ASP A 56 -8.58 -8.89 -2.82
C ASP A 56 -8.19 -9.88 -3.92
N GLN A 57 -7.91 -11.10 -3.51
CA GLN A 57 -7.52 -12.14 -4.45
C GLN A 57 -8.67 -12.46 -5.39
N ILE A 58 -8.32 -12.74 -6.64
CA ILE A 58 -9.31 -13.05 -7.65
C ILE A 58 -9.52 -14.57 -7.69
N PHE A 59 -10.79 -14.96 -7.70
CA PHE A 59 -11.14 -16.37 -7.73
C PHE A 59 -11.00 -16.93 -9.15
N GLY A 60 -11.50 -16.17 -10.11
CA GLY A 60 -11.44 -16.58 -11.50
C GLY A 60 -10.10 -17.26 -11.81
N LYS A 61 -9.03 -16.53 -11.56
CA LYS A 61 -7.69 -17.03 -11.81
C LYS A 61 -6.77 -16.67 -10.63
N LEU A 62 -5.49 -16.62 -10.93
CA LEU A 62 -4.50 -16.28 -9.91
C LEU A 62 -4.24 -14.77 -9.95
N GLU A 63 -5.34 -14.02 -10.02
CA GLU A 63 -5.24 -12.57 -10.05
C GLU A 63 -5.63 -11.98 -8.70
N ALA A 64 -5.26 -10.71 -8.52
CA ALA A 64 -5.55 -10.02 -7.27
C ALA A 64 -5.70 -8.52 -7.56
N GLU A 65 -6.80 -7.96 -7.05
CA GLU A 65 -7.06 -6.55 -7.23
C GLU A 65 -7.01 -5.82 -5.89
N GLY A 66 -6.43 -4.62 -5.93
CA GLY A 66 -6.31 -3.81 -4.72
C GLY A 66 -6.01 -2.36 -5.08
N TYR A 67 -6.08 -1.52 -4.06
CA TYR A 67 -5.81 -0.09 -4.24
C TYR A 67 -4.58 0.35 -3.44
N ALA A 68 -3.84 1.27 -4.03
CA ALA A 68 -2.64 1.78 -3.39
C ALA A 68 -2.92 3.16 -2.81
N LYS A 69 -2.10 3.56 -1.85
CA LYS A 69 -2.25 4.84 -1.20
C LYS A 69 -0.87 5.40 -0.86
N ILE A 70 -0.77 6.73 -0.89
CA ILE A 70 0.48 7.40 -0.59
C ILE A 70 0.19 8.70 0.14
N TYR A 71 0.85 8.87 1.28
CA TYR A 71 0.68 10.07 2.09
C TYR A 71 1.90 10.98 1.99
N ASN A 72 1.67 12.26 2.25
CA ASN A 72 2.74 13.24 2.19
C ASN A 72 3.62 13.09 3.44
N ASP A 73 3.08 13.55 4.57
CA ASP A 73 3.81 13.47 5.82
C ASP A 73 2.93 12.81 6.88
N GLU A 74 3.48 11.79 7.51
CA GLU A 74 2.76 11.06 8.54
C GLU A 74 2.09 12.03 9.51
N LYS A 75 2.65 13.23 9.58
CA LYS A 75 2.12 14.26 10.46
C LYS A 75 0.65 14.49 10.13
N ALA A 76 0.38 14.69 8.84
CA ALA A 76 -0.97 14.92 8.39
C ALA A 76 -1.78 13.62 8.49
N MET A 77 -1.23 12.57 7.90
CA MET A 77 -1.88 11.27 7.93
C MET A 77 -2.25 10.87 9.35
N ALA A 78 -1.30 11.08 10.25
CA ALA A 78 -1.52 10.74 11.65
C ALA A 78 -2.84 11.35 12.13
N THR A 79 -3.19 12.48 11.51
CA THR A 79 -4.41 13.17 11.85
C THR A 79 -5.51 12.84 10.85
N ILE A 80 -5.25 13.18 9.60
CA ILE A 80 -6.20 12.93 8.54
C ILE A 80 -6.75 11.51 8.68
N GLU A 81 -5.92 10.55 8.31
CA GLU A 81 -6.31 9.15 8.39
C GLU A 81 -6.74 8.81 9.81
N THR A 82 -7.20 7.57 9.97
CA THR A 82 -7.65 7.11 11.27
C THR A 82 -7.00 5.76 11.61
N LYS A 83 -7.30 5.27 12.80
CA LYS A 83 -6.75 4.01 13.25
C LYS A 83 -7.13 2.90 12.26
N SER A 84 -8.22 3.14 11.56
CA SER A 84 -8.71 2.18 10.57
C SER A 84 -7.68 2.03 9.44
N VAL A 85 -7.13 3.16 9.04
CA VAL A 85 -6.15 3.17 7.97
C VAL A 85 -4.79 2.72 8.53
N LEU A 86 -4.30 3.50 9.49
CA LEU A 86 -3.03 3.19 10.10
C LEU A 86 -3.00 1.72 10.51
N GLU A 87 -4.19 1.17 10.71
CA GLU A 87 -4.32 -0.22 11.10
C GLU A 87 -3.62 -1.13 10.07
N LYS A 88 -3.90 -0.86 8.80
CA LYS A 88 -3.30 -1.64 7.73
C LYS A 88 -1.78 -1.45 7.75
N ASN A 89 -1.37 -0.26 8.13
CA ASN A 89 0.05 0.06 8.19
C ASN A 89 0.69 -0.72 9.35
N LYS A 90 1.45 -1.74 8.98
CA LYS A 90 2.11 -2.58 9.96
C LYS A 90 2.72 -1.68 11.05
N ILE A 91 2.79 -2.24 12.24
CA ILE A 91 3.35 -1.51 13.38
C ILE A 91 4.69 -2.12 13.77
N GLU A 92 4.61 -3.18 14.56
CA GLU A 92 5.81 -3.87 15.02
C GLU A 92 5.43 -5.15 15.76
N GLU A 93 5.27 -5.01 17.08
CA GLU A 93 4.92 -6.14 17.91
C GLU A 93 3.49 -5.97 18.44
N GLU A 94 3.06 -6.97 19.20
CA GLU A 94 1.73 -6.95 19.79
C GLU A 94 1.73 -6.17 21.10
N ALA A 95 0.68 -6.37 21.88
CA ALA A 95 0.55 -5.69 23.15
C ALA A 95 -0.86 -5.92 23.71
N GLU A 96 -1.02 -7.02 24.42
CA GLU A 96 -2.31 -7.36 25.01
C GLU A 96 -2.99 -6.09 25.54
N ALA A 97 -2.34 -5.47 26.51
CA ALA A 97 -2.87 -4.26 27.12
C ALA A 97 -1.84 -3.67 28.06
N GLU A 98 -2.07 -2.43 28.46
CA GLU A 98 -1.17 -1.74 29.36
C GLU A 98 -1.83 -0.45 29.88
N VAL A 99 -2.22 0.40 28.94
CA VAL A 99 -2.85 1.65 29.29
C VAL A 99 -2.07 2.31 30.43
N ALA A 100 -1.27 3.31 30.06
CA ALA A 100 -0.47 4.02 31.05
C ALA A 100 -1.23 5.25 31.51
N GLU A 101 -1.37 6.21 30.61
CA GLU A 101 -2.07 7.45 30.91
C GLU A 101 -2.21 8.31 29.66
N GLU A 102 -3.01 9.35 29.78
CA GLU A 102 -3.24 10.26 28.67
C GLU A 102 -2.18 11.37 28.67
#